data_3IRM
#
_entry.id   3IRM
#
_cell.length_a   81.436
_cell.length_b   165.792
_cell.length_c   84.767
_cell.angle_alpha   90.000
_cell.angle_beta   113.395
_cell.angle_gamma   90.000
#
_symmetry.space_group_name_H-M   'P 1 21 1'
#
loop_
_entity.id
_entity.type
_entity.pdbx_description
1 polymer 'Bifunctional dihydrofolate reductase-thymidylate synthase'
2 non-polymer 1-(4-chlorophenyl)-6,6-dimethyl-1,6-dihydro-1,3,5-triazine-2,4-diamine
3 non-polymer 'PHOSPHATE ION'
4 non-polymer 'ACETATE ION'
5 water water
#
_entity_poly.entity_id   1
_entity_poly.type   'polypeptide(L)'
_entity_poly.pdbx_seq_one_letter_code
;MSLFKIRMPETVAEGTRLALRAFSLVVAVDEHGGIGDGRSIPWNVPEDMKFFRDLTTKLRGKNVKPSPAKRNAVVMGRKT
WDSIPPKFRPLPGRLNVVLSSTLTTQHLLDGLPDEEKRNLHADSIVAVNGGLEQALRLLASPNYTPSIETVYCIGGGSVY
AEALRPPCVHLLQAIYRTTIRASESSCSVFFRVPESGTEAAAGIEWQRETISEELTSANGNETKYYFEKLIPRNREEEQY
LSLVDRIIREGNVKHDRTGVGTLSIFGAQMRFSLRNNRLPLLTTKRVFWRGVCEELLWFLRGETYAKKLSDKGVHIWDDN
GSRAFLDSRGLTEYEEMDLGPVYGFQWRHFGAAYTHHDANYDGQGVDQIKAIVETLKTNPDDRRMLFTAWNPSALPRMAL
PPCHLLAQFYVSNGELSCMLYQRSCDMGLGVPFNIASYALLTILIAKATGLRPGELVHTLGDAHVYSNHVEPCNEQLKRV
PRAFPYLVFRREREFLEDYEEGDMEVIDYAPYPPISMKMAV
;
_entity_poly.pdbx_strand_id   A,B,C,D
#
# COMPACT_ATOMS: atom_id res chain seq x y z
N MET A 1 1.29 -43.12 -30.23
CA MET A 1 2.69 -42.84 -29.74
C MET A 1 2.83 -43.42 -28.32
N SER A 2 1.68 -43.61 -27.67
CA SER A 2 1.57 -44.14 -26.31
C SER A 2 2.68 -43.74 -25.34
N LEU A 3 3.81 -44.46 -25.32
CA LEU A 3 4.88 -44.07 -24.39
C LEU A 3 5.51 -42.72 -24.77
N PHE A 4 5.28 -42.26 -25.99
CA PHE A 4 5.81 -40.97 -26.40
C PHE A 4 4.82 -39.93 -25.89
N LYS A 5 3.59 -40.37 -25.69
CA LYS A 5 2.53 -39.49 -25.20
C LYS A 5 2.43 -39.58 -23.68
N ILE A 6 1.76 -38.61 -23.08
CA ILE A 6 1.58 -38.55 -21.63
C ILE A 6 0.22 -39.10 -21.23
N ARG A 7 0.22 -40.23 -20.54
CA ARG A 7 -1.02 -40.88 -20.11
C ARG A 7 -1.64 -40.16 -18.93
N MET A 8 -2.95 -39.93 -18.98
CA MET A 8 -3.65 -39.26 -17.90
C MET A 8 -3.99 -40.26 -16.80
N PRO A 9 -3.95 -39.82 -15.53
CA PRO A 9 -4.26 -40.69 -14.40
C PRO A 9 -5.76 -40.86 -14.21
N GLU A 10 -6.14 -41.88 -13.45
CA GLU A 10 -7.53 -42.18 -13.16
C GLU A 10 -8.27 -41.02 -12.50
N THR A 11 -7.53 -40.17 -11.78
CA THR A 11 -8.12 -39.02 -11.12
C THR A 11 -8.29 -37.84 -12.09
N VAL A 12 -7.92 -38.07 -13.34
CA VAL A 12 -7.99 -37.04 -14.38
C VAL A 12 -9.14 -36.03 -14.23
N ALA A 13 -10.35 -36.52 -13.98
CA ALA A 13 -11.50 -35.64 -13.82
C ALA A 13 -11.66 -35.15 -12.39
N GLU A 14 -11.40 -36.05 -11.44
CA GLU A 14 -11.51 -35.77 -10.01
C GLU A 14 -11.27 -34.33 -9.57
N GLY A 15 -10.04 -33.83 -9.71
CA GLY A 15 -9.73 -32.47 -9.29
C GLY A 15 -9.97 -31.37 -10.29
N THR A 16 -11.12 -31.40 -10.95
CA THR A 16 -11.47 -30.38 -11.94
C THR A 16 -12.99 -30.29 -12.06
N ARG A 17 -13.69 -31.29 -11.54
CA ARG A 17 -15.14 -31.32 -11.62
C ARG A 17 -15.71 -30.09 -10.92
N LEU A 18 -16.63 -29.41 -11.61
CA LEU A 18 -17.27 -28.22 -11.06
C LEU A 18 -18.12 -28.60 -9.85
N ALA A 19 -17.80 -28.03 -8.69
CA ALA A 19 -18.53 -28.34 -7.46
C ALA A 19 -19.83 -27.55 -7.33
N LEU A 20 -19.80 -26.28 -7.73
CA LEU A 20 -20.97 -25.41 -7.67
C LEU A 20 -20.92 -24.43 -8.85
N ARG A 21 -22.07 -24.21 -9.47
CA ARG A 21 -22.18 -23.30 -10.60
C ARG A 21 -22.32 -21.87 -10.11
N ALA A 22 -21.65 -20.94 -10.79
CA ALA A 22 -21.70 -19.52 -10.44
C ALA A 22 -23.13 -19.02 -10.66
N PHE A 23 -23.47 -17.88 -10.08
CA PHE A 23 -24.82 -17.36 -10.20
C PHE A 23 -24.93 -15.88 -9.85
N SER A 24 -26.03 -15.28 -10.27
CA SER A 24 -26.30 -13.88 -9.99
C SER A 24 -27.56 -13.82 -9.11
N LEU A 25 -27.74 -12.70 -8.43
CA LEU A 25 -28.86 -12.53 -7.52
C LEU A 25 -29.64 -11.28 -7.87
N VAL A 26 -30.96 -11.39 -7.90
CA VAL A 26 -31.80 -10.23 -8.21
C VAL A 26 -32.85 -10.12 -7.11
N VAL A 27 -32.98 -8.92 -6.55
CA VAL A 27 -33.89 -8.70 -5.44
C VAL A 27 -34.43 -7.28 -5.41
N ALA A 28 -35.57 -7.10 -4.73
CA ALA A 28 -36.16 -5.78 -4.57
C ALA A 28 -36.31 -5.57 -3.06
N VAL A 29 -35.87 -4.40 -2.57
CA VAL A 29 -35.96 -4.09 -1.15
C VAL A 29 -36.56 -2.70 -0.96
N ASP A 30 -36.98 -2.39 0.27
CA ASP A 30 -37.51 -1.06 0.54
C ASP A 30 -36.31 -0.25 1.05
N GLU A 31 -36.51 1.04 1.30
CA GLU A 31 -35.41 1.89 1.76
C GLU A 31 -34.66 1.40 3.00
N HIS A 32 -35.20 0.41 3.70
CA HIS A 32 -34.55 -0.10 4.91
C HIS A 32 -33.86 -1.43 4.71
N GLY A 33 -34.02 -2.02 3.53
CA GLY A 33 -33.41 -3.31 3.26
C GLY A 33 -34.38 -4.46 3.34
N GLY A 34 -35.56 -4.20 3.90
CA GLY A 34 -36.57 -5.24 4.02
C GLY A 34 -36.96 -5.75 2.64
N ILE A 35 -37.16 -7.05 2.54
CA ILE A 35 -37.55 -7.66 1.27
C ILE A 35 -39.03 -8.04 1.26
N GLY A 36 -39.56 -8.30 2.45
CA GLY A 36 -40.96 -8.67 2.59
C GLY A 36 -41.37 -8.76 4.04
N ASP A 37 -42.58 -8.27 4.33
CA ASP A 37 -43.12 -8.29 5.69
C ASP A 37 -43.04 -9.67 6.31
N GLY A 38 -42.74 -10.66 5.47
CA GLY A 38 -42.62 -12.02 5.92
C GLY A 38 -42.49 -12.97 4.74
N ARG A 39 -43.51 -12.97 3.88
CA ARG A 39 -43.51 -13.83 2.70
C ARG A 39 -44.19 -13.13 1.53
N SER A 40 -44.99 -12.11 1.83
CA SER A 40 -45.71 -11.34 0.81
C SER A 40 -44.88 -10.15 0.34
N ILE A 41 -45.40 -9.42 -0.64
CA ILE A 41 -44.71 -8.24 -1.18
C ILE A 41 -45.72 -7.16 -1.59
N PRO A 42 -46.15 -6.32 -0.63
CA PRO A 42 -47.10 -5.23 -0.85
C PRO A 42 -46.76 -4.17 -1.90
N TRP A 43 -45.64 -4.34 -2.60
CA TRP A 43 -45.27 -3.37 -3.64
C TRP A 43 -45.02 -4.00 -5.01
N ASN A 44 -45.87 -3.65 -5.97
CA ASN A 44 -45.76 -4.15 -7.33
C ASN A 44 -45.37 -3.03 -8.27
N VAL A 45 -44.11 -2.62 -8.20
CA VAL A 45 -43.59 -1.56 -9.06
C VAL A 45 -43.42 -2.13 -10.47
N PRO A 46 -44.31 -1.76 -11.40
CA PRO A 46 -44.25 -2.24 -12.79
C PRO A 46 -42.87 -2.26 -13.44
N GLU A 47 -42.13 -1.17 -13.31
CA GLU A 47 -40.81 -1.11 -13.94
C GLU A 47 -39.81 -2.13 -13.38
N ASP A 48 -39.94 -2.47 -12.09
CA ASP A 48 -39.05 -3.45 -11.49
C ASP A 48 -39.39 -4.83 -12.01
N MET A 49 -40.69 -5.10 -12.15
CA MET A 49 -41.15 -6.40 -12.64
C MET A 49 -40.63 -6.66 -14.04
N LYS A 50 -40.64 -5.63 -14.87
CA LYS A 50 -40.16 -5.74 -16.24
C LYS A 50 -38.64 -6.00 -16.25
N PHE A 51 -37.89 -5.22 -15.47
CA PHE A 51 -36.45 -5.39 -15.39
C PHE A 51 -36.13 -6.84 -15.05
N PHE A 52 -36.74 -7.34 -13.98
CA PHE A 52 -36.54 -8.72 -13.56
C PHE A 52 -36.79 -9.67 -14.71
N ARG A 53 -37.93 -9.49 -15.36
CA ARG A 53 -38.32 -10.31 -16.49
C ARG A 53 -37.25 -10.28 -17.59
N ASP A 54 -36.84 -9.08 -18.00
CA ASP A 54 -35.82 -8.94 -19.03
C ASP A 54 -34.46 -9.51 -18.61
N LEU A 55 -34.00 -9.13 -17.43
CA LEU A 55 -32.71 -9.57 -16.93
C LEU A 55 -32.56 -11.09 -16.84
N THR A 56 -33.54 -11.76 -16.26
CA THR A 56 -33.46 -13.21 -16.10
C THR A 56 -33.80 -14.05 -17.34
N THR A 57 -34.53 -13.45 -18.29
CA THR A 57 -34.94 -14.15 -19.50
C THR A 57 -33.91 -14.06 -20.64
N LYS A 58 -33.39 -12.85 -20.88
CA LYS A 58 -32.44 -12.65 -21.96
C LYS A 58 -31.09 -13.34 -21.85
N LEU A 59 -30.52 -13.65 -23.02
CA LEU A 59 -29.22 -14.29 -23.12
C LEU A 59 -28.24 -13.24 -23.64
N ARG A 60 -26.94 -13.56 -23.62
CA ARG A 60 -25.94 -12.62 -24.12
C ARG A 60 -25.98 -12.66 -25.64
N GLY A 61 -25.56 -11.58 -26.27
CA GLY A 61 -25.58 -11.54 -27.73
C GLY A 61 -27.02 -11.65 -28.18
N LYS A 62 -27.67 -10.50 -28.35
CA LYS A 62 -29.06 -10.44 -28.77
C LYS A 62 -29.34 -11.18 -30.07
N ASN A 63 -30.63 -11.43 -30.32
CA ASN A 63 -31.12 -12.15 -31.50
C ASN A 63 -31.12 -13.64 -31.22
N VAL A 64 -30.87 -14.00 -29.97
CA VAL A 64 -30.86 -15.39 -29.56
C VAL A 64 -31.95 -15.60 -28.50
N LYS A 65 -33.08 -16.16 -28.93
CA LYS A 65 -34.20 -16.41 -28.03
C LYS A 65 -33.94 -17.69 -27.22
N PRO A 66 -34.36 -17.70 -25.94
CA PRO A 66 -34.17 -18.86 -25.06
C PRO A 66 -34.76 -20.16 -25.61
N SER A 67 -34.10 -21.27 -25.33
CA SER A 67 -34.57 -22.58 -25.76
C SER A 67 -34.08 -23.61 -24.75
N PRO A 68 -34.57 -24.85 -24.85
CA PRO A 68 -34.12 -25.87 -23.89
C PRO A 68 -32.61 -26.15 -24.01
N ALA A 69 -32.02 -25.73 -25.12
CA ALA A 69 -30.59 -25.94 -25.35
C ALA A 69 -29.74 -24.76 -24.91
N LYS A 70 -30.38 -23.62 -24.68
CA LYS A 70 -29.69 -22.41 -24.23
C LYS A 70 -30.69 -21.46 -23.60
N ARG A 71 -30.68 -21.39 -22.27
CA ARG A 71 -31.59 -20.52 -21.53
C ARG A 71 -31.03 -20.27 -20.14
N ASN A 72 -31.63 -19.34 -19.40
CA ASN A 72 -31.16 -19.06 -18.05
C ASN A 72 -31.98 -19.88 -17.08
N ALA A 73 -31.60 -19.85 -15.82
CA ALA A 73 -32.34 -20.57 -14.80
C ALA A 73 -32.62 -19.63 -13.65
N VAL A 74 -33.75 -19.83 -12.99
CA VAL A 74 -34.09 -19.05 -11.82
C VAL A 74 -34.22 -20.07 -10.71
N VAL A 75 -33.62 -19.75 -9.57
CA VAL A 75 -33.64 -20.62 -8.40
C VAL A 75 -34.47 -19.89 -7.35
N MET A 76 -35.47 -20.56 -6.79
CA MET A 76 -36.31 -19.93 -5.79
C MET A 76 -36.73 -20.87 -4.67
N GLY A 77 -37.10 -20.29 -3.54
CA GLY A 77 -37.56 -21.08 -2.42
C GLY A 77 -38.99 -21.54 -2.71
N ARG A 78 -39.45 -22.57 -2.01
CA ARG A 78 -40.79 -23.09 -2.25
C ARG A 78 -41.89 -22.05 -2.05
N LYS A 79 -41.76 -21.24 -1.01
CA LYS A 79 -42.76 -20.23 -0.74
C LYS A 79 -42.83 -19.17 -1.84
N THR A 80 -41.70 -18.91 -2.50
CA THR A 80 -41.67 -17.96 -3.60
C THR A 80 -42.39 -18.55 -4.82
N TRP A 81 -42.16 -19.84 -5.07
CA TRP A 81 -42.82 -20.53 -6.17
C TRP A 81 -44.34 -20.50 -5.94
N ASP A 82 -44.74 -20.70 -4.69
CA ASP A 82 -46.16 -20.69 -4.34
C ASP A 82 -46.78 -19.31 -4.50
N SER A 83 -45.97 -18.26 -4.39
CA SER A 83 -46.47 -16.90 -4.52
C SER A 83 -46.80 -16.59 -5.98
N ILE A 84 -46.34 -17.44 -6.89
CA ILE A 84 -46.61 -17.23 -8.31
C ILE A 84 -47.98 -17.79 -8.64
N PRO A 85 -48.86 -16.98 -9.26
CA PRO A 85 -50.18 -17.52 -9.59
C PRO A 85 -50.04 -18.76 -10.48
N PRO A 86 -50.65 -19.88 -10.07
CA PRO A 86 -50.58 -21.13 -10.83
C PRO A 86 -50.66 -20.93 -12.34
N LYS A 87 -51.36 -19.89 -12.77
CA LYS A 87 -51.51 -19.60 -14.20
C LYS A 87 -50.24 -19.08 -14.87
N PHE A 88 -49.37 -18.42 -14.12
CA PHE A 88 -48.13 -17.91 -14.70
C PHE A 88 -46.94 -18.81 -14.35
N ARG A 89 -47.26 -19.97 -13.79
CA ARG A 89 -46.25 -20.96 -13.42
C ARG A 89 -46.09 -21.96 -14.55
N PRO A 90 -44.84 -22.21 -14.96
CA PRO A 90 -43.62 -21.60 -14.41
C PRO A 90 -43.29 -20.31 -15.16
N LEU A 91 -42.29 -19.57 -14.67
CA LEU A 91 -41.89 -18.34 -15.34
C LEU A 91 -41.34 -18.82 -16.69
N PRO A 92 -41.91 -18.33 -17.80
CA PRO A 92 -41.51 -18.71 -19.16
C PRO A 92 -40.11 -18.37 -19.65
N GLY A 93 -39.60 -19.21 -20.53
CA GLY A 93 -38.29 -19.01 -21.13
C GLY A 93 -37.11 -19.25 -20.20
N ARG A 94 -37.37 -19.86 -19.07
CA ARG A 94 -36.32 -20.13 -18.09
C ARG A 94 -36.56 -21.44 -17.36
N LEU A 95 -35.46 -22.09 -16.97
CA LEU A 95 -35.54 -23.32 -16.22
C LEU A 95 -35.89 -22.84 -14.81
N ASN A 96 -36.99 -23.36 -14.27
CA ASN A 96 -37.39 -22.97 -12.93
C ASN A 96 -36.92 -24.04 -11.96
N VAL A 97 -36.03 -23.66 -11.06
CA VAL A 97 -35.49 -24.59 -10.06
C VAL A 97 -36.10 -24.17 -8.72
N VAL A 98 -36.80 -25.10 -8.07
CA VAL A 98 -37.46 -24.80 -6.81
C VAL A 98 -36.90 -25.59 -5.65
N LEU A 99 -36.52 -24.87 -4.59
CA LEU A 99 -35.95 -25.49 -3.39
C LEU A 99 -37.10 -25.93 -2.48
N SER A 100 -37.16 -27.22 -2.18
CA SER A 100 -38.21 -27.74 -1.33
C SER A 100 -37.86 -29.06 -0.67
N SER A 101 -38.16 -29.17 0.63
CA SER A 101 -37.88 -30.41 1.35
C SER A 101 -39.14 -31.27 1.43
N THR A 102 -40.24 -30.80 0.84
CA THR A 102 -41.48 -31.56 0.88
C THR A 102 -42.08 -31.85 -0.50
N LEU A 103 -41.70 -31.06 -1.49
CA LEU A 103 -42.23 -31.25 -2.82
C LEU A 103 -41.20 -31.74 -3.84
N THR A 104 -41.55 -32.82 -4.54
CA THR A 104 -40.69 -33.41 -5.58
C THR A 104 -41.02 -32.67 -6.86
N THR A 105 -40.28 -32.97 -7.93
CA THR A 105 -40.53 -32.32 -9.21
C THR A 105 -41.96 -32.66 -9.67
N GLN A 106 -42.34 -33.93 -9.53
CA GLN A 106 -43.67 -34.35 -9.93
C GLN A 106 -44.72 -33.57 -9.17
N HIS A 107 -44.52 -33.39 -7.87
CA HIS A 107 -45.46 -32.63 -7.04
C HIS A 107 -45.62 -31.21 -7.57
N LEU A 108 -44.53 -30.61 -8.04
CA LEU A 108 -44.57 -29.26 -8.58
C LEU A 108 -45.43 -29.27 -9.84
N LEU A 109 -45.29 -30.33 -10.64
CA LEU A 109 -46.07 -30.46 -11.86
C LEU A 109 -47.56 -30.61 -11.51
N ASP A 110 -47.87 -31.52 -10.57
CA ASP A 110 -49.25 -31.75 -10.15
C ASP A 110 -49.96 -30.46 -9.79
N GLY A 111 -49.18 -29.47 -9.36
CA GLY A 111 -49.74 -28.18 -8.97
C GLY A 111 -50.13 -27.28 -10.12
N LEU A 112 -49.70 -27.62 -11.33
CA LEU A 112 -50.07 -26.81 -12.49
C LEU A 112 -51.55 -27.12 -12.74
N PRO A 113 -52.31 -26.14 -13.23
CA PRO A 113 -53.75 -26.27 -13.50
C PRO A 113 -54.22 -27.52 -14.26
N ASP A 114 -53.56 -27.87 -15.36
CA ASP A 114 -54.00 -29.02 -16.15
C ASP A 114 -52.86 -29.88 -16.66
N GLU A 115 -53.21 -30.99 -17.29
CA GLU A 115 -52.25 -31.94 -17.86
C GLU A 115 -51.46 -31.37 -19.03
N GLU A 116 -52.15 -30.75 -19.97
CA GLU A 116 -51.49 -30.16 -21.13
C GLU A 116 -50.34 -29.27 -20.69
N LYS A 117 -50.60 -28.46 -19.66
CA LYS A 117 -49.60 -27.54 -19.13
C LYS A 117 -48.43 -28.32 -18.52
N ARG A 118 -48.74 -29.43 -17.87
CA ARG A 118 -47.71 -30.25 -17.25
C ARG A 118 -46.77 -30.91 -18.26
N ASN A 119 -47.32 -31.34 -19.39
CA ASN A 119 -46.48 -31.97 -20.41
C ASN A 119 -45.66 -30.92 -21.12
N LEU A 120 -46.27 -29.75 -21.36
CA LEU A 120 -45.58 -28.66 -22.03
C LEU A 120 -44.47 -28.02 -21.20
N HIS A 121 -44.53 -28.16 -19.88
CA HIS A 121 -43.52 -27.55 -19.00
C HIS A 121 -42.69 -28.54 -18.19
N ALA A 122 -42.91 -29.82 -18.39
CA ALA A 122 -42.19 -30.85 -17.66
C ALA A 122 -40.67 -30.65 -17.69
N ASP A 123 -40.15 -30.13 -18.80
CA ASP A 123 -38.71 -29.92 -18.92
C ASP A 123 -38.20 -28.58 -18.37
N SER A 124 -39.12 -27.69 -17.99
CA SER A 124 -38.73 -26.39 -17.47
C SER A 124 -38.88 -26.26 -15.97
N ILE A 125 -39.16 -27.38 -15.30
CA ILE A 125 -39.35 -27.36 -13.86
C ILE A 125 -38.57 -28.47 -13.16
N VAL A 126 -37.86 -28.10 -12.10
CA VAL A 126 -37.11 -29.09 -11.34
C VAL A 126 -37.00 -28.67 -9.89
N ALA A 127 -37.30 -29.62 -9.00
CA ALA A 127 -37.23 -29.37 -7.56
C ALA A 127 -35.93 -29.96 -7.04
N VAL A 128 -35.37 -29.35 -6.00
CA VAL A 128 -34.15 -29.88 -5.40
C VAL A 128 -34.36 -29.96 -3.89
N ASN A 129 -34.17 -31.14 -3.36
CA ASN A 129 -34.35 -31.38 -1.94
C ASN A 129 -33.17 -30.85 -1.15
N GLY A 130 -33.14 -29.53 -0.96
CA GLY A 130 -32.08 -28.89 -0.22
C GLY A 130 -32.11 -27.37 -0.35
N GLY A 131 -31.00 -26.73 0.00
CA GLY A 131 -30.92 -25.28 -0.10
C GLY A 131 -30.26 -24.83 -1.40
N LEU A 132 -29.94 -23.55 -1.49
CA LEU A 132 -29.31 -23.00 -2.69
C LEU A 132 -28.06 -23.78 -3.07
N GLU A 133 -27.25 -24.14 -2.07
CA GLU A 133 -26.01 -24.88 -2.35
C GLU A 133 -26.26 -26.17 -3.11
N GLN A 134 -27.28 -26.93 -2.72
CA GLN A 134 -27.58 -28.17 -3.43
C GLN A 134 -28.04 -27.86 -4.86
N ALA A 135 -28.70 -26.73 -5.04
CA ALA A 135 -29.17 -26.33 -6.37
C ALA A 135 -28.00 -25.97 -7.27
N LEU A 136 -27.02 -25.25 -6.73
CA LEU A 136 -25.84 -24.84 -7.49
C LEU A 136 -25.01 -26.06 -7.86
N ARG A 137 -25.09 -27.07 -7.01
CA ARG A 137 -24.37 -28.31 -7.22
C ARG A 137 -25.00 -29.07 -8.37
N LEU A 138 -26.33 -29.13 -8.37
CA LEU A 138 -27.07 -29.80 -9.43
C LEU A 138 -26.86 -29.07 -10.74
N LEU A 139 -26.86 -27.74 -10.69
CA LEU A 139 -26.70 -26.93 -11.88
C LEU A 139 -25.31 -27.04 -12.50
N ALA A 140 -24.35 -27.58 -11.72
CA ALA A 140 -22.98 -27.78 -12.18
C ALA A 140 -22.85 -29.09 -12.96
N SER A 141 -23.91 -29.91 -12.96
CA SER A 141 -23.93 -31.18 -13.68
C SER A 141 -23.91 -31.03 -15.20
N PRO A 142 -23.44 -32.06 -15.91
CA PRO A 142 -23.35 -32.06 -17.38
C PRO A 142 -24.68 -31.72 -18.05
N ASN A 143 -25.79 -32.12 -17.44
CA ASN A 143 -27.10 -31.83 -18.01
C ASN A 143 -27.44 -30.34 -18.03
N TYR A 144 -26.90 -29.60 -17.07
CA TYR A 144 -27.19 -28.17 -16.95
C TYR A 144 -26.03 -27.22 -17.28
N THR A 145 -24.80 -27.70 -17.22
CA THR A 145 -23.65 -26.86 -17.55
C THR A 145 -23.03 -27.48 -18.79
N PRO A 146 -22.76 -26.68 -19.83
CA PRO A 146 -22.96 -25.24 -20.05
C PRO A 146 -24.34 -24.84 -20.56
N SER A 147 -25.22 -25.83 -20.70
CA SER A 147 -26.59 -25.61 -21.19
C SER A 147 -27.21 -24.33 -20.62
N ILE A 148 -27.17 -24.20 -19.30
CA ILE A 148 -27.73 -23.02 -18.62
C ILE A 148 -26.70 -21.90 -18.71
N GLU A 149 -27.04 -20.79 -19.36
CA GLU A 149 -26.10 -19.68 -19.51
C GLU A 149 -25.86 -18.95 -18.19
N THR A 150 -26.92 -18.42 -17.59
CA THR A 150 -26.79 -17.73 -16.30
C THR A 150 -27.81 -18.23 -15.28
N VAL A 151 -27.35 -18.46 -14.07
CA VAL A 151 -28.21 -18.91 -12.98
C VAL A 151 -28.56 -17.67 -12.15
N TYR A 152 -29.85 -17.46 -11.90
CA TYR A 152 -30.30 -16.32 -11.10
C TYR A 152 -31.05 -16.76 -9.86
N CYS A 153 -30.54 -16.37 -8.69
CA CYS A 153 -31.20 -16.66 -7.42
C CYS A 153 -32.25 -15.55 -7.39
N ILE A 154 -33.53 -15.91 -7.30
CA ILE A 154 -34.58 -14.88 -7.34
C ILE A 154 -35.43 -14.65 -6.12
N GLY A 155 -35.10 -15.22 -4.98
CA GLY A 155 -35.97 -14.90 -3.89
C GLY A 155 -36.20 -15.88 -2.78
N GLY A 156 -36.47 -15.28 -1.63
CA GLY A 156 -36.69 -15.99 -0.41
C GLY A 156 -35.62 -15.46 0.51
N GLY A 157 -36.02 -14.84 1.62
CA GLY A 157 -35.05 -14.33 2.56
C GLY A 157 -34.08 -15.44 2.89
N SER A 158 -34.59 -16.66 2.96
CA SER A 158 -33.79 -17.84 3.28
C SER A 158 -32.77 -18.16 2.18
N VAL A 159 -33.16 -17.95 0.93
CA VAL A 159 -32.25 -18.24 -0.17
C VAL A 159 -31.22 -17.13 -0.32
N TYR A 160 -31.63 -15.89 -0.05
CA TYR A 160 -30.70 -14.77 -0.13
C TYR A 160 -29.62 -14.90 0.92
N ALA A 161 -30.03 -15.25 2.13
CA ALA A 161 -29.10 -15.39 3.25
C ALA A 161 -28.03 -16.43 2.92
N GLU A 162 -28.46 -17.55 2.35
CA GLU A 162 -27.50 -18.62 2.00
C GLU A 162 -26.62 -18.16 0.86
N ALA A 163 -27.17 -17.35 -0.05
CA ALA A 163 -26.40 -16.85 -1.18
C ALA A 163 -25.32 -15.87 -0.73
N LEU A 164 -25.60 -15.16 0.36
CA LEU A 164 -24.67 -14.16 0.85
C LEU A 164 -23.63 -14.61 1.87
N ARG A 165 -23.52 -15.91 2.09
CA ARG A 165 -22.53 -16.45 3.03
C ARG A 165 -21.78 -17.60 2.36
N PRO A 166 -20.60 -17.94 2.90
CA PRO A 166 -19.82 -19.04 2.32
C PRO A 166 -20.58 -20.35 2.49
N PRO A 167 -20.42 -21.30 1.54
CA PRO A 167 -19.58 -21.21 0.34
C PRO A 167 -20.21 -20.55 -0.90
N CYS A 168 -21.54 -20.45 -0.92
CA CYS A 168 -22.23 -19.89 -2.08
C CYS A 168 -21.84 -18.48 -2.50
N VAL A 169 -21.56 -17.62 -1.54
CA VAL A 169 -21.22 -16.25 -1.89
C VAL A 169 -19.96 -16.15 -2.78
N HIS A 170 -19.09 -17.15 -2.75
CA HIS A 170 -17.89 -17.11 -3.59
C HIS A 170 -18.20 -17.42 -5.03
N LEU A 171 -19.44 -17.82 -5.29
CA LEU A 171 -19.86 -18.12 -6.65
C LEU A 171 -20.83 -17.08 -7.18
N LEU A 172 -21.13 -16.09 -6.34
CA LEU A 172 -22.05 -15.01 -6.71
C LEU A 172 -21.30 -14.00 -7.58
N GLN A 173 -21.67 -13.94 -8.86
CA GLN A 173 -21.01 -13.05 -9.82
C GLN A 173 -21.51 -11.60 -9.81
N ALA A 174 -22.75 -11.40 -9.37
CA ALA A 174 -23.31 -10.06 -9.35
C ALA A 174 -24.63 -10.01 -8.61
N ILE A 175 -24.90 -8.85 -8.01
CA ILE A 175 -26.14 -8.62 -7.29
C ILE A 175 -26.87 -7.47 -7.99
N TYR A 176 -28.12 -7.71 -8.36
CA TYR A 176 -28.94 -6.68 -9.00
C TYR A 176 -30.01 -6.32 -7.98
N ARG A 177 -29.84 -5.18 -7.33
CA ARG A 177 -30.79 -4.77 -6.32
C ARG A 177 -31.61 -3.56 -6.74
N THR A 178 -32.92 -3.67 -6.54
CA THR A 178 -33.85 -2.59 -6.84
C THR A 178 -34.31 -2.06 -5.49
N THR A 179 -34.16 -0.76 -5.27
CA THR A 179 -34.58 -0.15 -4.02
C THR A 179 -35.83 0.71 -4.29
N ILE A 180 -36.88 0.46 -3.51
CA ILE A 180 -38.14 1.17 -3.67
C ILE A 180 -38.49 1.96 -2.41
N ARG A 181 -38.93 3.20 -2.58
CA ARG A 181 -39.30 4.00 -1.43
C ARG A 181 -40.70 3.59 -0.97
N ALA A 182 -40.78 2.52 -0.18
CA ALA A 182 -42.06 2.02 0.32
C ALA A 182 -42.54 2.91 1.46
N SER A 183 -43.83 3.19 1.48
CA SER A 183 -44.41 4.04 2.52
C SER A 183 -44.96 3.20 3.68
N GLU A 184 -44.35 3.36 4.86
CA GLU A 184 -44.76 2.63 6.07
C GLU A 184 -44.73 1.11 5.92
N SER A 185 -44.08 0.60 4.88
CA SER A 185 -44.01 -0.84 4.68
C SER A 185 -42.88 -1.50 5.47
N SER A 186 -43.05 -1.57 6.77
CA SER A 186 -42.06 -2.19 7.66
C SER A 186 -42.16 -3.70 7.56
N CYS A 187 -41.09 -4.33 7.10
CA CYS A 187 -41.06 -5.78 6.94
C CYS A 187 -40.38 -6.44 8.15
N SER A 188 -39.74 -7.57 7.90
CA SER A 188 -39.04 -8.29 8.97
C SER A 188 -37.68 -8.79 8.49
N VAL A 189 -37.65 -9.41 7.32
CA VAL A 189 -36.41 -9.93 6.75
C VAL A 189 -35.65 -8.82 6.01
N PHE A 190 -34.38 -8.65 6.34
CA PHE A 190 -33.56 -7.62 5.70
C PHE A 190 -32.44 -8.15 4.81
N PHE A 191 -32.37 -7.60 3.61
CA PHE A 191 -31.33 -7.97 2.66
C PHE A 191 -30.16 -7.00 2.83
N ARG A 192 -29.02 -7.51 3.25
CA ARG A 192 -27.87 -6.63 3.41
C ARG A 192 -26.60 -7.23 2.82
N VAL A 193 -25.93 -6.43 2.00
CA VAL A 193 -24.69 -6.85 1.37
C VAL A 193 -23.57 -6.66 2.40
N PRO A 194 -22.79 -7.72 2.67
CA PRO A 194 -21.70 -7.64 3.64
C PRO A 194 -20.73 -6.51 3.31
N GLU A 195 -20.36 -5.75 4.34
CA GLU A 195 -19.45 -4.62 4.18
C GLU A 195 -18.02 -5.09 3.96
N SER A 196 -17.24 -4.28 3.24
CA SER A 196 -15.84 -4.61 2.98
C SER A 196 -15.05 -4.63 4.29
N GLY A 197 -14.20 -5.65 4.44
CA GLY A 197 -13.37 -5.77 5.65
C GLY A 197 -14.02 -6.49 6.82
N THR A 198 -15.32 -6.76 6.74
CA THR A 198 -16.00 -7.47 7.83
C THR A 198 -15.88 -8.98 7.68
N GLU A 199 -16.00 -9.70 8.80
CA GLU A 199 -15.90 -11.15 8.78
C GLU A 199 -16.97 -11.73 7.86
N ALA A 200 -18.16 -11.11 7.89
CA ALA A 200 -19.29 -11.54 7.08
C ALA A 200 -19.01 -11.53 5.58
N ALA A 201 -18.24 -10.54 5.12
CA ALA A 201 -17.92 -10.42 3.69
C ALA A 201 -16.99 -11.52 3.18
N ALA A 202 -16.32 -12.21 4.10
CA ALA A 202 -15.42 -13.30 3.74
C ALA A 202 -14.33 -12.91 2.71
N GLY A 203 -13.76 -11.73 2.85
CA GLY A 203 -12.71 -11.32 1.92
C GLY A 203 -13.20 -10.70 0.63
N ILE A 204 -14.50 -10.72 0.41
CA ILE A 204 -15.06 -10.14 -0.81
C ILE A 204 -15.32 -8.66 -0.59
N GLU A 205 -15.08 -7.86 -1.62
CA GLU A 205 -15.31 -6.43 -1.54
C GLU A 205 -16.37 -6.04 -2.58
N TRP A 206 -17.61 -5.93 -2.12
CA TRP A 206 -18.71 -5.58 -3.01
C TRP A 206 -18.70 -4.11 -3.38
N GLN A 207 -18.83 -3.84 -4.67
CA GLN A 207 -18.84 -2.47 -5.16
C GLN A 207 -19.88 -2.30 -6.26
N ARG A 208 -20.33 -1.08 -6.45
CA ARG A 208 -21.32 -0.79 -7.47
C ARG A 208 -20.69 -0.69 -8.86
N GLU A 209 -21.18 -1.49 -9.81
CA GLU A 209 -20.69 -1.39 -11.17
C GLU A 209 -21.50 -0.23 -11.72
N THR A 210 -22.80 -0.26 -11.41
CA THR A 210 -23.72 0.78 -11.86
C THR A 210 -24.80 1.11 -10.83
N ILE A 211 -25.36 2.30 -10.99
CA ILE A 211 -26.47 2.75 -10.17
C ILE A 211 -27.26 3.74 -11.02
N SER A 212 -28.56 3.51 -11.12
CA SER A 212 -29.41 4.37 -11.93
C SER A 212 -29.71 5.65 -11.18
N GLU A 213 -30.32 6.60 -11.88
CA GLU A 213 -30.72 7.86 -11.29
C GLU A 213 -32.01 7.48 -10.57
N GLU A 214 -32.49 8.32 -9.66
CA GLU A 214 -33.73 8.02 -8.97
C GLU A 214 -34.85 8.12 -10.01
N LEU A 215 -35.69 7.10 -10.06
CA LEU A 215 -36.77 7.08 -11.05
C LEU A 215 -38.14 7.14 -10.38
N THR A 216 -39.16 7.47 -11.16
CA THR A 216 -40.52 7.56 -10.65
C THR A 216 -41.39 6.53 -11.38
N SER A 217 -42.00 5.64 -10.61
CA SER A 217 -42.87 4.59 -11.16
C SER A 217 -44.16 5.16 -11.70
N ALA A 218 -44.62 4.62 -12.82
CA ALA A 218 -45.84 5.07 -13.45
C ALA A 218 -47.09 4.54 -12.76
N ASN A 219 -46.89 3.66 -11.78
CA ASN A 219 -48.03 3.08 -11.05
C ASN A 219 -48.96 4.13 -10.43
N GLY A 220 -49.72 3.71 -9.42
CA GLY A 220 -50.66 4.61 -8.78
C GLY A 220 -50.10 5.61 -7.78
N ASN A 221 -49.07 5.22 -7.03
CA ASN A 221 -48.52 6.13 -6.03
C ASN A 221 -47.23 6.84 -6.46
N GLU A 222 -46.88 6.74 -7.74
CA GLU A 222 -45.67 7.36 -8.26
C GLU A 222 -44.45 7.02 -7.40
N THR A 223 -44.38 5.77 -6.97
CA THR A 223 -43.28 5.30 -6.13
C THR A 223 -41.89 5.55 -6.71
N LYS A 224 -41.01 6.10 -5.87
CA LYS A 224 -39.64 6.38 -6.27
C LYS A 224 -38.81 5.12 -6.08
N TYR A 225 -37.92 4.86 -7.04
CA TYR A 225 -37.09 3.67 -6.97
C TYR A 225 -35.85 3.87 -7.83
N TYR A 226 -34.90 2.95 -7.69
CA TYR A 226 -33.67 2.99 -8.46
C TYR A 226 -33.06 1.60 -8.50
N PHE A 227 -32.10 1.41 -9.40
CA PHE A 227 -31.42 0.12 -9.56
C PHE A 227 -29.93 0.23 -9.27
N GLU A 228 -29.34 -0.90 -8.92
CA GLU A 228 -27.90 -1.00 -8.66
C GLU A 228 -27.43 -2.35 -9.12
N LYS A 229 -26.21 -2.40 -9.63
CA LYS A 229 -25.62 -3.67 -10.00
C LYS A 229 -24.33 -3.71 -9.19
N LEU A 230 -24.23 -4.70 -8.31
CA LEU A 230 -23.06 -4.84 -7.45
C LEU A 230 -22.27 -6.05 -7.90
N ILE A 231 -20.95 -5.95 -7.86
CA ILE A 231 -20.07 -7.03 -8.26
C ILE A 231 -18.91 -7.16 -7.29
N PRO A 232 -18.34 -8.36 -7.16
CA PRO A 232 -17.21 -8.62 -6.26
C PRO A 232 -15.93 -8.07 -6.88
N ARG A 233 -15.33 -7.07 -6.22
CA ARG A 233 -14.13 -6.46 -6.76
C ARG A 233 -13.10 -7.48 -7.22
N ASN A 234 -12.62 -7.30 -8.43
CA ASN A 234 -11.64 -8.20 -9.01
C ASN A 234 -10.24 -7.57 -8.97
N ARG A 235 -9.55 -7.75 -7.84
CA ARG A 235 -8.21 -7.21 -7.66
C ARG A 235 -7.22 -7.81 -8.65
N GLU A 236 -7.43 -9.05 -9.07
CA GLU A 236 -6.51 -9.68 -10.00
C GLU A 236 -6.50 -8.99 -11.37
N GLU A 237 -7.68 -8.67 -11.91
CA GLU A 237 -7.71 -7.98 -13.19
C GLU A 237 -7.23 -6.54 -13.02
N GLU A 238 -7.39 -6.00 -11.82
CA GLU A 238 -6.94 -4.63 -11.57
C GLU A 238 -5.40 -4.57 -11.63
N GLN A 239 -4.74 -5.69 -11.40
CA GLN A 239 -3.27 -5.74 -11.49
C GLN A 239 -2.90 -5.32 -12.91
N TYR A 240 -3.54 -5.98 -13.87
CA TYR A 240 -3.31 -5.75 -15.29
C TYR A 240 -3.64 -4.31 -15.69
N LEU A 241 -4.80 -3.81 -15.26
CA LEU A 241 -5.22 -2.46 -15.60
C LEU A 241 -4.30 -1.42 -14.97
N SER A 242 -3.89 -1.65 -13.73
CA SER A 242 -2.97 -0.71 -13.06
C SER A 242 -1.64 -0.66 -13.81
N LEU A 243 -1.17 -1.82 -14.27
CA LEU A 243 0.10 -1.85 -15.01
C LEU A 243 -0.04 -1.10 -16.34
N VAL A 244 -1.14 -1.36 -17.04
CA VAL A 244 -1.38 -0.69 -18.32
C VAL A 244 -1.37 0.83 -18.13
N ASP A 245 -2.08 1.27 -17.10
CA ASP A 245 -2.18 2.69 -16.78
C ASP A 245 -0.82 3.29 -16.49
N ARG A 246 -0.01 2.59 -15.69
CA ARG A 246 1.31 3.06 -15.33
C ARG A 246 2.23 3.15 -16.54
N ILE A 247 2.03 2.26 -17.51
CA ILE A 247 2.85 2.26 -18.72
C ILE A 247 2.50 3.47 -19.59
N ILE A 248 1.22 3.80 -19.68
CA ILE A 248 0.80 4.93 -20.48
C ILE A 248 1.21 6.25 -19.85
N ARG A 249 1.07 6.35 -18.54
CA ARG A 249 1.42 7.58 -17.83
C ARG A 249 2.92 7.75 -17.62
N GLU A 250 3.64 6.66 -17.42
CA GLU A 250 5.08 6.76 -17.15
C GLU A 250 6.03 5.93 -18.00
N GLY A 251 5.50 5.10 -18.89
CA GLY A 251 6.39 4.29 -19.72
C GLY A 251 7.31 5.11 -20.62
N ASN A 252 8.34 4.47 -21.15
CA ASN A 252 9.29 5.11 -22.04
C ASN A 252 8.81 4.93 -23.47
N VAL A 253 8.78 6.01 -24.25
CA VAL A 253 8.36 5.92 -25.63
C VAL A 253 9.53 5.44 -26.49
N LYS A 254 9.25 4.52 -27.40
CA LYS A 254 10.26 3.99 -28.31
C LYS A 254 9.65 3.73 -29.68
N HIS A 255 10.46 3.87 -30.73
CA HIS A 255 10.04 3.62 -32.10
C HIS A 255 11.10 2.72 -32.72
N ASP A 256 10.69 1.59 -33.31
CA ASP A 256 11.66 0.69 -33.93
C ASP A 256 12.03 1.12 -35.34
N ARG A 257 12.71 0.23 -36.05
CA ARG A 257 13.15 0.47 -37.41
C ARG A 257 11.98 0.62 -38.40
N THR A 258 10.85 0.01 -38.07
CA THR A 258 9.66 0.09 -38.91
C THR A 258 8.90 1.39 -38.64
N GLY A 259 9.18 2.01 -37.49
CA GLY A 259 8.49 3.24 -37.13
C GLY A 259 7.35 2.90 -36.17
N VAL A 260 7.32 1.64 -35.74
CA VAL A 260 6.30 1.17 -34.79
C VAL A 260 6.62 1.73 -33.40
N GLY A 261 5.70 2.51 -32.84
CA GLY A 261 5.93 3.08 -31.54
C GLY A 261 5.34 2.31 -30.37
N THR A 262 5.99 2.40 -29.22
CA THR A 262 5.50 1.73 -28.02
C THR A 262 5.90 2.52 -26.76
N LEU A 263 5.15 2.29 -25.69
CA LEU A 263 5.47 2.90 -24.41
C LEU A 263 5.79 1.67 -23.59
N SER A 264 6.87 1.72 -22.81
CA SER A 264 7.22 0.54 -22.04
C SER A 264 7.86 0.77 -20.69
N ILE A 265 7.75 -0.24 -19.84
CA ILE A 265 8.36 -0.24 -18.52
C ILE A 265 9.05 -1.61 -18.48
N PHE A 266 9.98 -1.81 -17.57
CA PHE A 266 10.69 -3.08 -17.51
C PHE A 266 10.58 -3.78 -16.17
N GLY A 267 10.12 -5.04 -16.21
CA GLY A 267 10.00 -5.82 -15.00
C GLY A 267 8.73 -5.67 -14.19
N ALA A 268 7.84 -6.65 -14.28
CA ALA A 268 6.59 -6.60 -13.52
C ALA A 268 6.17 -8.03 -13.19
N GLN A 269 5.16 -8.16 -12.34
CA GLN A 269 4.69 -9.49 -11.94
C GLN A 269 3.23 -9.44 -11.49
N MET A 270 2.46 -10.44 -11.89
CA MET A 270 1.04 -10.53 -11.53
C MET A 270 0.70 -11.96 -11.08
N ARG A 271 -0.36 -12.07 -10.28
CA ARG A 271 -0.83 -13.37 -9.77
C ARG A 271 -2.30 -13.60 -10.11
N PHE A 272 -2.65 -14.84 -10.44
CA PHE A 272 -4.03 -15.20 -10.76
C PHE A 272 -4.37 -16.56 -10.17
N SER A 273 -5.49 -16.61 -9.44
CA SER A 273 -5.93 -17.87 -8.85
C SER A 273 -6.60 -18.75 -9.89
N LEU A 274 -6.36 -20.06 -9.80
CA LEU A 274 -6.94 -21.03 -10.72
C LEU A 274 -7.75 -22.02 -9.89
N ARG A 275 -7.91 -21.73 -8.61
CA ARG A 275 -8.64 -22.62 -7.70
C ARG A 275 -10.14 -22.75 -7.98
N ASN A 276 -10.66 -23.96 -7.78
CA ASN A 276 -12.08 -24.23 -7.98
C ASN A 276 -12.62 -23.83 -9.35
N ASN A 277 -11.89 -24.22 -10.40
CA ASN A 277 -12.29 -23.96 -11.77
C ASN A 277 -12.22 -22.51 -12.29
N ARG A 278 -11.68 -21.58 -11.50
CA ARG A 278 -11.61 -20.19 -11.96
C ARG A 278 -10.62 -20.03 -13.12
N LEU A 279 -11.04 -19.32 -14.16
CA LEU A 279 -10.21 -19.10 -15.34
C LEU A 279 -10.03 -17.59 -15.50
N PRO A 280 -8.80 -17.10 -15.37
CA PRO A 280 -8.53 -15.67 -15.49
C PRO A 280 -8.57 -15.05 -16.89
N LEU A 281 -9.76 -15.06 -17.50
CA LEU A 281 -9.95 -14.45 -18.81
C LEU A 281 -10.43 -13.04 -18.49
N LEU A 282 -9.67 -12.04 -18.92
CA LEU A 282 -10.04 -10.66 -18.62
C LEU A 282 -11.43 -10.27 -19.10
N THR A 283 -12.14 -9.54 -18.25
CA THR A 283 -13.49 -9.11 -18.55
C THR A 283 -13.60 -7.72 -19.18
N THR A 284 -12.63 -6.84 -18.98
CA THR A 284 -12.74 -5.50 -19.54
C THR A 284 -12.51 -5.46 -21.05
N LYS A 285 -12.15 -6.61 -21.60
CA LYS A 285 -11.93 -6.74 -23.03
C LYS A 285 -11.97 -8.23 -23.32
N ARG A 286 -12.93 -8.67 -24.15
CA ARG A 286 -13.09 -10.08 -24.47
C ARG A 286 -11.80 -10.68 -25.02
N VAL A 287 -11.44 -11.86 -24.52
CA VAL A 287 -10.23 -12.56 -24.96
C VAL A 287 -10.66 -13.68 -25.92
N PHE A 288 -9.85 -13.92 -26.95
CA PHE A 288 -10.10 -14.94 -27.96
C PHE A 288 -9.79 -16.33 -27.39
N TRP A 289 -10.64 -16.83 -26.50
CA TRP A 289 -10.40 -18.13 -25.88
C TRP A 289 -10.21 -19.33 -26.80
N ARG A 290 -10.99 -19.41 -27.88
CA ARG A 290 -10.85 -20.54 -28.80
C ARG A 290 -9.47 -20.55 -29.41
N GLY A 291 -8.92 -19.37 -29.63
CA GLY A 291 -7.59 -19.29 -30.22
C GLY A 291 -6.53 -19.66 -29.18
N VAL A 292 -6.74 -19.19 -27.96
CA VAL A 292 -5.84 -19.49 -26.85
C VAL A 292 -5.76 -21.00 -26.68
N CYS A 293 -6.93 -21.62 -26.60
CA CYS A 293 -7.04 -23.05 -26.40
C CYS A 293 -6.45 -23.90 -27.54
N GLU A 294 -6.78 -23.56 -28.78
CA GLU A 294 -6.26 -24.33 -29.92
C GLU A 294 -4.73 -24.25 -29.98
N GLU A 295 -4.18 -23.05 -29.76
CA GLU A 295 -2.74 -22.88 -29.82
C GLU A 295 -2.02 -23.60 -28.68
N LEU A 296 -2.56 -23.50 -27.47
CA LEU A 296 -1.95 -24.16 -26.31
C LEU A 296 -1.86 -25.67 -26.55
N LEU A 297 -2.95 -26.24 -27.06
CA LEU A 297 -3.01 -27.68 -27.35
C LEU A 297 -1.98 -27.98 -28.43
N TRP A 298 -1.85 -27.06 -29.37
CA TRP A 298 -0.91 -27.16 -30.48
C TRP A 298 0.51 -27.16 -29.88
N PHE A 299 0.76 -26.28 -28.90
CA PHE A 299 2.08 -26.24 -28.27
C PHE A 299 2.39 -27.59 -27.60
N LEU A 300 1.47 -28.03 -26.74
CA LEU A 300 1.64 -29.28 -25.99
C LEU A 300 1.94 -30.51 -26.85
N ARG A 301 1.30 -30.60 -28.02
CA ARG A 301 1.55 -31.72 -28.93
C ARG A 301 2.91 -31.56 -29.61
N GLY A 302 3.57 -30.42 -29.36
CA GLY A 302 4.88 -30.18 -29.96
C GLY A 302 4.82 -29.87 -31.45
N GLU A 303 3.75 -29.21 -31.88
CA GLU A 303 3.55 -28.87 -33.29
C GLU A 303 4.41 -27.67 -33.72
N THR A 304 4.65 -27.58 -35.03
CA THR A 304 5.45 -26.50 -35.60
C THR A 304 4.83 -26.00 -36.89
N TYR A 305 3.78 -26.68 -37.34
CA TYR A 305 3.09 -26.32 -38.57
C TYR A 305 1.85 -25.47 -38.25
N ALA A 306 1.97 -24.17 -38.50
CA ALA A 306 0.88 -23.23 -38.21
C ALA A 306 -0.39 -23.51 -38.99
N LYS A 307 -0.27 -24.11 -40.17
CA LYS A 307 -1.44 -24.39 -40.99
C LYS A 307 -2.51 -25.14 -40.19
N LYS A 308 -2.07 -25.96 -39.23
CA LYS A 308 -3.01 -26.69 -38.40
C LYS A 308 -3.90 -25.70 -37.63
N LEU A 309 -3.35 -24.53 -37.33
CA LEU A 309 -4.13 -23.53 -36.60
C LEU A 309 -5.04 -22.76 -37.56
N SER A 310 -4.48 -22.28 -38.66
CA SER A 310 -5.27 -21.53 -39.64
C SER A 310 -6.41 -22.36 -40.22
N ASP A 311 -6.21 -23.67 -40.36
CA ASP A 311 -7.28 -24.51 -40.90
C ASP A 311 -8.45 -24.58 -39.91
N LYS A 312 -8.18 -24.20 -38.66
CA LYS A 312 -9.21 -24.21 -37.64
C LYS A 312 -9.70 -22.78 -37.39
N GLY A 313 -9.29 -21.87 -38.26
CA GLY A 313 -9.71 -20.49 -38.12
C GLY A 313 -8.92 -19.67 -37.12
N VAL A 314 -7.76 -20.17 -36.70
CA VAL A 314 -6.90 -19.46 -35.75
C VAL A 314 -5.75 -18.93 -36.63
N HIS A 315 -5.76 -17.63 -36.89
CA HIS A 315 -4.76 -17.03 -37.77
C HIS A 315 -3.68 -16.21 -37.09
N ILE A 316 -3.44 -16.47 -35.81
CA ILE A 316 -2.43 -15.73 -35.06
C ILE A 316 -1.00 -15.90 -35.56
N TRP A 317 -0.74 -16.94 -36.34
CA TRP A 317 0.61 -17.16 -36.86
C TRP A 317 0.75 -16.90 -38.35
N ASP A 318 -0.30 -16.44 -39.02
CA ASP A 318 -0.26 -16.17 -40.45
C ASP A 318 0.87 -15.24 -40.88
N ASP A 319 1.03 -14.12 -40.17
CA ASP A 319 2.07 -13.15 -40.51
C ASP A 319 3.48 -13.67 -40.32
N ASN A 320 3.68 -14.47 -39.27
CA ASN A 320 5.00 -15.01 -38.97
C ASN A 320 5.26 -16.35 -39.66
N GLY A 321 4.35 -16.76 -40.52
CA GLY A 321 4.52 -18.02 -41.23
C GLY A 321 4.47 -17.86 -42.74
N SER A 322 4.31 -16.62 -43.19
CA SER A 322 4.23 -16.35 -44.62
C SER A 322 5.58 -16.56 -45.31
N ARG A 323 5.52 -16.93 -46.59
CA ARG A 323 6.72 -17.15 -47.40
C ARG A 323 7.65 -15.94 -47.26
N ALA A 324 7.08 -14.75 -47.36
CA ALA A 324 7.84 -13.51 -47.26
C ALA A 324 8.56 -13.35 -45.93
N PHE A 325 7.84 -13.60 -44.82
CA PHE A 325 8.46 -13.46 -43.51
C PHE A 325 9.52 -14.52 -43.27
N LEU A 326 9.23 -15.74 -43.70
CA LEU A 326 10.17 -16.85 -43.54
C LEU A 326 11.46 -16.54 -44.28
N ASP A 327 11.32 -15.99 -45.48
CA ASP A 327 12.46 -15.62 -46.31
C ASP A 327 13.27 -14.49 -45.69
N SER A 328 12.59 -13.58 -45.00
CA SER A 328 13.28 -12.45 -44.36
C SER A 328 14.14 -12.97 -43.19
N ARG A 329 13.88 -14.20 -42.75
CA ARG A 329 14.65 -14.81 -41.66
C ARG A 329 15.66 -15.80 -42.23
N GLY A 330 15.73 -15.89 -43.55
CA GLY A 330 16.66 -16.80 -44.19
C GLY A 330 16.21 -18.24 -44.09
N LEU A 331 14.92 -18.43 -43.86
CA LEU A 331 14.33 -19.77 -43.74
C LEU A 331 13.69 -20.17 -45.07
N THR A 332 14.43 -19.95 -46.15
CA THR A 332 13.94 -20.24 -47.50
C THR A 332 13.58 -21.70 -47.80
N GLU A 333 14.13 -22.62 -47.02
CA GLU A 333 13.84 -24.03 -47.22
C GLU A 333 12.55 -24.48 -46.53
N TYR A 334 11.99 -23.64 -45.66
CA TYR A 334 10.76 -24.00 -44.98
C TYR A 334 9.49 -23.81 -45.79
N GLU A 335 8.59 -24.77 -45.65
CA GLU A 335 7.30 -24.75 -46.31
C GLU A 335 6.55 -23.58 -45.64
N GLU A 336 5.67 -22.91 -46.38
CA GLU A 336 4.95 -21.79 -45.79
C GLU A 336 4.18 -22.30 -44.57
N MET A 337 4.16 -21.51 -43.51
CA MET A 337 3.48 -21.86 -42.25
C MET A 337 4.26 -22.87 -41.40
N ASP A 338 5.42 -23.29 -41.89
CA ASP A 338 6.28 -24.20 -41.13
C ASP A 338 7.20 -23.24 -40.42
N LEU A 339 6.97 -23.09 -39.12
CA LEU A 339 7.72 -22.15 -38.29
C LEU A 339 9.10 -22.57 -37.82
N GLY A 340 9.44 -23.84 -38.02
CA GLY A 340 10.73 -24.31 -37.54
C GLY A 340 10.54 -24.81 -36.12
N PRO A 341 11.62 -25.14 -35.40
CA PRO A 341 11.58 -25.65 -34.02
C PRO A 341 11.15 -24.66 -32.92
N VAL A 342 9.99 -24.03 -33.11
CA VAL A 342 9.47 -23.07 -32.13
C VAL A 342 8.76 -23.74 -30.95
N TYR A 343 8.50 -22.92 -29.94
CA TYR A 343 7.79 -23.31 -28.72
C TYR A 343 7.66 -24.80 -28.35
N GLY A 344 6.49 -25.37 -28.66
CA GLY A 344 6.19 -26.75 -28.35
C GLY A 344 7.22 -27.78 -28.77
N PHE A 345 7.90 -27.53 -29.88
CA PHE A 345 8.95 -28.45 -30.34
C PHE A 345 10.03 -28.51 -29.26
N GLN A 346 10.44 -27.34 -28.76
CA GLN A 346 11.46 -27.29 -27.71
C GLN A 346 10.91 -27.86 -26.40
N TRP A 347 9.61 -27.69 -26.17
CA TRP A 347 8.96 -28.22 -24.97
C TRP A 347 9.02 -29.75 -24.95
N ARG A 348 8.75 -30.38 -26.08
CA ARG A 348 8.74 -31.84 -26.16
C ARG A 348 9.98 -32.49 -26.79
N HIS A 349 10.81 -31.70 -27.48
CA HIS A 349 12.00 -32.23 -28.15
C HIS A 349 13.16 -31.22 -28.07
N PHE A 350 13.44 -30.70 -26.88
CA PHE A 350 14.50 -29.70 -26.76
C PHE A 350 15.83 -30.18 -27.34
N GLY A 351 16.42 -29.35 -28.20
CA GLY A 351 17.71 -29.67 -28.79
C GLY A 351 17.74 -30.62 -29.98
N ALA A 352 16.58 -31.16 -30.36
CA ALA A 352 16.54 -32.07 -31.50
C ALA A 352 16.81 -31.29 -32.77
N ALA A 353 17.46 -31.94 -33.73
CA ALA A 353 17.75 -31.29 -35.01
C ALA A 353 16.45 -31.24 -35.80
N TYR A 354 16.19 -30.10 -36.43
CA TYR A 354 14.95 -29.91 -37.18
C TYR A 354 15.17 -29.94 -38.68
N THR A 355 14.23 -30.51 -39.42
CA THR A 355 14.32 -30.53 -40.89
C THR A 355 13.07 -29.85 -41.38
N HIS A 356 11.94 -30.54 -41.27
CA HIS A 356 10.65 -30.01 -41.66
C HIS A 356 9.63 -30.45 -40.61
N HIS A 357 8.46 -29.83 -40.64
CA HIS A 357 7.41 -30.12 -39.67
C HIS A 357 6.82 -31.52 -39.76
N ASP A 358 6.72 -32.06 -40.98
CA ASP A 358 6.14 -33.39 -41.14
C ASP A 358 7.09 -34.54 -40.86
N ALA A 359 8.29 -34.25 -40.38
CA ALA A 359 9.24 -35.33 -40.07
C ALA A 359 8.84 -35.97 -38.75
N ASN A 360 9.35 -37.17 -38.48
CA ASN A 360 9.02 -37.86 -37.24
C ASN A 360 10.05 -37.53 -36.17
N TYR A 361 9.60 -36.89 -35.10
CA TYR A 361 10.50 -36.48 -34.02
C TYR A 361 10.33 -37.28 -32.74
N ASP A 362 9.43 -38.25 -32.75
CA ASP A 362 9.18 -39.08 -31.59
C ASP A 362 10.50 -39.54 -30.98
N GLY A 363 10.64 -39.37 -29.68
CA GLY A 363 11.85 -39.80 -29.00
C GLY A 363 13.09 -38.93 -29.15
N GLN A 364 13.03 -37.92 -30.00
CA GLN A 364 14.18 -37.04 -30.22
C GLN A 364 14.14 -35.84 -29.29
N GLY A 365 15.31 -35.40 -28.84
CA GLY A 365 15.39 -34.24 -27.96
C GLY A 365 14.89 -34.53 -26.55
N VAL A 366 15.00 -33.55 -25.67
CA VAL A 366 14.55 -33.71 -24.29
C VAL A 366 13.08 -33.32 -24.15
N ASP A 367 12.24 -34.28 -23.78
CA ASP A 367 10.82 -34.02 -23.58
C ASP A 367 10.66 -33.45 -22.17
N GLN A 368 10.75 -32.14 -22.06
CA GLN A 368 10.64 -31.47 -20.78
C GLN A 368 9.28 -31.63 -20.10
N ILE A 369 8.21 -31.58 -20.87
CA ILE A 369 6.88 -31.70 -20.30
C ILE A 369 6.66 -33.07 -19.66
N LYS A 370 7.10 -34.13 -20.34
CA LYS A 370 6.95 -35.47 -19.80
C LYS A 370 7.75 -35.64 -18.50
N ALA A 371 8.97 -35.09 -18.47
CA ALA A 371 9.81 -35.17 -17.29
C ALA A 371 9.16 -34.47 -16.09
N ILE A 372 8.61 -33.28 -16.33
CA ILE A 372 7.97 -32.54 -15.24
C ILE A 372 6.74 -33.28 -14.72
N VAL A 373 5.96 -33.86 -15.63
CA VAL A 373 4.76 -34.58 -15.24
C VAL A 373 5.13 -35.75 -14.32
N GLU A 374 6.24 -36.42 -14.61
CA GLU A 374 6.65 -37.55 -13.78
C GLU A 374 7.18 -37.07 -12.43
N THR A 375 7.96 -35.99 -12.45
CA THR A 375 8.52 -35.44 -11.22
C THR A 375 7.39 -34.96 -10.31
N LEU A 376 6.40 -34.30 -10.88
CA LEU A 376 5.28 -33.81 -10.08
C LEU A 376 4.54 -34.92 -9.36
N LYS A 377 4.49 -36.11 -9.97
CA LYS A 377 3.79 -37.24 -9.37
C LYS A 377 4.60 -38.02 -8.36
N THR A 378 5.92 -37.85 -8.35
CA THR A 378 6.77 -38.60 -7.42
C THR A 378 7.62 -37.76 -6.47
N ASN A 379 8.00 -36.56 -6.88
CA ASN A 379 8.82 -35.69 -6.05
C ASN A 379 8.35 -34.25 -6.26
N PRO A 380 7.08 -33.96 -5.92
CA PRO A 380 6.46 -32.64 -6.07
C PRO A 380 7.19 -31.44 -5.48
N ASP A 381 8.13 -31.67 -4.55
CA ASP A 381 8.83 -30.52 -3.98
C ASP A 381 10.15 -30.21 -4.69
N ASP A 382 10.46 -30.99 -5.72
CA ASP A 382 11.67 -30.78 -6.50
C ASP A 382 11.65 -29.32 -6.97
N ARG A 383 12.80 -28.67 -6.96
CA ARG A 383 12.88 -27.27 -7.36
C ARG A 383 13.51 -27.05 -8.75
N ARG A 384 13.39 -28.06 -9.60
CA ARG A 384 13.94 -27.99 -10.95
C ARG A 384 12.90 -28.31 -12.00
N MET A 385 11.62 -28.22 -11.61
CA MET A 385 10.54 -28.52 -12.53
C MET A 385 10.20 -27.34 -13.42
N LEU A 386 11.01 -27.11 -14.44
CA LEU A 386 10.76 -26.01 -15.35
C LEU A 386 11.13 -26.38 -16.77
N PHE A 387 10.41 -25.81 -17.74
CA PHE A 387 10.70 -26.07 -19.14
C PHE A 387 10.96 -24.75 -19.85
N THR A 388 11.72 -24.81 -20.93
CA THR A 388 12.05 -23.63 -21.69
C THR A 388 12.08 -23.87 -23.20
N ALA A 389 11.88 -22.81 -23.96
CA ALA A 389 11.92 -22.87 -25.42
C ALA A 389 13.03 -21.94 -25.86
N TRP A 390 13.70 -21.31 -24.89
CA TRP A 390 14.77 -20.40 -25.22
C TRP A 390 16.05 -21.18 -25.41
N ASN A 391 16.24 -21.66 -26.62
CA ASN A 391 17.40 -22.47 -26.99
C ASN A 391 18.27 -21.70 -28.00
N PRO A 392 19.29 -20.98 -27.50
CA PRO A 392 20.19 -20.21 -28.37
C PRO A 392 20.67 -20.95 -29.61
N SER A 393 20.82 -22.27 -29.51
CA SER A 393 21.27 -23.06 -30.63
C SER A 393 20.24 -23.13 -31.76
N ALA A 394 18.96 -23.16 -31.39
CA ALA A 394 17.87 -23.26 -32.38
C ALA A 394 17.20 -21.94 -32.77
N LEU A 395 17.41 -20.89 -32.00
CA LEU A 395 16.80 -19.59 -32.29
C LEU A 395 16.90 -19.18 -33.79
N PRO A 396 18.10 -19.25 -34.38
CA PRO A 396 18.22 -18.85 -35.79
C PRO A 396 17.31 -19.64 -36.73
N ARG A 397 17.01 -20.88 -36.35
CA ARG A 397 16.17 -21.76 -37.15
C ARG A 397 14.67 -21.54 -36.93
N MET A 398 14.31 -20.67 -35.99
CA MET A 398 12.90 -20.38 -35.67
C MET A 398 12.36 -19.19 -36.44
N ALA A 399 11.05 -19.19 -36.69
CA ALA A 399 10.41 -18.08 -37.40
C ALA A 399 10.64 -16.81 -36.56
N LEU A 400 10.81 -17.01 -35.26
CA LEU A 400 11.10 -15.93 -34.33
C LEU A 400 11.26 -16.52 -32.95
N PRO A 401 12.09 -15.89 -32.09
CA PRO A 401 12.31 -16.40 -30.74
C PRO A 401 11.03 -16.43 -29.93
N PRO A 402 10.92 -17.31 -28.94
CA PRO A 402 9.70 -17.36 -28.14
C PRO A 402 9.58 -16.14 -27.22
N CYS A 403 8.35 -15.69 -26.99
CA CYS A 403 8.09 -14.55 -26.11
C CYS A 403 7.89 -15.07 -24.70
N HIS A 404 7.04 -16.07 -24.54
CA HIS A 404 6.88 -16.70 -23.23
C HIS A 404 7.84 -17.87 -23.41
N LEU A 405 8.99 -17.76 -22.77
CA LEU A 405 10.07 -18.73 -22.95
C LEU A 405 10.44 -19.66 -21.80
N LEU A 406 9.84 -19.48 -20.64
CA LEU A 406 10.18 -20.32 -19.50
C LEU A 406 9.01 -20.43 -18.54
N ALA A 407 8.84 -21.61 -17.95
CA ALA A 407 7.77 -21.84 -16.99
C ALA A 407 8.27 -22.79 -15.91
N GLN A 408 7.98 -22.46 -14.65
CA GLN A 408 8.39 -23.31 -13.53
C GLN A 408 7.18 -23.70 -12.71
N PHE A 409 7.20 -24.93 -12.19
CA PHE A 409 6.08 -25.41 -11.38
C PHE A 409 6.45 -25.53 -9.93
N TYR A 410 5.44 -25.42 -9.06
CA TYR A 410 5.60 -25.49 -7.62
C TYR A 410 4.37 -26.17 -7.03
N VAL A 411 4.58 -26.96 -5.98
CA VAL A 411 3.46 -27.67 -5.35
C VAL A 411 3.38 -27.39 -3.87
N SER A 412 2.16 -27.21 -3.38
CA SER A 412 1.89 -26.96 -1.97
C SER A 412 0.47 -27.42 -1.67
N ASN A 413 0.31 -28.22 -0.63
CA ASN A 413 -0.98 -28.72 -0.21
C ASN A 413 -1.77 -29.36 -1.35
N GLY A 414 -1.07 -30.08 -2.23
CA GLY A 414 -1.73 -30.73 -3.35
C GLY A 414 -2.18 -29.79 -4.45
N GLU A 415 -1.69 -28.56 -4.43
CA GLU A 415 -2.05 -27.53 -5.42
C GLU A 415 -0.88 -27.19 -6.32
N LEU A 416 -1.13 -27.19 -7.62
CA LEU A 416 -0.08 -26.90 -8.59
C LEU A 416 -0.05 -25.44 -9.02
N SER A 417 1.06 -24.77 -8.77
CA SER A 417 1.22 -23.39 -9.17
C SER A 417 2.23 -23.34 -10.31
N CYS A 418 2.12 -22.31 -11.13
CA CYS A 418 3.02 -22.15 -12.27
C CYS A 418 3.47 -20.71 -12.41
N MET A 419 4.76 -20.54 -12.70
CA MET A 419 5.32 -19.22 -12.92
C MET A 419 5.76 -19.17 -14.38
N LEU A 420 5.38 -18.10 -15.06
CA LEU A 420 5.72 -17.91 -16.46
C LEU A 420 6.64 -16.69 -16.59
N TYR A 421 7.65 -16.79 -17.47
CA TYR A 421 8.56 -15.67 -17.72
C TYR A 421 8.37 -15.27 -19.18
N GLN A 422 7.97 -14.02 -19.39
CA GLN A 422 7.74 -13.50 -20.74
C GLN A 422 8.69 -12.32 -20.99
N ARG A 423 9.56 -12.43 -21.99
CA ARG A 423 10.54 -11.38 -22.30
C ARG A 423 9.93 -10.14 -22.94
N SER A 424 8.87 -10.33 -23.71
CA SER A 424 8.23 -9.23 -24.41
C SER A 424 6.73 -9.38 -24.23
N CYS A 425 6.09 -8.33 -23.74
CA CYS A 425 4.67 -8.40 -23.46
C CYS A 425 3.84 -7.26 -24.01
N ASP A 426 3.02 -7.58 -25.01
CA ASP A 426 2.11 -6.60 -25.59
C ASP A 426 0.89 -6.63 -24.67
N MET A 427 0.78 -5.64 -23.79
CA MET A 427 -0.31 -5.56 -22.83
C MET A 427 -1.70 -5.55 -23.45
N GLY A 428 -1.82 -4.89 -24.60
CA GLY A 428 -3.11 -4.78 -25.27
C GLY A 428 -3.79 -6.08 -25.68
N LEU A 429 -3.15 -6.87 -26.51
CA LEU A 429 -3.75 -8.12 -26.97
C LEU A 429 -2.99 -9.36 -26.56
N GLY A 430 -1.67 -9.25 -26.49
CA GLY A 430 -0.85 -10.39 -26.14
C GLY A 430 -0.94 -10.89 -24.70
N VAL A 431 -0.79 -10.00 -23.73
CA VAL A 431 -0.81 -10.42 -22.33
C VAL A 431 -2.07 -11.14 -21.85
N PRO A 432 -3.26 -10.63 -22.19
CA PRO A 432 -4.48 -11.33 -21.74
C PRO A 432 -4.52 -12.75 -22.32
N PHE A 433 -4.04 -12.87 -23.56
CA PHE A 433 -3.98 -14.14 -24.28
C PHE A 433 -3.05 -15.10 -23.54
N ASN A 434 -1.84 -14.63 -23.26
CA ASN A 434 -0.83 -15.41 -22.54
C ASN A 434 -1.29 -15.85 -21.16
N ILE A 435 -1.97 -14.97 -20.44
CA ILE A 435 -2.46 -15.29 -19.10
C ILE A 435 -3.39 -16.48 -19.21
N ALA A 436 -4.27 -16.46 -20.21
CA ALA A 436 -5.22 -17.56 -20.41
C ALA A 436 -4.51 -18.85 -20.85
N SER A 437 -3.51 -18.73 -21.72
CA SER A 437 -2.76 -19.90 -22.20
C SER A 437 -2.10 -20.67 -21.07
N TYR A 438 -1.37 -19.96 -20.21
CA TYR A 438 -0.68 -20.62 -19.12
C TYR A 438 -1.62 -21.02 -18.01
N ALA A 439 -2.80 -20.41 -17.97
CA ALA A 439 -3.77 -20.81 -16.95
C ALA A 439 -4.25 -22.18 -17.42
N LEU A 440 -4.46 -22.30 -18.73
CA LEU A 440 -4.93 -23.55 -19.34
C LEU A 440 -3.89 -24.65 -19.13
N LEU A 441 -2.64 -24.34 -19.46
CA LEU A 441 -1.54 -25.30 -19.32
C LEU A 441 -1.44 -25.82 -17.88
N THR A 442 -1.50 -24.92 -16.92
CA THR A 442 -1.40 -25.31 -15.51
C THR A 442 -2.55 -26.24 -15.12
N ILE A 443 -3.74 -25.95 -15.62
CA ILE A 443 -4.91 -26.76 -15.34
C ILE A 443 -4.76 -28.16 -15.95
N LEU A 444 -4.24 -28.23 -17.17
CA LEU A 444 -4.04 -29.51 -17.84
C LEU A 444 -2.95 -30.33 -17.17
N ILE A 445 -1.85 -29.68 -16.80
CA ILE A 445 -0.76 -30.37 -16.13
C ILE A 445 -1.27 -30.88 -14.78
N ALA A 446 -2.07 -30.07 -14.08
CA ALA A 446 -2.63 -30.48 -12.80
C ALA A 446 -3.46 -31.78 -12.98
N LYS A 447 -4.28 -31.80 -14.02
CA LYS A 447 -5.11 -32.97 -14.33
C LYS A 447 -4.28 -34.22 -14.67
N ALA A 448 -3.12 -34.02 -15.29
CA ALA A 448 -2.25 -35.12 -15.68
C ALA A 448 -1.36 -35.63 -14.56
N THR A 449 -1.35 -34.91 -13.43
CA THR A 449 -0.50 -35.29 -12.30
C THR A 449 -1.20 -35.55 -10.98
N GLY A 450 -2.53 -35.65 -11.00
CA GLY A 450 -3.26 -35.91 -9.78
C GLY A 450 -3.22 -34.75 -8.79
N LEU A 451 -3.16 -33.53 -9.31
CA LEU A 451 -3.10 -32.36 -8.45
C LEU A 451 -4.24 -31.41 -8.77
N ARG A 452 -4.42 -30.40 -7.93
CA ARG A 452 -5.46 -29.40 -8.11
C ARG A 452 -4.80 -28.10 -8.56
N PRO A 453 -5.41 -27.40 -9.53
CA PRO A 453 -4.90 -26.14 -10.06
C PRO A 453 -4.72 -25.13 -8.92
N GLY A 454 -3.59 -24.41 -8.93
CA GLY A 454 -3.36 -23.46 -7.86
C GLY A 454 -3.28 -22.01 -8.30
N GLU A 455 -2.07 -21.50 -8.46
CA GLU A 455 -1.85 -20.12 -8.88
C GLU A 455 -1.00 -20.01 -10.12
N LEU A 456 -1.21 -18.94 -10.86
CA LEU A 456 -0.43 -18.64 -12.05
C LEU A 456 0.28 -17.34 -11.72
N VAL A 457 1.61 -17.35 -11.76
CA VAL A 457 2.37 -16.13 -11.52
C VAL A 457 2.95 -15.76 -12.87
N HIS A 458 2.76 -14.52 -13.26
CA HIS A 458 3.23 -14.04 -14.55
C HIS A 458 4.28 -12.97 -14.40
N THR A 459 5.52 -13.27 -14.78
CA THR A 459 6.60 -12.30 -14.71
C THR A 459 6.75 -11.69 -16.10
N LEU A 460 6.77 -10.36 -16.16
CA LEU A 460 6.89 -9.64 -17.43
C LEU A 460 8.25 -8.95 -17.52
N GLY A 461 8.88 -9.06 -18.70
CA GLY A 461 10.17 -8.41 -18.93
C GLY A 461 9.88 -7.03 -19.50
N ASP A 462 9.95 -6.89 -20.82
CA ASP A 462 9.64 -5.63 -21.49
C ASP A 462 8.11 -5.60 -21.72
N ALA A 463 7.40 -4.84 -20.89
CA ALA A 463 5.94 -4.72 -20.97
C ALA A 463 5.58 -3.41 -21.65
N HIS A 464 4.93 -3.51 -22.81
CA HIS A 464 4.60 -2.33 -23.59
C HIS A 464 3.17 -2.22 -24.08
N VAL A 465 2.78 -0.99 -24.37
CA VAL A 465 1.47 -0.67 -24.92
C VAL A 465 1.79 0.02 -26.23
N TYR A 466 1.32 -0.53 -27.34
CA TYR A 466 1.59 0.09 -28.64
C TYR A 466 1.01 1.50 -28.68
N SER A 467 1.71 2.39 -29.38
CA SER A 467 1.24 3.78 -29.51
C SER A 467 -0.16 3.81 -30.11
N ASN A 468 -0.42 2.94 -31.09
CA ASN A 468 -1.72 2.88 -31.74
C ASN A 468 -2.80 2.28 -30.84
N HIS A 469 -2.42 1.85 -29.64
CA HIS A 469 -3.38 1.27 -28.71
C HIS A 469 -3.66 2.20 -27.53
N VAL A 470 -2.94 3.31 -27.43
CA VAL A 470 -3.12 4.22 -26.31
C VAL A 470 -4.55 4.72 -26.07
N GLU A 471 -5.17 5.33 -27.07
CA GLU A 471 -6.53 5.85 -26.90
C GLU A 471 -7.53 4.75 -26.52
N PRO A 472 -7.57 3.64 -27.27
CA PRO A 472 -8.52 2.60 -26.89
C PRO A 472 -8.24 2.04 -25.50
N CYS A 473 -6.96 1.77 -25.21
CA CYS A 473 -6.59 1.24 -23.89
C CYS A 473 -7.10 2.19 -22.82
N ASN A 474 -7.05 3.48 -23.08
CA ASN A 474 -7.55 4.46 -22.11
C ASN A 474 -9.04 4.31 -21.89
N GLU A 475 -9.77 3.95 -22.93
CA GLU A 475 -11.22 3.75 -22.82
C GLU A 475 -11.44 2.55 -21.91
N GLN A 476 -10.71 1.47 -22.19
CA GLN A 476 -10.83 0.26 -21.40
C GLN A 476 -10.54 0.47 -19.92
N LEU A 477 -9.58 1.34 -19.62
CA LEU A 477 -9.22 1.63 -18.24
C LEU A 477 -10.40 2.18 -17.42
N LYS A 478 -11.41 2.70 -18.10
CA LYS A 478 -12.59 3.24 -17.42
C LYS A 478 -13.35 2.12 -16.72
N ARG A 479 -13.51 1.01 -17.42
CA ARG A 479 -14.25 -0.15 -16.96
C ARG A 479 -13.77 -0.81 -15.66
N VAL A 480 -14.74 -1.13 -14.80
CA VAL A 480 -14.46 -1.79 -13.54
C VAL A 480 -14.52 -3.29 -13.83
N PRO A 481 -13.40 -4.01 -13.62
CA PRO A 481 -13.41 -5.45 -13.89
C PRO A 481 -14.56 -6.20 -13.22
N ARG A 482 -15.06 -7.22 -13.92
CA ARG A 482 -16.14 -8.08 -13.43
C ARG A 482 -15.52 -9.38 -12.96
N ALA A 483 -16.33 -10.21 -12.30
CA ALA A 483 -15.87 -11.48 -11.80
C ALA A 483 -15.44 -12.35 -12.98
N PHE A 484 -14.40 -13.16 -12.78
CA PHE A 484 -13.87 -14.04 -13.83
C PHE A 484 -14.79 -15.22 -14.11
N PRO A 485 -14.64 -15.83 -15.29
CA PRO A 485 -15.47 -16.99 -15.66
C PRO A 485 -14.86 -18.27 -15.08
N TYR A 486 -15.37 -19.41 -15.54
CA TYR A 486 -14.89 -20.70 -15.06
C TYR A 486 -14.65 -21.64 -16.22
N LEU A 487 -13.83 -22.66 -15.99
CA LEU A 487 -13.53 -23.65 -17.01
C LEU A 487 -13.96 -25.04 -16.55
N VAL A 488 -14.70 -25.75 -17.41
CA VAL A 488 -15.13 -27.10 -17.10
C VAL A 488 -14.84 -27.99 -18.31
N PHE A 489 -14.63 -29.27 -18.02
CA PHE A 489 -14.34 -30.25 -19.04
C PHE A 489 -15.56 -31.12 -19.25
N ARG A 490 -16.03 -31.23 -20.49
CA ARG A 490 -17.19 -32.04 -20.79
C ARG A 490 -16.77 -33.49 -21.01
N ARG A 491 -15.47 -33.71 -21.25
CA ARG A 491 -14.95 -35.06 -21.44
C ARG A 491 -13.44 -35.10 -21.18
N GLU A 492 -12.93 -36.28 -20.84
CA GLU A 492 -11.52 -36.44 -20.57
C GLU A 492 -10.88 -37.31 -21.65
N ARG A 493 -9.55 -37.39 -21.64
CA ARG A 493 -8.84 -38.19 -22.63
C ARG A 493 -7.86 -39.14 -21.97
N GLU A 494 -7.41 -40.13 -22.74
CA GLU A 494 -6.46 -41.13 -22.29
C GLU A 494 -5.09 -40.48 -22.18
N PHE A 495 -4.79 -39.61 -23.14
CA PHE A 495 -3.50 -38.91 -23.16
C PHE A 495 -3.67 -37.39 -23.27
N LEU A 496 -2.71 -36.65 -22.72
CA LEU A 496 -2.69 -35.20 -22.75
C LEU A 496 -2.80 -34.68 -24.19
N GLU A 497 -1.99 -35.25 -25.07
CA GLU A 497 -1.96 -34.85 -26.48
C GLU A 497 -3.27 -35.07 -27.23
N ASP A 498 -4.22 -35.79 -26.61
CA ASP A 498 -5.50 -36.07 -27.25
C ASP A 498 -6.58 -35.00 -27.01
N TYR A 499 -6.36 -34.11 -26.04
CA TYR A 499 -7.37 -33.10 -25.76
C TYR A 499 -7.66 -32.17 -26.93
N GLU A 500 -8.94 -31.85 -27.07
CA GLU A 500 -9.39 -30.97 -28.12
C GLU A 500 -10.10 -29.79 -27.49
N GLU A 501 -10.17 -28.68 -28.23
CA GLU A 501 -10.82 -27.49 -27.70
C GLU A 501 -12.26 -27.76 -27.29
N GLY A 502 -12.92 -28.66 -28.01
CA GLY A 502 -14.31 -28.98 -27.70
C GLY A 502 -14.54 -29.84 -26.47
N ASP A 503 -13.46 -30.29 -25.83
CA ASP A 503 -13.57 -31.12 -24.62
C ASP A 503 -13.82 -30.27 -23.39
N MET A 504 -13.66 -28.95 -23.54
CA MET A 504 -13.84 -28.04 -22.42
C MET A 504 -14.66 -26.82 -22.78
N GLU A 505 -15.22 -26.17 -21.75
CA GLU A 505 -15.99 -24.97 -22.01
C GLU A 505 -15.92 -23.92 -20.93
N VAL A 506 -15.81 -22.68 -21.38
CA VAL A 506 -15.75 -21.54 -20.49
C VAL A 506 -17.20 -21.16 -20.18
N ILE A 507 -17.54 -21.08 -18.90
CA ILE A 507 -18.90 -20.73 -18.55
C ILE A 507 -18.91 -19.45 -17.71
N ASP A 508 -20.04 -18.76 -17.73
CA ASP A 508 -20.20 -17.52 -16.99
C ASP A 508 -19.16 -16.44 -17.33
N TYR A 509 -18.85 -16.32 -18.61
CA TYR A 509 -17.91 -15.29 -19.08
C TYR A 509 -18.76 -14.11 -19.53
N ALA A 510 -18.70 -13.00 -18.80
CA ALA A 510 -19.50 -11.83 -19.13
C ALA A 510 -18.63 -10.60 -19.41
N PRO A 511 -17.89 -10.61 -20.52
CA PRO A 511 -17.04 -9.47 -20.82
C PRO A 511 -17.80 -8.23 -21.28
N TYR A 512 -17.15 -7.07 -21.11
CA TYR A 512 -17.76 -5.83 -21.55
C TYR A 512 -17.80 -5.86 -23.08
N PRO A 513 -18.60 -4.98 -23.69
CA PRO A 513 -18.70 -4.94 -25.16
C PRO A 513 -17.48 -4.30 -25.81
N PRO A 514 -17.33 -4.46 -27.13
CA PRO A 514 -16.19 -3.89 -27.86
C PRO A 514 -16.07 -2.40 -27.54
N ILE A 515 -14.86 -1.87 -27.63
CA ILE A 515 -14.65 -0.46 -27.31
C ILE A 515 -14.93 0.43 -28.53
N SER A 516 -15.83 1.40 -28.32
CA SER A 516 -16.27 2.35 -29.35
C SER A 516 -15.19 2.98 -30.24
N MET A 517 -15.49 3.00 -31.55
CA MET A 517 -14.63 3.57 -32.59
C MET A 517 -13.60 2.56 -33.12
N LYS A 518 -13.10 2.81 -34.33
CA LYS A 518 -12.10 1.92 -34.92
C LYS A 518 -10.87 2.66 -35.43
N MET A 519 -10.12 1.99 -36.33
CA MET A 519 -8.88 2.46 -36.93
C MET A 519 -7.72 1.90 -36.13
N ALA A 520 -7.88 1.92 -34.81
CA ALA A 520 -6.86 1.42 -33.89
C ALA A 520 -7.53 0.68 -32.73
N LEU B 3 40.14 -11.60 -30.00
CA LEU B 3 39.19 -12.04 -31.06
C LEU B 3 37.94 -12.68 -30.46
N PHE B 4 38.14 -13.40 -29.36
CA PHE B 4 37.03 -14.06 -28.67
C PHE B 4 36.62 -13.28 -27.43
N LYS B 5 37.52 -12.41 -26.95
CA LYS B 5 37.25 -11.59 -25.79
C LYS B 5 36.38 -10.41 -26.17
N ILE B 6 35.88 -9.70 -25.17
CA ILE B 6 35.02 -8.54 -25.38
C ILE B 6 35.81 -7.26 -25.09
N ARG B 7 36.07 -6.50 -26.14
CA ARG B 7 36.82 -5.25 -26.02
C ARG B 7 35.99 -4.12 -25.43
N MET B 8 36.53 -3.51 -24.38
CA MET B 8 35.88 -2.41 -23.67
C MET B 8 36.01 -1.10 -24.48
N PRO B 9 34.93 -0.30 -24.55
CA PRO B 9 34.97 0.96 -25.30
C PRO B 9 35.82 2.01 -24.59
N GLU B 10 36.08 3.13 -25.28
CA GLU B 10 36.88 4.19 -24.67
C GLU B 10 36.11 4.93 -23.57
N THR B 11 34.81 4.66 -23.46
CA THR B 11 33.99 5.30 -22.44
C THR B 11 33.92 4.41 -21.20
N VAL B 12 34.67 3.32 -21.22
CA VAL B 12 34.72 2.34 -20.13
C VAL B 12 34.72 2.90 -18.71
N ALA B 13 35.50 3.95 -18.48
CA ALA B 13 35.60 4.53 -17.13
C ALA B 13 34.63 5.68 -16.83
N GLU B 14 34.17 6.36 -17.86
CA GLU B 14 33.28 7.51 -17.70
C GLU B 14 31.86 7.20 -17.22
N GLY B 15 31.37 6.01 -17.53
CA GLY B 15 30.03 5.66 -17.11
C GLY B 15 29.88 5.34 -15.63
N THR B 16 30.99 5.02 -14.97
CA THR B 16 30.94 4.68 -13.55
C THR B 16 31.87 5.49 -12.67
N ARG B 17 32.27 6.68 -13.13
CA ARG B 17 33.17 7.51 -12.33
C ARG B 17 32.40 8.15 -11.17
N LEU B 18 32.89 7.91 -9.95
CA LEU B 18 32.25 8.44 -8.74
C LEU B 18 32.24 9.96 -8.77
N ALA B 19 31.05 10.55 -8.78
CA ALA B 19 30.92 12.01 -8.83
C ALA B 19 31.16 12.66 -7.47
N LEU B 20 30.62 12.06 -6.42
CA LEU B 20 30.77 12.61 -5.07
C LEU B 20 30.90 11.47 -4.07
N ARG B 21 31.79 11.62 -3.11
CA ARG B 21 32.00 10.58 -2.11
C ARG B 21 30.90 10.66 -1.07
N ALA B 22 30.52 9.50 -0.53
CA ALA B 22 29.48 9.45 0.50
C ALA B 22 30.09 9.91 1.81
N PHE B 23 29.25 10.41 2.72
CA PHE B 23 29.73 10.93 4.00
C PHE B 23 28.66 10.88 5.08
N SER B 24 29.09 11.13 6.31
CA SER B 24 28.20 11.19 7.47
C SER B 24 28.30 12.59 8.07
N LEU B 25 27.33 12.96 8.88
CA LEU B 25 27.32 14.28 9.50
C LEU B 25 27.29 14.10 11.02
N VAL B 26 28.11 14.86 11.72
CA VAL B 26 28.17 14.79 13.18
C VAL B 26 27.93 16.19 13.71
N VAL B 27 26.96 16.33 14.62
CA VAL B 27 26.63 17.64 15.17
C VAL B 27 26.15 17.58 16.62
N ALA B 28 26.33 18.69 17.33
CA ALA B 28 25.89 18.81 18.72
C ALA B 28 24.94 19.98 18.74
N VAL B 29 23.77 19.78 19.33
CA VAL B 29 22.76 20.83 19.38
C VAL B 29 22.14 20.95 20.77
N ASP B 30 21.39 22.02 20.99
CA ASP B 30 20.72 22.23 22.27
C ASP B 30 19.25 21.84 22.13
N GLU B 31 18.49 21.89 23.21
CA GLU B 31 17.07 21.52 23.16
C GLU B 31 16.21 22.30 22.19
N HIS B 32 16.78 23.32 21.57
CA HIS B 32 16.04 24.14 20.61
C HIS B 32 16.53 24.00 19.18
N GLY B 33 17.47 23.09 18.96
CA GLY B 33 17.99 22.89 17.63
C GLY B 33 19.14 23.80 17.27
N GLY B 34 19.52 24.70 18.18
CA GLY B 34 20.61 25.63 17.93
C GLY B 34 21.99 24.99 18.02
N ILE B 35 22.87 25.38 17.10
CA ILE B 35 24.23 24.84 17.08
C ILE B 35 25.21 25.79 17.76
N GLY B 36 25.02 27.09 17.58
CA GLY B 36 25.89 28.09 18.16
C GLY B 36 26.06 29.27 17.22
N ASP B 37 26.80 30.30 17.64
CA ASP B 37 27.01 31.46 16.78
C ASP B 37 28.12 31.17 15.78
N GLY B 38 29.27 31.84 15.94
CA GLY B 38 30.38 31.64 15.04
C GLY B 38 31.09 30.32 15.33
N ARG B 39 30.32 29.37 15.85
CA ARG B 39 30.79 28.03 16.21
C ARG B 39 31.23 28.01 17.68
N SER B 40 30.26 28.14 18.58
CA SER B 40 30.54 28.12 20.02
C SER B 40 30.66 26.71 20.54
N ILE B 41 31.10 26.60 21.79
CA ILE B 41 31.28 25.32 22.46
C ILE B 41 31.20 25.43 24.01
N PRO B 42 31.00 26.65 24.56
CA PRO B 42 30.91 26.82 26.02
C PRO B 42 30.03 25.87 26.83
N TRP B 43 29.21 25.06 26.17
CA TRP B 43 28.39 24.09 26.89
C TRP B 43 29.08 22.74 26.76
N ASN B 44 30.40 22.81 26.56
CA ASN B 44 31.25 21.65 26.39
C ASN B 44 30.99 20.50 27.35
N VAL B 45 30.52 19.39 26.80
CA VAL B 45 30.24 18.19 27.55
C VAL B 45 31.31 17.16 27.18
N PRO B 46 32.24 16.87 28.12
CA PRO B 46 33.31 15.91 27.87
C PRO B 46 32.87 14.58 27.25
N GLU B 47 31.66 14.11 27.57
CA GLU B 47 31.19 12.86 27.01
C GLU B 47 30.95 12.99 25.50
N ASP B 48 30.53 14.17 25.07
CA ASP B 48 30.28 14.41 23.65
C ASP B 48 31.60 14.49 22.88
N MET B 49 32.54 15.29 23.38
CA MET B 49 33.83 15.44 22.74
C MET B 49 34.47 14.06 22.52
N LYS B 50 34.35 13.19 23.52
CA LYS B 50 34.91 11.84 23.41
C LYS B 50 34.17 11.04 22.35
N PHE B 51 32.84 11.18 22.30
CA PHE B 51 32.04 10.48 21.31
C PHE B 51 32.47 10.95 19.94
N PHE B 52 32.59 12.27 19.79
CA PHE B 52 33.00 12.86 18.53
C PHE B 52 34.37 12.32 18.13
N ARG B 53 35.30 12.34 19.07
CA ARG B 53 36.66 11.86 18.83
C ARG B 53 36.68 10.41 18.38
N ASP B 54 36.01 9.54 19.14
CA ASP B 54 35.97 8.12 18.80
C ASP B 54 35.31 7.87 17.45
N LEU B 55 34.14 8.46 17.23
CA LEU B 55 33.42 8.29 15.98
C LEU B 55 34.23 8.67 14.74
N THR B 56 34.74 9.89 14.72
CA THR B 56 35.50 10.37 13.58
C THR B 56 36.92 9.81 13.41
N THR B 57 37.53 9.37 14.50
CA THR B 57 38.90 8.82 14.41
C THR B 57 38.98 7.33 14.11
N LYS B 58 38.25 6.52 14.86
CA LYS B 58 38.28 5.07 14.68
C LYS B 58 37.84 4.52 13.33
N LEU B 59 38.53 3.47 12.89
CA LEU B 59 38.25 2.80 11.63
C LEU B 59 37.46 1.54 11.95
N ARG B 60 36.73 1.01 10.98
CA ARG B 60 35.93 -0.20 11.22
C ARG B 60 36.81 -1.39 11.61
N GLY B 61 37.84 -1.62 10.82
CA GLY B 61 38.74 -2.73 11.11
C GLY B 61 39.21 -2.66 12.55
N LYS B 62 38.54 -3.43 13.42
CA LYS B 62 38.91 -3.46 14.84
C LYS B 62 40.29 -4.09 14.97
N ASN B 63 41.29 -3.34 14.51
CA ASN B 63 42.68 -3.78 14.52
C ASN B 63 43.54 -2.72 13.84
N VAL B 64 42.91 -1.99 12.92
CA VAL B 64 43.58 -0.95 12.15
C VAL B 64 43.72 0.38 12.88
N LYS B 65 44.87 1.01 12.72
CA LYS B 65 45.15 2.31 13.31
C LYS B 65 45.28 3.33 12.18
N PRO B 66 44.75 4.53 12.37
CA PRO B 66 44.80 5.60 11.37
C PRO B 66 46.17 5.88 10.76
N SER B 67 46.28 5.68 9.44
CA SER B 67 47.51 5.93 8.70
C SER B 67 47.11 6.70 7.44
N PRO B 68 48.07 7.39 6.80
CA PRO B 68 47.73 8.13 5.58
C PRO B 68 47.16 7.23 4.48
N ALA B 69 47.38 5.93 4.62
CA ALA B 69 46.89 4.96 3.65
C ALA B 69 45.45 4.52 3.97
N LYS B 70 45.08 4.60 5.25
CA LYS B 70 43.74 4.23 5.70
C LYS B 70 43.35 5.02 6.94
N ARG B 71 42.50 6.03 6.75
CA ARG B 71 42.05 6.89 7.84
C ARG B 71 40.73 7.56 7.48
N ASN B 72 40.10 8.20 8.47
CA ASN B 72 38.85 8.90 8.22
C ASN B 72 39.12 10.36 7.91
N ALA B 73 38.14 11.02 7.31
CA ALA B 73 38.28 12.42 6.98
C ALA B 73 37.22 13.24 7.69
N VAL B 74 37.58 14.49 7.97
CA VAL B 74 36.67 15.41 8.63
C VAL B 74 36.63 16.70 7.80
N VAL B 75 35.46 17.02 7.25
CA VAL B 75 35.31 18.22 6.44
C VAL B 75 34.67 19.30 7.32
N MET B 76 35.24 20.49 7.33
CA MET B 76 34.73 21.58 8.14
C MET B 76 34.85 22.93 7.45
N GLY B 77 34.07 23.89 7.93
CA GLY B 77 34.11 25.23 7.38
C GLY B 77 35.32 25.91 8.02
N ARG B 78 35.82 26.97 7.40
CA ARG B 78 36.98 27.68 7.92
C ARG B 78 36.78 28.14 9.36
N LYS B 79 35.63 28.77 9.63
CA LYS B 79 35.32 29.25 10.96
C LYS B 79 35.42 28.15 12.01
N THR B 80 35.08 26.92 11.62
CA THR B 80 35.16 25.80 12.54
C THR B 80 36.62 25.45 12.79
N TRP B 81 37.43 25.59 11.74
CA TRP B 81 38.86 25.30 11.85
C TRP B 81 39.50 26.37 12.75
N ASP B 82 39.04 27.61 12.62
CA ASP B 82 39.58 28.70 13.43
C ASP B 82 39.22 28.50 14.90
N SER B 83 38.07 27.90 15.16
CA SER B 83 37.62 27.67 16.53
C SER B 83 38.50 26.67 17.26
N ILE B 84 39.28 25.90 16.52
CA ILE B 84 40.17 24.92 17.12
C ILE B 84 41.42 25.61 17.63
N PRO B 85 41.74 25.45 18.92
CA PRO B 85 42.95 26.10 19.44
C PRO B 85 44.13 25.82 18.50
N PRO B 86 44.77 26.87 17.98
CA PRO B 86 45.90 26.70 17.07
C PRO B 86 46.85 25.59 17.51
N LYS B 87 47.02 25.45 18.82
CA LYS B 87 47.90 24.42 19.37
C LYS B 87 47.36 23.00 19.19
N PHE B 88 46.05 22.87 19.03
CA PHE B 88 45.42 21.56 18.85
C PHE B 88 44.96 21.28 17.42
N ARG B 89 45.61 21.93 16.45
CA ARG B 89 45.26 21.75 15.05
C ARG B 89 46.40 21.03 14.33
N PRO B 90 46.07 20.09 13.43
CA PRO B 90 44.73 19.66 13.05
C PRO B 90 44.24 18.55 13.98
N LEU B 91 42.97 18.18 13.86
CA LEU B 91 42.45 17.10 14.69
C LEU B 91 43.27 15.87 14.27
N PRO B 92 43.99 15.26 15.22
CA PRO B 92 44.83 14.09 14.96
C PRO B 92 44.16 12.78 14.52
N GLY B 93 44.90 12.02 13.71
CA GLY B 93 44.41 10.75 13.21
C GLY B 93 43.37 10.84 12.10
N ARG B 94 43.16 12.04 11.58
CA ARG B 94 42.18 12.26 10.52
C ARG B 94 42.66 13.30 9.52
N LEU B 95 42.20 13.20 8.27
CA LEU B 95 42.55 14.17 7.24
C LEU B 95 41.62 15.36 7.49
N ASN B 96 42.19 16.54 7.74
CA ASN B 96 41.38 17.72 7.98
C ASN B 96 41.14 18.51 6.70
N VAL B 97 39.91 18.45 6.20
CA VAL B 97 39.56 19.15 4.97
C VAL B 97 38.82 20.41 5.34
N VAL B 98 39.45 21.55 5.10
CA VAL B 98 38.84 22.83 5.43
C VAL B 98 38.34 23.59 4.21
N LEU B 99 37.07 23.99 4.28
CA LEU B 99 36.43 24.73 3.22
C LEU B 99 36.77 26.20 3.43
N SER B 100 37.37 26.82 2.43
CA SER B 100 37.77 28.22 2.52
C SER B 100 37.98 28.84 1.15
N SER B 101 37.57 30.09 0.98
CA SER B 101 37.75 30.78 -0.29
C SER B 101 38.78 31.91 -0.18
N THR B 102 39.73 31.74 0.74
CA THR B 102 40.80 32.72 0.96
C THR B 102 42.05 31.99 1.45
N LEU B 103 41.86 31.07 2.39
CA LEU B 103 42.98 30.31 2.93
C LEU B 103 43.44 29.27 1.93
N THR B 104 44.65 28.75 2.13
CA THR B 104 45.23 27.75 1.25
C THR B 104 45.86 26.68 2.14
N THR B 105 46.23 25.54 1.56
CA THR B 105 46.85 24.47 2.35
C THR B 105 48.05 24.96 3.15
N GLN B 106 48.89 25.78 2.51
CA GLN B 106 50.07 26.32 3.20
C GLN B 106 49.62 27.30 4.28
N HIS B 107 48.63 28.12 3.94
CA HIS B 107 48.09 29.11 4.87
C HIS B 107 47.64 28.46 6.19
N LEU B 108 46.89 27.37 6.08
CA LEU B 108 46.40 26.66 7.26
C LEU B 108 47.58 26.07 8.03
N LEU B 109 48.53 25.52 7.28
CA LEU B 109 49.72 24.91 7.85
C LEU B 109 50.57 25.83 8.73
N ASP B 110 50.84 27.04 8.23
CA ASP B 110 51.64 28.02 8.96
C ASP B 110 50.96 28.52 10.24
N GLY B 111 49.64 28.42 10.30
CA GLY B 111 48.92 28.87 11.48
C GLY B 111 49.28 28.04 12.70
N LEU B 112 49.96 26.93 12.46
CA LEU B 112 50.37 26.02 13.53
C LEU B 112 51.74 26.42 14.09
N PRO B 113 51.85 26.58 15.41
CA PRO B 113 53.07 26.97 16.12
C PRO B 113 54.38 26.31 15.68
N ASP B 114 54.76 25.22 16.34
CA ASP B 114 56.02 24.54 16.02
C ASP B 114 56.09 23.86 14.65
N GLU B 115 57.25 23.99 14.01
CA GLU B 115 57.50 23.42 12.69
C GLU B 115 57.70 21.91 12.68
N GLU B 116 58.06 21.33 13.83
CA GLU B 116 58.26 19.88 13.90
C GLU B 116 56.97 19.20 13.42
N LYS B 117 55.84 19.85 13.69
CA LYS B 117 54.55 19.32 13.27
C LYS B 117 54.08 20.02 12.00
N ARG B 118 54.72 21.14 11.63
CA ARG B 118 54.35 21.85 10.42
C ARG B 118 54.73 21.01 9.21
N ASN B 119 55.27 19.83 9.49
CA ASN B 119 55.67 18.88 8.46
C ASN B 119 55.18 17.47 8.81
N LEU B 120 54.94 17.22 10.09
CA LEU B 120 54.44 15.92 10.52
C LEU B 120 52.94 15.89 10.22
N HIS B 121 52.39 17.06 9.95
CA HIS B 121 50.97 17.19 9.64
C HIS B 121 50.76 17.79 8.26
N ALA B 122 51.83 17.93 7.50
CA ALA B 122 51.74 18.48 6.15
C ALA B 122 50.82 17.59 5.32
N ASP B 123 50.67 16.35 5.77
CA ASP B 123 49.85 15.35 5.09
C ASP B 123 48.40 15.36 5.57
N SER B 124 48.22 15.69 6.85
CA SER B 124 46.91 15.69 7.48
C SER B 124 46.05 16.94 7.30
N ILE B 125 46.40 17.80 6.36
CA ILE B 125 45.60 19.01 6.15
C ILE B 125 45.46 19.37 4.68
N VAL B 126 44.25 19.76 4.28
CA VAL B 126 43.97 20.15 2.91
C VAL B 126 42.81 21.15 2.85
N ALA B 127 43.02 22.23 2.09
CA ALA B 127 42.00 23.25 1.96
C ALA B 127 41.27 23.11 0.64
N VAL B 128 39.97 23.36 0.66
CA VAL B 128 39.16 23.27 -0.55
C VAL B 128 38.49 24.60 -0.82
N ASN B 129 38.78 25.16 -1.99
CA ASN B 129 38.22 26.43 -2.39
C ASN B 129 36.80 26.20 -2.91
N GLY B 130 35.86 26.01 -2.00
CA GLY B 130 34.48 25.78 -2.41
C GLY B 130 33.62 25.29 -1.27
N GLY B 131 32.45 24.77 -1.63
CA GLY B 131 31.53 24.27 -0.63
C GLY B 131 31.69 22.79 -0.39
N LEU B 132 30.82 22.24 0.45
CA LEU B 132 30.84 20.83 0.79
C LEU B 132 30.91 19.95 -0.46
N GLU B 133 30.06 20.24 -1.43
CA GLU B 133 30.00 19.47 -2.67
C GLU B 133 31.36 19.33 -3.35
N GLN B 134 32.12 20.42 -3.41
CA GLN B 134 33.44 20.38 -4.03
C GLN B 134 34.34 19.47 -3.21
N ALA B 135 34.19 19.52 -1.89
CA ALA B 135 35.00 18.69 -1.01
C ALA B 135 34.71 17.21 -1.24
N LEU B 136 33.43 16.86 -1.38
CA LEU B 136 33.02 15.48 -1.61
C LEU B 136 33.47 15.03 -3.00
N ARG B 137 33.51 16.00 -3.91
CA ARG B 137 33.93 15.76 -5.29
C ARG B 137 35.42 15.45 -5.26
N LEU B 138 36.15 16.18 -4.43
CA LEU B 138 37.59 15.99 -4.27
C LEU B 138 37.84 14.64 -3.59
N LEU B 139 37.13 14.37 -2.49
CA LEU B 139 37.30 13.11 -1.77
C LEU B 139 36.91 11.91 -2.63
N ALA B 140 36.30 12.17 -3.78
CA ALA B 140 35.89 11.10 -4.70
C ALA B 140 37.01 10.73 -5.67
N SER B 141 38.07 11.52 -5.69
CA SER B 141 39.22 11.28 -6.58
C SER B 141 40.03 10.07 -6.12
N PRO B 142 40.85 9.50 -7.02
CA PRO B 142 41.69 8.33 -6.71
C PRO B 142 42.59 8.45 -5.47
N ASN B 143 43.08 9.66 -5.21
CA ASN B 143 43.96 9.88 -4.07
C ASN B 143 43.29 9.71 -2.72
N TYR B 144 41.98 9.93 -2.65
CA TYR B 144 41.27 9.83 -1.38
C TYR B 144 40.31 8.64 -1.26
N THR B 145 39.78 8.17 -2.40
CA THR B 145 38.89 7.02 -2.41
C THR B 145 39.65 5.87 -3.06
N PRO B 146 39.76 4.72 -2.37
CA PRO B 146 39.23 4.40 -1.03
C PRO B 146 40.13 4.58 0.19
N SER B 147 41.27 5.27 0.05
CA SER B 147 42.16 5.46 1.20
C SER B 147 41.40 6.03 2.41
N ILE B 148 40.42 6.89 2.14
CA ILE B 148 39.60 7.48 3.21
C ILE B 148 38.46 6.51 3.46
N GLU B 149 38.40 5.92 4.66
CA GLU B 149 37.34 4.98 4.96
C GLU B 149 35.98 5.66 5.12
N THR B 150 35.90 6.68 5.95
CA THR B 150 34.63 7.39 6.14
C THR B 150 34.83 8.91 6.22
N VAL B 151 33.93 9.65 5.58
CA VAL B 151 34.01 11.11 5.59
C VAL B 151 32.97 11.65 6.57
N TYR B 152 33.39 12.57 7.43
CA TYR B 152 32.48 13.18 8.40
C TYR B 152 32.41 14.70 8.24
N CYS B 153 31.21 15.22 8.00
CA CYS B 153 31.02 16.66 7.89
C CYS B 153 30.87 17.04 9.37
N ILE B 154 31.78 17.85 9.88
CA ILE B 154 31.74 18.19 11.30
C ILE B 154 31.35 19.58 11.73
N GLY B 155 30.85 20.42 10.84
CA GLY B 155 30.49 21.71 11.36
C GLY B 155 30.58 22.94 10.50
N GLY B 156 29.81 23.92 10.95
CA GLY B 156 29.66 25.16 10.26
C GLY B 156 28.20 25.09 9.90
N GLY B 157 27.44 26.13 10.25
CA GLY B 157 26.03 26.13 9.95
C GLY B 157 25.80 26.03 8.45
N SER B 158 26.65 26.71 7.69
CA SER B 158 26.53 26.71 6.23
C SER B 158 26.96 25.38 5.63
N VAL B 159 27.84 24.66 6.33
CA VAL B 159 28.29 23.37 5.83
C VAL B 159 27.18 22.34 6.05
N TYR B 160 26.52 22.42 7.20
CA TYR B 160 25.43 21.51 7.52
C TYR B 160 24.26 21.74 6.56
N ALA B 161 23.92 23.01 6.35
CA ALA B 161 22.81 23.36 5.47
C ALA B 161 23.02 22.80 4.05
N GLU B 162 24.26 22.77 3.58
CA GLU B 162 24.53 22.24 2.25
C GLU B 162 24.49 20.72 2.28
N ALA B 163 24.84 20.15 3.43
CA ALA B 163 24.83 18.70 3.58
C ALA B 163 23.40 18.18 3.59
N LEU B 164 22.48 19.02 4.06
CA LEU B 164 21.07 18.65 4.16
C LEU B 164 20.21 18.97 2.94
N ARG B 165 20.82 19.44 1.86
CA ARG B 165 20.07 19.73 0.64
C ARG B 165 20.71 19.02 -0.53
N PRO B 166 19.94 18.81 -1.62
CA PRO B 166 20.51 18.12 -2.79
C PRO B 166 21.60 19.01 -3.39
N PRO B 167 22.61 18.41 -4.05
CA PRO B 167 22.82 16.98 -4.29
C PRO B 167 23.50 16.23 -3.14
N CYS B 168 24.16 16.95 -2.24
CA CYS B 168 24.87 16.30 -1.14
C CYS B 168 24.05 15.36 -0.26
N VAL B 169 22.79 15.71 0.02
CA VAL B 169 21.98 14.85 0.87
C VAL B 169 21.86 13.43 0.37
N HIS B 170 21.96 13.26 -0.94
CA HIS B 170 21.83 11.94 -1.51
C HIS B 170 23.05 11.09 -1.21
N LEU B 171 24.08 11.72 -0.64
CA LEU B 171 25.29 11.02 -0.28
C LEU B 171 25.46 10.94 1.23
N LEU B 172 24.48 11.46 1.96
CA LEU B 172 24.51 11.44 3.42
C LEU B 172 24.08 10.06 3.93
N GLN B 173 25.03 9.30 4.47
CA GLN B 173 24.75 7.96 4.97
C GLN B 173 24.15 7.96 6.37
N ALA B 174 24.49 8.96 7.17
CA ALA B 174 23.98 9.01 8.53
C ALA B 174 24.20 10.36 9.19
N ILE B 175 23.37 10.66 10.18
CA ILE B 175 23.46 11.90 10.92
C ILE B 175 23.56 11.55 12.40
N TYR B 176 24.65 11.98 13.02
CA TYR B 176 24.86 11.72 14.43
C TYR B 176 24.60 13.04 15.14
N ARG B 177 23.53 13.09 15.92
CA ARG B 177 23.18 14.32 16.62
C ARG B 177 23.18 14.16 18.13
N THR B 178 23.92 15.04 18.79
CA THR B 178 23.97 15.03 20.25
C THR B 178 23.15 16.23 20.68
N THR B 179 22.24 16.01 21.63
CA THR B 179 21.40 17.08 22.13
C THR B 179 21.77 17.39 23.57
N ILE B 180 22.35 18.57 23.78
CA ILE B 180 22.74 19.00 25.12
C ILE B 180 21.53 19.76 25.65
N ARG B 181 20.96 19.26 26.74
CA ARG B 181 19.79 19.89 27.31
C ARG B 181 20.13 21.08 28.20
N ALA B 182 21.10 21.87 27.73
CA ALA B 182 21.57 23.07 28.43
C ALA B 182 20.86 24.26 27.80
N SER B 183 20.30 25.13 28.63
CA SER B 183 19.57 26.29 28.12
C SER B 183 20.40 27.55 27.89
N GLU B 184 20.69 27.80 26.62
CA GLU B 184 21.45 28.97 26.19
C GLU B 184 20.77 29.42 24.90
N SER B 185 20.85 30.70 24.59
CA SER B 185 20.23 31.21 23.38
C SER B 185 21.30 31.62 22.36
N SER B 186 22.56 31.40 22.73
CA SER B 186 23.70 31.74 21.86
C SER B 186 23.85 30.70 20.74
N CYS B 187 22.80 30.58 19.92
CA CYS B 187 22.79 29.63 18.81
C CYS B 187 21.98 30.24 17.67
N SER B 188 22.51 31.31 17.09
CA SER B 188 21.84 32.02 16.01
C SER B 188 21.30 31.14 14.87
N VAL B 189 21.87 29.96 14.68
CA VAL B 189 21.45 29.06 13.62
C VAL B 189 20.91 27.73 14.15
N PHE B 190 19.88 27.20 13.49
CA PHE B 190 19.29 25.93 13.91
C PHE B 190 19.52 24.76 12.95
N PHE B 191 19.55 23.56 13.51
CA PHE B 191 19.77 22.33 12.76
C PHE B 191 18.43 21.65 12.53
N ARG B 192 18.04 21.48 11.27
CA ARG B 192 16.77 20.84 10.94
C ARG B 192 16.87 19.69 9.96
N VAL B 193 16.53 18.49 10.43
CA VAL B 193 16.53 17.32 9.55
C VAL B 193 15.23 17.36 8.75
N PRO B 194 15.33 17.41 7.41
CA PRO B 194 14.15 17.45 6.53
C PRO B 194 13.10 16.43 6.95
N GLU B 195 11.85 16.88 7.07
CA GLU B 195 10.76 16.00 7.49
C GLU B 195 10.30 15.07 6.36
N SER B 196 9.87 13.87 6.76
CA SER B 196 9.40 12.86 5.82
C SER B 196 8.28 13.36 4.91
N GLY B 197 8.46 13.17 3.61
CA GLY B 197 7.44 13.57 2.66
C GLY B 197 7.40 15.03 2.23
N THR B 198 8.24 15.88 2.81
CA THR B 198 8.25 17.29 2.41
C THR B 198 9.21 17.46 1.25
N GLU B 199 9.02 18.54 0.49
CA GLU B 199 9.88 18.81 -0.67
C GLU B 199 11.35 18.91 -0.30
N ALA B 200 11.60 19.57 0.83
CA ALA B 200 12.96 19.73 1.31
C ALA B 200 13.65 18.39 1.52
N ALA B 201 12.88 17.36 1.86
CA ALA B 201 13.45 16.03 2.11
C ALA B 201 13.90 15.33 0.83
N ALA B 202 13.46 15.83 -0.31
CA ALA B 202 13.82 15.28 -1.61
C ALA B 202 13.74 13.76 -1.70
N GLY B 203 12.60 13.21 -1.28
CA GLY B 203 12.38 11.78 -1.37
C GLY B 203 13.01 10.91 -0.31
N ILE B 204 13.87 11.48 0.54
CA ILE B 204 14.52 10.71 1.58
C ILE B 204 13.68 10.69 2.86
N GLU B 205 13.60 9.53 3.50
CA GLU B 205 12.84 9.40 4.74
C GLU B 205 13.80 9.18 5.89
N TRP B 206 14.13 10.24 6.62
CA TRP B 206 15.05 10.13 7.74
C TRP B 206 14.42 9.39 8.91
N GLN B 207 15.17 8.45 9.49
CA GLN B 207 14.68 7.66 10.62
C GLN B 207 15.78 7.41 11.63
N ARG B 208 15.40 7.33 12.90
CA ARG B 208 16.36 7.06 13.96
C ARG B 208 16.72 5.58 13.96
N GLU B 209 18.01 5.26 13.97
CA GLU B 209 18.44 3.88 14.06
C GLU B 209 18.55 3.65 15.56
N THR B 210 18.97 4.71 16.26
CA THR B 210 19.14 4.69 17.71
C THR B 210 18.94 6.06 18.36
N ILE B 211 18.65 6.01 19.64
CA ILE B 211 18.48 7.19 20.49
C ILE B 211 18.75 6.66 21.89
N SER B 212 19.70 7.30 22.57
CA SER B 212 20.05 6.86 23.90
C SER B 212 19.07 7.42 24.92
N GLU B 213 19.18 6.95 26.15
CA GLU B 213 18.33 7.45 27.22
C GLU B 213 19.00 8.74 27.64
N GLU B 214 18.34 9.53 28.47
CA GLU B 214 18.92 10.78 28.94
C GLU B 214 20.11 10.46 29.85
N LEU B 215 21.26 11.05 29.53
CA LEU B 215 22.48 10.84 30.29
C LEU B 215 22.90 12.12 31.01
N THR B 216 23.74 11.97 32.03
CA THR B 216 24.21 13.12 32.80
C THR B 216 25.73 13.22 32.73
N SER B 217 26.23 14.42 32.45
CA SER B 217 27.67 14.65 32.34
C SER B 217 28.35 14.62 33.70
N ALA B 218 29.66 14.37 33.67
CA ALA B 218 30.47 14.32 34.89
C ALA B 218 31.35 15.57 34.88
N ASN B 219 30.81 16.65 34.32
CA ASN B 219 31.56 17.90 34.22
C ASN B 219 31.18 18.96 35.25
N GLY B 220 30.46 18.55 36.29
CA GLY B 220 30.10 19.50 37.33
C GLY B 220 28.77 20.22 37.19
N ASN B 221 28.31 20.41 35.96
CA ASN B 221 27.04 21.10 35.75
C ASN B 221 25.85 20.13 35.69
N GLU B 222 26.12 18.84 35.76
CA GLU B 222 25.06 17.82 35.71
C GLU B 222 24.31 17.92 34.38
N THR B 223 24.94 18.50 33.37
CA THR B 223 24.32 18.67 32.06
C THR B 223 23.61 17.42 31.56
N LYS B 224 22.36 17.60 31.13
CA LYS B 224 21.57 16.50 30.60
C LYS B 224 21.77 16.49 29.09
N TYR B 225 22.03 15.31 28.54
CA TYR B 225 22.25 15.17 27.11
C TYR B 225 21.94 13.75 26.67
N TYR B 226 21.67 13.58 25.38
CA TYR B 226 21.38 12.25 24.83
C TYR B 226 21.85 12.20 23.38
N PHE B 227 22.00 10.98 22.85
CA PHE B 227 22.46 10.82 21.47
C PHE B 227 21.38 10.28 20.55
N GLU B 228 21.59 10.48 19.25
CA GLU B 228 20.70 10.03 18.19
C GLU B 228 21.50 9.68 16.94
N LYS B 229 21.13 8.60 16.27
CA LYS B 229 21.75 8.24 15.02
C LYS B 229 20.57 8.13 14.05
N LEU B 230 20.57 8.98 13.03
CA LEU B 230 19.51 8.99 12.03
C LEU B 230 20.05 8.47 10.71
N ILE B 231 19.25 7.67 10.02
CA ILE B 231 19.65 7.09 8.74
C ILE B 231 18.56 7.22 7.69
N PRO B 232 18.95 7.28 6.41
CA PRO B 232 17.99 7.39 5.30
C PRO B 232 17.36 6.02 5.07
N ARG B 233 16.04 5.94 5.24
CA ARG B 233 15.33 4.68 5.08
C ARG B 233 15.70 3.98 3.78
N ASN B 234 16.01 2.69 3.88
CA ASN B 234 16.39 1.88 2.72
C ASN B 234 15.25 0.95 2.36
N ARG B 235 14.32 1.46 1.57
CA ARG B 235 13.17 0.67 1.15
C ARG B 235 13.58 -0.57 0.36
N GLU B 236 14.63 -0.46 -0.44
CA GLU B 236 15.08 -1.61 -1.23
C GLU B 236 15.44 -2.81 -0.37
N GLU B 237 16.26 -2.60 0.65
CA GLU B 237 16.63 -3.72 1.51
C GLU B 237 15.43 -4.19 2.32
N GLU B 238 14.43 -3.33 2.48
CA GLU B 238 13.24 -3.73 3.22
C GLU B 238 12.41 -4.70 2.39
N GLN B 239 12.62 -4.70 1.07
CA GLN B 239 11.88 -5.63 0.19
C GLN B 239 12.28 -7.04 0.62
N TYR B 240 13.59 -7.20 0.77
CA TYR B 240 14.20 -8.47 1.15
C TYR B 240 13.81 -8.89 2.55
N LEU B 241 13.75 -7.94 3.48
CA LEU B 241 13.38 -8.29 4.85
C LEU B 241 11.90 -8.67 4.92
N SER B 242 11.05 -7.89 4.26
CA SER B 242 9.62 -8.18 4.27
C SER B 242 9.34 -9.57 3.73
N LEU B 243 10.05 -9.94 2.67
CA LEU B 243 9.87 -11.26 2.07
C LEU B 243 10.30 -12.36 3.03
N VAL B 244 11.45 -12.17 3.69
CA VAL B 244 11.94 -13.17 4.65
C VAL B 244 10.92 -13.35 5.78
N ASP B 245 10.42 -12.24 6.30
CA ASP B 245 9.44 -12.31 7.38
C ASP B 245 8.17 -13.03 6.96
N ARG B 246 7.71 -12.72 5.74
CA ARG B 246 6.50 -13.33 5.20
C ARG B 246 6.71 -14.84 5.06
N ILE B 247 7.89 -15.23 4.61
CA ILE B 247 8.18 -16.65 4.44
C ILE B 247 8.18 -17.38 5.78
N ILE B 248 8.79 -16.79 6.79
CA ILE B 248 8.83 -17.42 8.10
C ILE B 248 7.44 -17.47 8.74
N ARG B 249 6.67 -16.40 8.54
CA ARG B 249 5.33 -16.31 9.10
C ARG B 249 4.28 -17.13 8.36
N GLU B 250 4.36 -17.13 7.03
CA GLU B 250 3.36 -17.81 6.21
C GLU B 250 3.82 -18.87 5.23
N GLY B 251 5.13 -19.09 5.11
CA GLY B 251 5.62 -20.08 4.17
C GLY B 251 5.25 -21.53 4.45
N ASN B 252 5.27 -22.35 3.41
CA ASN B 252 4.96 -23.78 3.52
C ASN B 252 6.19 -24.54 4.01
N VAL B 253 6.04 -25.33 5.06
CA VAL B 253 7.18 -26.11 5.56
C VAL B 253 7.30 -27.38 4.74
N LYS B 254 8.51 -27.70 4.30
CA LYS B 254 8.75 -28.90 3.52
C LYS B 254 10.03 -29.54 4.02
N HIS B 255 10.15 -30.85 3.84
CA HIS B 255 11.34 -31.57 4.27
C HIS B 255 12.01 -32.37 3.15
N ASP B 256 13.31 -32.15 2.97
CA ASP B 256 14.12 -32.84 1.97
C ASP B 256 13.97 -34.35 2.13
N ARG B 257 14.40 -35.08 1.12
CA ARG B 257 14.33 -36.54 1.20
C ARG B 257 15.45 -36.94 2.15
N THR B 258 16.27 -35.97 2.51
CA THR B 258 17.39 -36.19 3.42
C THR B 258 17.10 -35.63 4.82
N GLY B 259 15.90 -35.10 5.00
CA GLY B 259 15.51 -34.57 6.30
C GLY B 259 15.69 -33.07 6.50
N VAL B 260 16.17 -32.37 5.47
CA VAL B 260 16.36 -30.92 5.57
C VAL B 260 15.03 -30.18 5.41
N GLY B 261 14.71 -29.30 6.35
CA GLY B 261 13.46 -28.57 6.27
C GLY B 261 13.53 -27.12 5.82
N THR B 262 12.45 -26.65 5.18
CA THR B 262 12.39 -25.28 4.73
C THR B 262 10.98 -24.72 4.76
N LEU B 263 10.87 -23.40 4.85
CA LEU B 263 9.59 -22.74 4.80
C LEU B 263 9.70 -22.02 3.46
N SER B 264 8.64 -21.99 2.67
CA SER B 264 8.76 -21.35 1.38
C SER B 264 7.50 -20.79 0.75
N ILE B 265 7.71 -19.87 -0.19
CA ILE B 265 6.63 -19.27 -0.96
C ILE B 265 7.10 -19.37 -2.42
N PHE B 266 6.18 -19.20 -3.36
CA PHE B 266 6.53 -19.29 -4.78
C PHE B 266 6.20 -18.00 -5.53
N GLY B 267 7.21 -17.44 -6.19
CA GLY B 267 7.01 -16.23 -6.97
C GLY B 267 7.09 -14.89 -6.25
N ALA B 268 8.20 -14.20 -6.45
CA ALA B 268 8.40 -12.88 -5.85
C ALA B 268 9.28 -12.07 -6.78
N GLN B 269 9.33 -10.76 -6.58
CA GLN B 269 10.13 -9.90 -7.41
C GLN B 269 10.59 -8.72 -6.56
N MET B 270 11.86 -8.33 -6.73
CA MET B 270 12.43 -7.20 -6.00
C MET B 270 13.17 -6.31 -6.99
N ARG B 271 13.29 -5.02 -6.65
CA ARG B 271 13.97 -4.07 -7.51
C ARG B 271 15.07 -3.35 -6.74
N PHE B 272 16.20 -3.10 -7.40
CA PHE B 272 17.35 -2.43 -6.80
C PHE B 272 18.01 -1.46 -7.77
N SER B 273 18.29 -0.24 -7.32
CA SER B 273 18.92 0.77 -8.17
C SER B 273 20.43 0.60 -8.19
N LEU B 274 21.03 0.82 -9.36
CA LEU B 274 22.47 0.72 -9.55
C LEU B 274 23.02 2.07 -10.00
N ARG B 275 22.18 3.10 -9.91
CA ARG B 275 22.56 4.42 -10.34
C ARG B 275 23.56 5.13 -9.42
N ASN B 276 24.39 5.97 -10.01
CA ASN B 276 25.36 6.75 -9.25
C ASN B 276 26.26 5.93 -8.33
N ASN B 277 26.78 4.82 -8.84
CA ASN B 277 27.69 3.95 -8.10
C ASN B 277 27.12 3.17 -6.91
N ARG B 278 25.80 3.18 -6.74
CA ARG B 278 25.16 2.46 -5.64
C ARG B 278 25.29 0.95 -5.83
N LEU B 279 25.65 0.25 -4.75
CA LEU B 279 25.79 -1.20 -4.79
C LEU B 279 24.90 -1.83 -3.73
N PRO B 280 23.86 -2.58 -4.15
CA PRO B 280 22.92 -3.24 -3.25
C PRO B 280 23.43 -4.39 -2.38
N LEU B 281 24.50 -4.14 -1.62
CA LEU B 281 25.03 -5.15 -0.69
C LEU B 281 24.22 -4.96 0.58
N LEU B 282 23.43 -5.97 0.94
CA LEU B 282 22.59 -5.89 2.13
C LEU B 282 23.41 -5.50 3.35
N THR B 283 22.84 -4.63 4.19
CA THR B 283 23.54 -4.16 5.37
C THR B 283 23.18 -4.88 6.67
N THR B 284 22.03 -5.56 6.70
CA THR B 284 21.62 -6.25 7.92
C THR B 284 22.39 -7.54 8.17
N LYS B 285 23.20 -7.95 7.19
CA LYS B 285 24.06 -9.12 7.30
C LYS B 285 25.10 -8.98 6.21
N ARG B 286 26.36 -8.96 6.62
CA ARG B 286 27.47 -8.78 5.69
C ARG B 286 27.48 -9.81 4.56
N VAL B 287 27.62 -9.34 3.33
CA VAL B 287 27.69 -10.21 2.17
C VAL B 287 29.17 -10.45 1.83
N PHE B 288 29.51 -11.67 1.44
CA PHE B 288 30.90 -12.00 1.09
C PHE B 288 31.19 -11.46 -0.32
N TRP B 289 31.37 -10.15 -0.39
CA TRP B 289 31.63 -9.48 -1.67
C TRP B 289 32.81 -10.03 -2.48
N ARG B 290 33.92 -10.36 -1.82
CA ARG B 290 35.08 -10.86 -2.54
C ARG B 290 34.76 -12.15 -3.27
N GLY B 291 33.92 -12.99 -2.67
CA GLY B 291 33.54 -14.23 -3.32
C GLY B 291 32.62 -13.93 -4.50
N VAL B 292 31.68 -13.01 -4.28
CA VAL B 292 30.74 -12.58 -5.31
C VAL B 292 31.50 -12.12 -6.55
N CYS B 293 32.46 -11.24 -6.31
CA CYS B 293 33.26 -10.67 -7.38
C CYS B 293 34.11 -11.72 -8.10
N GLU B 294 34.79 -12.56 -7.34
CA GLU B 294 35.63 -13.58 -7.96
C GLU B 294 34.77 -14.54 -8.79
N GLU B 295 33.69 -15.05 -8.21
CA GLU B 295 32.81 -15.96 -8.94
C GLU B 295 32.19 -15.33 -10.17
N LEU B 296 31.79 -14.06 -10.09
CA LEU B 296 31.19 -13.43 -11.26
C LEU B 296 32.21 -13.34 -12.39
N LEU B 297 33.40 -12.85 -12.09
CA LEU B 297 34.44 -12.74 -13.11
C LEU B 297 34.68 -14.16 -13.66
N TRP B 298 34.60 -15.14 -12.77
CA TRP B 298 34.79 -16.54 -13.12
C TRP B 298 33.71 -16.92 -14.15
N PHE B 299 32.47 -16.50 -13.90
CA PHE B 299 31.35 -16.79 -14.80
C PHE B 299 31.57 -16.14 -16.16
N LEU B 300 31.94 -14.85 -16.15
CA LEU B 300 32.16 -14.11 -17.40
C LEU B 300 33.23 -14.68 -18.30
N ARG B 301 34.26 -15.29 -17.70
CA ARG B 301 35.34 -15.91 -18.47
C ARG B 301 34.95 -17.32 -18.93
N GLY B 302 33.71 -17.71 -18.66
CA GLY B 302 33.22 -19.03 -19.07
C GLY B 302 34.01 -20.16 -18.44
N GLU B 303 34.46 -19.95 -17.21
CA GLU B 303 35.25 -20.93 -16.47
C GLU B 303 34.38 -22.07 -15.95
N THR B 304 34.97 -23.26 -15.81
CA THR B 304 34.23 -24.40 -15.29
C THR B 304 35.04 -25.13 -14.22
N TYR B 305 36.29 -24.71 -14.03
CA TYR B 305 37.18 -25.31 -13.04
C TYR B 305 37.08 -24.55 -11.71
N ALA B 306 36.42 -25.18 -10.75
CA ALA B 306 36.22 -24.58 -9.43
C ALA B 306 37.49 -24.37 -8.60
N LYS B 307 38.57 -25.05 -8.97
CA LYS B 307 39.83 -24.90 -8.25
C LYS B 307 40.35 -23.48 -8.33
N LYS B 308 40.10 -22.81 -9.45
CA LYS B 308 40.53 -21.43 -9.64
C LYS B 308 39.92 -20.50 -8.60
N LEU B 309 38.74 -20.86 -8.13
CA LEU B 309 38.03 -20.08 -7.12
C LEU B 309 38.50 -20.55 -5.74
N SER B 310 38.70 -21.86 -5.63
CA SER B 310 39.15 -22.48 -4.38
C SER B 310 40.54 -21.97 -3.98
N ASP B 311 41.38 -21.72 -4.98
CA ASP B 311 42.74 -21.22 -4.73
C ASP B 311 42.76 -19.73 -4.40
N LYS B 312 41.58 -19.11 -4.40
CA LYS B 312 41.48 -17.69 -4.07
C LYS B 312 40.75 -17.48 -2.75
N GLY B 313 40.53 -18.57 -2.03
CA GLY B 313 39.84 -18.49 -0.75
C GLY B 313 38.33 -18.54 -0.87
N VAL B 314 37.83 -18.74 -2.09
CA VAL B 314 36.39 -18.82 -2.35
C VAL B 314 36.07 -20.30 -2.47
N HIS B 315 35.47 -20.86 -1.42
CA HIS B 315 35.15 -22.29 -1.39
C HIS B 315 33.69 -22.66 -1.61
N ILE B 316 32.93 -21.78 -2.26
CA ILE B 316 31.52 -22.01 -2.49
C ILE B 316 31.18 -23.20 -3.39
N TRP B 317 32.18 -23.73 -4.10
CA TRP B 317 31.95 -24.87 -4.99
C TRP B 317 32.61 -26.17 -4.53
N ASP B 318 33.27 -26.14 -3.38
CA ASP B 318 33.94 -27.32 -2.84
C ASP B 318 33.09 -28.59 -2.82
N ASP B 319 31.95 -28.53 -2.13
CA ASP B 319 31.07 -29.69 -2.04
C ASP B 319 30.69 -30.30 -3.38
N ASN B 320 30.25 -29.48 -4.32
CA ASN B 320 29.84 -29.98 -5.62
C ASN B 320 31.01 -30.20 -6.58
N GLY B 321 32.23 -30.11 -6.07
CA GLY B 321 33.38 -30.31 -6.93
C GLY B 321 34.27 -31.46 -6.47
N SER B 322 33.78 -32.27 -5.54
CA SER B 322 34.56 -33.40 -5.03
C SER B 322 34.42 -34.67 -5.84
N ARG B 323 35.40 -35.56 -5.68
CA ARG B 323 35.45 -36.84 -6.36
C ARG B 323 34.18 -37.64 -6.06
N ALA B 324 33.70 -37.54 -4.83
CA ALA B 324 32.50 -38.25 -4.40
C ALA B 324 31.25 -37.73 -5.11
N PHE B 325 30.96 -36.44 -4.92
CA PHE B 325 29.80 -35.83 -5.55
C PHE B 325 29.79 -36.07 -7.06
N LEU B 326 30.89 -35.73 -7.71
CA LEU B 326 31.01 -35.91 -9.15
C LEU B 326 30.67 -37.34 -9.59
N ASP B 327 31.20 -38.31 -8.87
CA ASP B 327 30.94 -39.72 -9.20
C ASP B 327 29.49 -40.08 -8.92
N SER B 328 28.87 -39.39 -7.96
CA SER B 328 27.47 -39.68 -7.63
C SER B 328 26.61 -39.29 -8.82
N ARG B 329 27.11 -38.35 -9.62
CA ARG B 329 26.41 -37.85 -10.80
C ARG B 329 26.79 -38.63 -12.05
N GLY B 330 27.70 -39.59 -11.89
CA GLY B 330 28.12 -40.38 -13.04
C GLY B 330 29.16 -39.64 -13.87
N LEU B 331 29.69 -38.55 -13.32
CA LEU B 331 30.70 -37.75 -14.02
C LEU B 331 32.09 -38.26 -13.59
N THR B 332 32.34 -39.54 -13.82
CA THR B 332 33.60 -40.13 -13.42
C THR B 332 34.85 -39.62 -14.13
N GLU B 333 34.73 -39.23 -15.39
CA GLU B 333 35.90 -38.74 -16.11
C GLU B 333 36.27 -37.31 -15.76
N TYR B 334 35.44 -36.62 -14.95
CA TYR B 334 35.75 -35.24 -14.57
C TYR B 334 36.76 -35.22 -13.44
N GLU B 335 37.82 -34.42 -13.60
CA GLU B 335 38.82 -34.29 -12.56
C GLU B 335 38.10 -33.59 -11.41
N GLU B 336 38.59 -33.74 -10.18
CA GLU B 336 37.92 -33.08 -9.07
C GLU B 336 37.90 -31.57 -9.32
N MET B 337 36.79 -30.93 -8.95
CA MET B 337 36.60 -29.49 -9.13
C MET B 337 36.21 -29.11 -10.55
N ASP B 338 36.18 -30.07 -11.47
CA ASP B 338 35.75 -29.80 -12.83
C ASP B 338 34.24 -30.01 -12.74
N LEU B 339 33.50 -28.91 -12.79
CA LEU B 339 32.04 -28.95 -12.64
C LEU B 339 31.25 -29.27 -13.91
N GLY B 340 31.92 -29.29 -15.06
CA GLY B 340 31.22 -29.56 -16.30
C GLY B 340 30.75 -28.24 -16.89
N PRO B 341 29.99 -28.28 -18.00
CA PRO B 341 29.47 -27.09 -18.69
C PRO B 341 28.44 -26.26 -17.90
N VAL B 342 28.83 -25.80 -16.73
CA VAL B 342 27.93 -25.01 -15.88
C VAL B 342 28.01 -23.49 -16.08
N TYR B 343 26.98 -22.81 -15.61
CA TYR B 343 26.87 -21.35 -15.66
C TYR B 343 27.60 -20.61 -16.78
N GLY B 344 28.68 -19.94 -16.42
CA GLY B 344 29.47 -19.17 -17.37
C GLY B 344 29.76 -19.88 -18.68
N PHE B 345 29.90 -21.20 -18.64
CA PHE B 345 30.19 -21.96 -19.87
C PHE B 345 29.03 -21.85 -20.85
N GLN B 346 27.81 -21.98 -20.34
CA GLN B 346 26.64 -21.87 -21.19
C GLN B 346 26.52 -20.41 -21.66
N TRP B 347 26.92 -19.48 -20.79
CA TRP B 347 26.87 -18.06 -21.10
C TRP B 347 27.70 -17.68 -22.32
N ARG B 348 28.92 -18.21 -22.36
CA ARG B 348 29.86 -17.93 -23.45
C ARG B 348 29.92 -19.02 -24.51
N HIS B 349 29.47 -20.22 -24.14
CA HIS B 349 29.51 -21.34 -25.08
C HIS B 349 28.25 -22.19 -25.00
N PHE B 350 27.07 -21.57 -25.10
CA PHE B 350 25.84 -22.36 -25.02
C PHE B 350 25.80 -23.51 -26.03
N GLY B 351 25.60 -24.72 -25.53
CA GLY B 351 25.50 -25.88 -26.40
C GLY B 351 26.77 -26.56 -26.86
N ALA B 352 27.92 -26.03 -26.47
CA ALA B 352 29.20 -26.62 -26.86
C ALA B 352 29.41 -27.95 -26.14
N ALA B 353 29.91 -28.94 -26.88
CA ALA B 353 30.16 -30.25 -26.29
C ALA B 353 31.30 -30.10 -25.28
N TYR B 354 31.14 -30.73 -24.13
CA TYR B 354 32.14 -30.63 -23.08
C TYR B 354 32.90 -31.94 -22.87
N THR B 355 34.19 -31.82 -22.59
CA THR B 355 35.02 -32.98 -22.33
C THR B 355 35.68 -32.76 -20.99
N HIS B 356 36.55 -31.75 -20.91
CA HIS B 356 37.25 -31.42 -19.68
C HIS B 356 37.46 -29.91 -19.65
N HIS B 357 37.55 -29.34 -18.45
CA HIS B 357 37.75 -27.91 -18.30
C HIS B 357 39.05 -27.44 -18.99
N ASP B 358 39.93 -28.40 -19.29
CA ASP B 358 41.22 -28.12 -19.93
C ASP B 358 41.14 -27.77 -21.40
N ALA B 359 40.11 -28.25 -22.08
CA ALA B 359 39.96 -27.99 -23.51
C ALA B 359 39.89 -26.50 -23.81
N ASN B 360 40.10 -26.15 -25.07
CA ASN B 360 40.04 -24.76 -25.49
C ASN B 360 38.67 -24.61 -26.15
N TYR B 361 37.80 -23.84 -25.53
CA TYR B 361 36.44 -23.65 -26.03
C TYR B 361 36.20 -22.36 -26.81
N ASP B 362 37.27 -21.64 -27.12
CA ASP B 362 37.16 -20.39 -27.86
C ASP B 362 36.36 -20.60 -29.15
N GLY B 363 35.35 -19.76 -29.35
CA GLY B 363 34.53 -19.84 -30.55
C GLY B 363 33.54 -20.99 -30.57
N GLN B 364 33.45 -21.74 -29.47
CA GLN B 364 32.53 -22.87 -29.39
C GLN B 364 31.16 -22.47 -28.84
N GLY B 365 30.11 -23.03 -29.43
CA GLY B 365 28.76 -22.74 -29.00
C GLY B 365 28.35 -21.30 -29.24
N VAL B 366 27.28 -20.88 -28.58
CA VAL B 366 26.78 -19.51 -28.73
C VAL B 366 27.27 -18.60 -27.60
N ASP B 367 28.03 -17.58 -27.96
CA ASP B 367 28.52 -16.64 -26.98
C ASP B 367 27.43 -15.60 -26.76
N GLN B 368 26.50 -15.90 -25.86
CA GLN B 368 25.38 -15.01 -25.58
C GLN B 368 25.79 -13.65 -25.06
N ILE B 369 26.80 -13.61 -24.19
CA ILE B 369 27.25 -12.34 -23.64
C ILE B 369 27.78 -11.42 -24.74
N LYS B 370 28.65 -11.94 -25.59
CA LYS B 370 29.22 -11.13 -26.67
C LYS B 370 28.09 -10.63 -27.57
N ALA B 371 27.12 -11.50 -27.87
CA ALA B 371 25.99 -11.11 -28.70
C ALA B 371 25.16 -9.99 -28.07
N ILE B 372 24.91 -10.08 -26.77
CA ILE B 372 24.14 -9.05 -26.08
C ILE B 372 24.90 -7.72 -26.06
N VAL B 373 26.21 -7.79 -25.89
CA VAL B 373 27.04 -6.59 -25.86
C VAL B 373 26.93 -5.84 -27.16
N GLU B 374 27.12 -6.55 -28.28
CA GLU B 374 27.02 -5.91 -29.58
C GLU B 374 25.64 -5.35 -29.88
N THR B 375 24.60 -6.04 -29.41
CA THR B 375 23.23 -5.59 -29.62
C THR B 375 22.97 -4.31 -28.83
N LEU B 376 23.43 -4.29 -27.58
CA LEU B 376 23.25 -3.14 -26.70
C LEU B 376 23.83 -1.85 -27.31
N LYS B 377 24.94 -2.00 -28.02
CA LYS B 377 25.62 -0.87 -28.64
C LYS B 377 25.03 -0.39 -29.96
N THR B 378 24.33 -1.27 -30.68
CA THR B 378 23.76 -0.92 -31.96
C THR B 378 22.23 -0.80 -31.98
N ASN B 379 21.54 -1.65 -31.22
CA ASN B 379 20.09 -1.61 -31.19
C ASN B 379 19.59 -1.89 -29.77
N PRO B 380 19.89 -0.98 -28.83
CA PRO B 380 19.49 -1.10 -27.42
C PRO B 380 18.02 -1.39 -27.12
N ASP B 381 17.14 -1.13 -28.08
CA ASP B 381 15.72 -1.38 -27.85
C ASP B 381 15.29 -2.80 -28.19
N ASP B 382 16.25 -3.63 -28.57
CA ASP B 382 15.98 -5.02 -28.92
C ASP B 382 15.33 -5.74 -27.73
N ARG B 383 14.32 -6.56 -28.00
CA ARG B 383 13.62 -7.26 -26.93
C ARG B 383 14.03 -8.73 -26.79
N ARG B 384 15.22 -9.07 -27.30
CA ARG B 384 15.71 -10.43 -27.26
C ARG B 384 17.08 -10.52 -26.59
N MET B 385 17.43 -9.47 -25.85
CA MET B 385 18.71 -9.43 -25.17
C MET B 385 18.66 -10.15 -23.84
N LEU B 386 18.86 -11.46 -23.90
CA LEU B 386 18.88 -12.27 -22.71
C LEU B 386 19.76 -13.49 -22.91
N PHE B 387 20.26 -14.02 -21.82
CA PHE B 387 21.11 -15.20 -21.86
C PHE B 387 20.62 -16.18 -20.81
N THR B 388 20.85 -17.46 -21.06
CA THR B 388 20.43 -18.48 -20.12
C THR B 388 21.50 -19.56 -19.95
N ALA B 389 21.45 -20.21 -18.80
CA ALA B 389 22.36 -21.31 -18.50
C ALA B 389 21.51 -22.56 -18.43
N TRP B 390 20.20 -22.39 -18.53
CA TRP B 390 19.29 -23.53 -18.49
C TRP B 390 19.28 -24.24 -19.82
N ASN B 391 20.11 -25.29 -19.91
CA ASN B 391 20.26 -26.10 -21.12
C ASN B 391 19.86 -27.55 -20.82
N PRO B 392 18.61 -27.92 -21.07
CA PRO B 392 18.13 -29.28 -20.81
C PRO B 392 19.06 -30.38 -21.34
N SER B 393 19.70 -30.13 -22.49
CA SER B 393 20.62 -31.11 -23.09
C SER B 393 21.92 -31.28 -22.31
N ALA B 394 22.36 -30.24 -21.62
CA ALA B 394 23.61 -30.28 -20.87
C ALA B 394 23.45 -30.47 -19.36
N LEU B 395 22.24 -30.30 -18.83
CA LEU B 395 22.04 -30.45 -17.40
C LEU B 395 22.70 -31.70 -16.82
N PRO B 396 22.49 -32.87 -17.44
CA PRO B 396 23.08 -34.12 -16.93
C PRO B 396 24.61 -34.11 -16.88
N ARG B 397 25.24 -33.28 -17.70
CA ARG B 397 26.69 -33.21 -17.75
C ARG B 397 27.26 -32.21 -16.73
N MET B 398 26.36 -31.52 -16.03
CA MET B 398 26.76 -30.53 -15.05
C MET B 398 26.79 -31.14 -13.66
N ALA B 399 27.70 -30.64 -12.83
CA ALA B 399 27.78 -31.13 -11.47
C ALA B 399 26.43 -30.80 -10.84
N LEU B 400 25.89 -29.64 -11.22
CA LEU B 400 24.63 -29.18 -10.67
C LEU B 400 23.87 -28.30 -11.68
N PRO B 401 22.53 -28.30 -11.62
CA PRO B 401 21.73 -27.47 -12.54
C PRO B 401 21.79 -26.04 -12.02
N PRO B 402 21.85 -25.04 -12.92
CA PRO B 402 21.91 -23.65 -12.45
C PRO B 402 20.69 -23.16 -11.66
N CYS B 403 20.94 -22.29 -10.66
CA CYS B 403 19.90 -21.70 -9.82
C CYS B 403 19.46 -20.37 -10.46
N HIS B 404 20.41 -19.45 -10.65
CA HIS B 404 20.07 -18.20 -11.34
C HIS B 404 20.38 -18.60 -12.78
N LEU B 405 19.33 -18.83 -13.54
CA LEU B 405 19.44 -19.34 -14.91
C LEU B 405 19.10 -18.46 -16.11
N LEU B 406 18.61 -17.25 -15.88
CA LEU B 406 18.25 -16.39 -17.00
C LEU B 406 18.34 -14.92 -16.64
N ALA B 407 18.82 -14.11 -17.59
CA ALA B 407 18.92 -12.68 -17.39
C ALA B 407 18.61 -11.95 -18.70
N GLN B 408 17.82 -10.88 -18.60
CA GLN B 408 17.42 -10.09 -19.76
C GLN B 408 17.78 -8.64 -19.51
N PHE B 409 18.26 -7.98 -20.57
CA PHE B 409 18.62 -6.57 -20.46
C PHE B 409 17.60 -5.67 -21.11
N TYR B 410 17.60 -4.43 -20.65
CA TYR B 410 16.67 -3.40 -21.12
C TYR B 410 17.36 -2.04 -21.02
N VAL B 411 17.10 -1.19 -22.00
CA VAL B 411 17.71 0.13 -22.06
C VAL B 411 16.69 1.25 -22.14
N SER B 412 16.92 2.29 -21.35
CA SER B 412 16.04 3.45 -21.34
C SER B 412 16.84 4.65 -20.87
N ASN B 413 16.82 5.72 -21.67
CA ASN B 413 17.51 6.94 -21.36
C ASN B 413 19.00 6.73 -21.07
N GLY B 414 19.63 5.86 -21.86
CA GLY B 414 21.04 5.59 -21.67
C GLY B 414 21.41 4.75 -20.45
N GLU B 415 20.40 4.22 -19.76
CA GLU B 415 20.65 3.41 -18.58
C GLU B 415 20.38 1.94 -18.88
N LEU B 416 21.23 1.07 -18.35
CA LEU B 416 21.08 -0.35 -18.58
C LEU B 416 20.45 -1.02 -17.36
N SER B 417 19.32 -1.69 -17.57
CA SER B 417 18.64 -2.40 -16.50
C SER B 417 18.71 -3.89 -16.80
N CYS B 418 18.64 -4.70 -15.75
CA CYS B 418 18.73 -6.15 -15.92
C CYS B 418 17.74 -6.88 -15.03
N MET B 419 17.22 -7.97 -15.56
CA MET B 419 16.27 -8.79 -14.85
C MET B 419 16.84 -10.19 -14.76
N LEU B 420 16.91 -10.72 -13.55
CA LEU B 420 17.43 -12.06 -13.32
C LEU B 420 16.29 -12.95 -12.84
N TYR B 421 16.29 -14.20 -13.30
CA TYR B 421 15.28 -15.17 -12.89
C TYR B 421 16.00 -16.29 -12.15
N GLN B 422 15.57 -16.55 -10.91
CA GLN B 422 16.18 -17.60 -10.09
C GLN B 422 15.09 -18.58 -9.68
N ARG B 423 15.28 -19.84 -10.04
CA ARG B 423 14.31 -20.90 -9.73
C ARG B 423 14.25 -21.30 -8.25
N SER B 424 15.41 -21.32 -7.61
CA SER B 424 15.50 -21.73 -6.22
C SER B 424 16.31 -20.66 -5.51
N CYS B 425 15.75 -20.10 -4.45
CA CYS B 425 16.43 -19.01 -3.76
C CYS B 425 16.56 -19.16 -2.25
N ASP B 426 17.77 -19.40 -1.79
CA ASP B 426 18.06 -19.50 -0.36
C ASP B 426 18.08 -18.06 0.11
N MET B 427 17.02 -17.63 0.79
CA MET B 427 16.91 -16.25 1.26
C MET B 427 17.99 -15.86 2.26
N GLY B 428 18.42 -16.83 3.06
CA GLY B 428 19.44 -16.55 4.06
C GLY B 428 20.81 -16.21 3.52
N LEU B 429 21.41 -17.14 2.78
CA LEU B 429 22.76 -16.94 2.26
C LEU B 429 22.86 -16.61 0.77
N GLY B 430 22.15 -17.35 -0.06
CA GLY B 430 22.20 -17.14 -1.51
C GLY B 430 21.69 -15.85 -2.13
N VAL B 431 20.44 -15.48 -1.83
CA VAL B 431 19.85 -14.28 -2.41
C VAL B 431 20.66 -13.00 -2.26
N PRO B 432 21.18 -12.71 -1.06
CA PRO B 432 21.97 -11.48 -0.90
C PRO B 432 23.20 -11.54 -1.80
N PHE B 433 23.77 -12.74 -1.90
CA PHE B 433 24.94 -13.01 -2.72
C PHE B 433 24.61 -12.74 -4.20
N ASN B 434 23.53 -13.35 -4.66
CA ASN B 434 23.11 -13.21 -6.05
C ASN B 434 22.63 -11.82 -6.46
N ILE B 435 22.13 -11.03 -5.51
CA ILE B 435 21.71 -9.68 -5.83
C ILE B 435 23.01 -8.93 -6.16
N ALA B 436 24.05 -9.23 -5.39
CA ALA B 436 25.35 -8.60 -5.56
C ALA B 436 25.99 -8.97 -6.91
N SER B 437 25.97 -10.25 -7.25
CA SER B 437 26.53 -10.74 -8.51
C SER B 437 25.95 -10.06 -9.75
N TYR B 438 24.62 -10.05 -9.86
CA TYR B 438 23.96 -9.47 -11.02
C TYR B 438 24.04 -7.95 -11.05
N ALA B 439 24.20 -7.33 -9.88
CA ALA B 439 24.36 -5.90 -9.82
C ALA B 439 25.74 -5.66 -10.45
N LEU B 440 26.71 -6.46 -10.02
CA LEU B 440 28.06 -6.33 -10.57
C LEU B 440 28.07 -6.61 -12.07
N LEU B 441 27.36 -7.66 -12.48
CA LEU B 441 27.30 -8.01 -13.89
C LEU B 441 26.70 -6.87 -14.72
N THR B 442 25.61 -6.29 -14.22
CA THR B 442 24.96 -5.20 -14.92
C THR B 442 25.91 -4.00 -15.07
N ILE B 443 26.62 -3.68 -13.99
CA ILE B 443 27.57 -2.59 -14.00
C ILE B 443 28.67 -2.86 -15.05
N LEU B 444 29.19 -4.08 -15.08
CA LEU B 444 30.24 -4.42 -16.05
C LEU B 444 29.72 -4.35 -17.49
N ILE B 445 28.52 -4.87 -17.72
CA ILE B 445 27.96 -4.84 -19.07
C ILE B 445 27.72 -3.40 -19.50
N ALA B 446 27.30 -2.54 -18.58
CA ALA B 446 27.07 -1.13 -18.90
C ALA B 446 28.42 -0.52 -19.32
N LYS B 447 29.48 -0.85 -18.57
CA LYS B 447 30.82 -0.33 -18.85
C LYS B 447 31.35 -0.86 -20.18
N ALA B 448 30.77 -1.96 -20.66
CA ALA B 448 31.21 -2.54 -21.92
C ALA B 448 30.36 -2.04 -23.10
N THR B 449 29.30 -1.30 -22.80
CA THR B 449 28.43 -0.83 -23.86
C THR B 449 28.16 0.68 -23.94
N GLY B 450 28.95 1.46 -23.21
CA GLY B 450 28.76 2.91 -23.23
C GLY B 450 27.47 3.37 -22.55
N LEU B 451 26.95 2.55 -21.65
CA LEU B 451 25.72 2.88 -20.96
C LEU B 451 25.95 3.12 -19.47
N ARG B 452 24.92 3.63 -18.80
CA ARG B 452 25.01 3.87 -17.36
C ARG B 452 24.20 2.78 -16.65
N PRO B 453 24.72 2.27 -15.52
CA PRO B 453 23.98 1.22 -14.80
C PRO B 453 22.62 1.77 -14.33
N GLY B 454 21.56 0.99 -14.53
CA GLY B 454 20.24 1.47 -14.14
C GLY B 454 19.63 0.74 -12.95
N GLU B 455 18.84 -0.30 -13.23
CA GLU B 455 18.19 -1.08 -12.18
C GLU B 455 18.42 -2.59 -12.36
N LEU B 456 18.32 -3.31 -11.25
CA LEU B 456 18.42 -4.76 -11.25
C LEU B 456 17.05 -5.24 -10.79
N VAL B 457 16.41 -6.10 -11.56
CA VAL B 457 15.13 -6.62 -11.15
C VAL B 457 15.41 -8.08 -10.84
N HIS B 458 14.93 -8.53 -9.69
CA HIS B 458 15.16 -9.89 -9.28
C HIS B 458 13.85 -10.63 -9.09
N THR B 459 13.64 -11.63 -9.94
CA THR B 459 12.45 -12.46 -9.90
C THR B 459 12.80 -13.78 -9.25
N LEU B 460 12.03 -14.17 -8.24
CA LEU B 460 12.30 -15.40 -7.51
C LEU B 460 11.23 -16.48 -7.74
N GLY B 461 11.68 -17.71 -7.89
CA GLY B 461 10.75 -18.82 -8.07
C GLY B 461 10.47 -19.35 -6.67
N ASP B 462 11.08 -20.50 -6.36
CA ASP B 462 10.94 -21.11 -5.04
C ASP B 462 11.83 -20.34 -4.08
N ALA B 463 11.23 -19.47 -3.28
CA ALA B 463 11.97 -18.66 -2.31
C ALA B 463 11.81 -19.32 -0.94
N HIS B 464 12.91 -19.70 -0.33
CA HIS B 464 12.81 -20.37 0.95
C HIS B 464 13.83 -19.95 2.00
N VAL B 465 13.52 -20.31 3.23
CA VAL B 465 14.38 -20.05 4.38
C VAL B 465 14.52 -21.42 5.02
N TYR B 466 15.75 -21.85 5.31
CA TYR B 466 15.93 -23.16 5.93
C TYR B 466 15.41 -23.14 7.35
N SER B 467 14.90 -24.27 7.81
CA SER B 467 14.35 -24.37 9.16
C SER B 467 15.30 -23.91 10.25
N ASN B 468 16.52 -24.44 10.26
CA ASN B 468 17.47 -24.02 11.28
C ASN B 468 18.17 -22.72 10.92
N HIS B 469 17.39 -21.81 10.34
CA HIS B 469 17.86 -20.48 9.95
C HIS B 469 16.84 -19.49 10.50
N VAL B 470 15.68 -20.02 10.89
CA VAL B 470 14.60 -19.20 11.40
C VAL B 470 14.99 -18.30 12.57
N GLU B 471 15.60 -18.86 13.60
CA GLU B 471 16.00 -18.06 14.76
C GLU B 471 17.00 -16.98 14.39
N PRO B 472 18.08 -17.34 13.68
CA PRO B 472 19.05 -16.28 13.32
C PRO B 472 18.44 -15.25 12.36
N CYS B 473 17.55 -15.71 11.46
CA CYS B 473 16.90 -14.79 10.53
C CYS B 473 16.01 -13.81 11.29
N ASN B 474 15.34 -14.29 12.34
CA ASN B 474 14.46 -13.43 13.14
C ASN B 474 15.28 -12.36 13.84
N GLU B 475 16.51 -12.71 14.23
CA GLU B 475 17.40 -11.75 14.87
C GLU B 475 17.74 -10.67 13.86
N GLN B 476 18.07 -11.07 12.64
CA GLN B 476 18.39 -10.10 11.60
C GLN B 476 17.18 -9.24 11.24
N LEU B 477 15.99 -9.83 11.27
CA LEU B 477 14.77 -9.09 10.95
C LEU B 477 14.54 -7.92 11.89
N LYS B 478 15.27 -7.89 13.00
CA LYS B 478 15.12 -6.81 13.98
C LYS B 478 15.94 -5.57 13.59
N ARG B 479 16.88 -5.74 12.66
CA ARG B 479 17.73 -4.63 12.23
C ARG B 479 17.11 -3.77 11.12
N VAL B 480 17.18 -2.46 11.31
CA VAL B 480 16.67 -1.51 10.32
C VAL B 480 17.78 -1.33 9.29
N PRO B 481 17.53 -1.67 8.03
CA PRO B 481 18.57 -1.52 7.00
C PRO B 481 19.19 -0.13 6.94
N ARG B 482 20.50 -0.09 6.74
CA ARG B 482 21.24 1.16 6.63
C ARG B 482 21.40 1.46 5.14
N ALA B 483 21.96 2.63 4.83
CA ALA B 483 22.18 3.02 3.44
C ALA B 483 23.16 2.05 2.77
N PHE B 484 22.99 1.85 1.46
CA PHE B 484 23.88 0.96 0.72
C PHE B 484 25.24 1.59 0.45
N PRO B 485 26.24 0.76 0.16
CA PRO B 485 27.59 1.26 -0.12
C PRO B 485 27.68 1.60 -1.61
N TYR B 486 28.88 1.91 -2.09
CA TYR B 486 29.07 2.24 -3.49
C TYR B 486 30.22 1.45 -4.07
N LEU B 487 30.22 1.32 -5.40
CA LEU B 487 31.26 0.58 -6.09
C LEU B 487 32.05 1.50 -7.01
N VAL B 488 33.37 1.43 -6.91
CA VAL B 488 34.22 2.25 -7.77
C VAL B 488 35.31 1.36 -8.34
N PHE B 489 35.85 1.77 -9.48
CA PHE B 489 36.91 1.02 -10.13
C PHE B 489 38.26 1.72 -10.00
N ARG B 490 39.25 1.01 -9.46
CA ARG B 490 40.59 1.53 -9.28
C ARG B 490 41.19 1.76 -10.67
N ARG B 491 40.97 0.79 -11.56
CA ARG B 491 41.48 0.88 -12.93
C ARG B 491 40.53 0.19 -13.89
N GLU B 492 40.80 0.32 -15.19
CA GLU B 492 39.98 -0.31 -16.21
C GLU B 492 40.79 -1.39 -16.94
N ARG B 493 40.14 -2.02 -17.92
CA ARG B 493 40.78 -3.09 -18.68
C ARG B 493 40.50 -2.93 -20.17
N GLU B 494 41.28 -3.61 -21.00
CA GLU B 494 41.09 -3.54 -22.43
C GLU B 494 39.95 -4.48 -22.81
N PHE B 495 39.88 -5.61 -22.10
CA PHE B 495 38.84 -6.60 -22.34
C PHE B 495 38.09 -6.95 -21.06
N LEU B 496 36.79 -7.20 -21.18
CA LEU B 496 35.94 -7.53 -20.05
C LEU B 496 36.50 -8.71 -19.26
N GLU B 497 36.92 -9.76 -19.97
CA GLU B 497 37.48 -10.95 -19.34
C GLU B 497 38.76 -10.70 -18.55
N ASP B 498 39.36 -9.53 -18.74
CA ASP B 498 40.61 -9.19 -18.05
C ASP B 498 40.42 -8.57 -16.67
N TYR B 499 39.19 -8.19 -16.33
CA TYR B 499 38.96 -7.58 -15.03
C TYR B 499 39.25 -8.52 -13.86
N GLU B 500 39.80 -7.94 -12.79
CA GLU B 500 40.13 -8.72 -11.60
C GLU B 500 39.44 -8.07 -10.40
N GLU B 501 39.25 -8.85 -9.35
CA GLU B 501 38.60 -8.39 -8.14
C GLU B 501 39.31 -7.18 -7.55
N GLY B 502 40.61 -7.05 -7.82
CA GLY B 502 41.37 -5.93 -7.29
C GLY B 502 41.22 -4.62 -8.06
N ASP B 503 40.55 -4.68 -9.20
CA ASP B 503 40.34 -3.50 -10.05
C ASP B 503 39.21 -2.61 -9.54
N MET B 504 38.36 -3.15 -8.67
CA MET B 504 37.25 -2.38 -8.14
C MET B 504 37.26 -2.45 -6.63
N GLU B 505 36.62 -1.47 -6.00
CA GLU B 505 36.57 -1.43 -4.54
C GLU B 505 35.20 -1.01 -4.04
N VAL B 506 34.73 -1.69 -3.00
CA VAL B 506 33.44 -1.38 -2.41
C VAL B 506 33.71 -0.41 -1.27
N ILE B 507 33.10 0.78 -1.33
CA ILE B 507 33.32 1.77 -0.30
C ILE B 507 32.08 2.11 0.52
N ASP B 508 32.31 2.59 1.75
CA ASP B 508 31.25 2.96 2.66
C ASP B 508 30.25 1.87 2.96
N TYR B 509 30.76 0.66 3.16
CA TYR B 509 29.93 -0.48 3.48
C TYR B 509 29.99 -0.63 5.00
N ALA B 510 28.87 -0.40 5.67
CA ALA B 510 28.84 -0.48 7.13
C ALA B 510 27.77 -1.45 7.58
N PRO B 511 27.93 -2.73 7.27
CA PRO B 511 26.94 -3.72 7.68
C PRO B 511 26.86 -3.90 9.20
N TYR B 512 25.74 -4.44 9.67
CA TYR B 512 25.56 -4.70 11.10
C TYR B 512 26.46 -5.86 11.48
N PRO B 513 26.74 -6.03 12.78
CA PRO B 513 27.60 -7.12 13.28
C PRO B 513 26.99 -8.51 13.07
N PRO B 514 27.82 -9.56 13.07
CA PRO B 514 27.34 -10.92 12.87
C PRO B 514 26.21 -11.28 13.82
N ILE B 515 25.32 -12.15 13.38
CA ILE B 515 24.19 -12.58 14.20
C ILE B 515 24.71 -13.51 15.29
N SER B 516 24.51 -13.12 16.54
CA SER B 516 24.96 -13.92 17.67
C SER B 516 24.18 -15.24 17.76
N MET B 517 24.61 -16.22 16.98
CA MET B 517 23.98 -17.53 16.96
C MET B 517 24.54 -18.39 18.09
N LYS B 518 24.42 -17.90 19.32
CA LYS B 518 24.92 -18.62 20.51
C LYS B 518 25.40 -20.03 20.19
N MET B 519 26.65 -20.13 19.75
CA MET B 519 27.26 -21.39 19.37
C MET B 519 27.56 -22.32 20.55
N ALA B 520 27.52 -21.79 21.76
CA ALA B 520 27.81 -22.58 22.96
C ALA B 520 27.93 -21.70 24.20
N VAL B 521 28.78 -22.11 25.12
CA VAL B 521 29.01 -21.37 26.36
C VAL B 521 27.80 -21.45 27.28
N SER C 2 -9.69 47.48 19.06
CA SER C 2 -8.26 47.40 18.67
C SER C 2 -7.53 46.41 19.58
N LEU C 3 -7.71 46.54 20.90
CA LEU C 3 -7.12 45.57 21.82
C LEU C 3 -8.02 44.36 21.68
N PHE C 4 -9.12 44.55 20.94
CA PHE C 4 -10.08 43.50 20.69
C PHE C 4 -9.61 42.75 19.46
N LYS C 5 -8.84 43.43 18.61
CA LYS C 5 -8.30 42.84 17.39
C LYS C 5 -6.96 42.15 17.66
N ILE C 6 -6.47 41.44 16.66
CA ILE C 6 -5.20 40.72 16.76
C ILE C 6 -4.13 41.45 15.94
N ARG C 7 -3.20 42.10 16.63
CA ARG C 7 -2.15 42.83 15.94
C ARG C 7 -1.14 41.88 15.32
N MET C 8 -0.83 42.10 14.05
CA MET C 8 0.12 41.27 13.35
C MET C 8 1.53 41.66 13.78
N PRO C 9 2.43 40.66 13.95
CA PRO C 9 3.81 40.97 14.37
C PRO C 9 4.58 41.60 13.22
N GLU C 10 5.83 41.96 13.46
CA GLU C 10 6.66 42.58 12.44
C GLU C 10 7.21 41.60 11.40
N THR C 11 7.09 40.31 11.68
CA THR C 11 7.56 39.27 10.78
C THR C 11 6.40 38.85 9.86
N VAL C 12 5.28 39.55 9.96
CA VAL C 12 4.08 39.24 9.19
C VAL C 12 4.26 38.92 7.72
N ALA C 13 5.07 39.70 7.01
CA ALA C 13 5.29 39.47 5.59
C ALA C 13 6.45 38.51 5.30
N GLU C 14 7.47 38.60 6.14
CA GLU C 14 8.68 37.79 6.01
C GLU C 14 8.48 36.28 5.87
N GLY C 15 7.81 35.66 6.85
CA GLY C 15 7.59 34.23 6.84
C GLY C 15 6.75 33.58 5.74
N THR C 16 6.18 34.38 4.85
CA THR C 16 5.36 33.82 3.79
C THR C 16 5.69 34.47 2.45
N ARG C 17 6.87 35.06 2.38
CA ARG C 17 7.35 35.73 1.17
C ARG C 17 7.66 34.66 0.12
N LEU C 18 7.09 34.80 -1.07
CA LEU C 18 7.33 33.84 -2.16
C LEU C 18 8.82 33.87 -2.53
N ALA C 19 9.52 32.76 -2.31
CA ALA C 19 10.94 32.68 -2.60
C ALA C 19 11.21 32.57 -4.09
N LEU C 20 10.61 31.57 -4.73
CA LEU C 20 10.77 31.33 -6.15
C LEU C 20 9.41 31.22 -6.83
N ARG C 21 9.29 31.82 -8.02
CA ARG C 21 8.03 31.75 -8.75
C ARG C 21 7.97 30.41 -9.48
N ALA C 22 6.77 29.85 -9.58
CA ALA C 22 6.55 28.58 -10.27
C ALA C 22 6.70 28.83 -11.77
N PHE C 23 7.00 27.78 -12.53
CA PHE C 23 7.18 27.90 -13.96
C PHE C 23 6.94 26.57 -14.68
N SER C 24 6.92 26.62 -16.01
CA SER C 24 6.73 25.44 -16.85
C SER C 24 7.93 25.37 -17.78
N LEU C 25 8.22 24.20 -18.31
CA LEU C 25 9.36 24.03 -19.18
C LEU C 25 8.91 23.57 -20.57
N VAL C 26 9.48 24.16 -21.61
CA VAL C 26 9.13 23.79 -22.99
C VAL C 26 10.41 23.44 -23.72
N VAL C 27 10.46 22.26 -24.32
CA VAL C 27 11.65 21.82 -25.03
C VAL C 27 11.33 20.91 -26.22
N ALA C 28 12.25 20.87 -27.18
CA ALA C 28 12.09 20.02 -28.36
C ALA C 28 13.33 19.13 -28.38
N VAL C 29 13.11 17.82 -28.49
CA VAL C 29 14.21 16.86 -28.50
C VAL C 29 14.10 15.87 -29.65
N ASP C 30 15.20 15.17 -29.94
CA ASP C 30 15.15 14.16 -30.98
C ASP C 30 14.79 12.86 -30.25
N GLU C 31 14.71 11.77 -31.01
CA GLU C 31 14.35 10.47 -30.45
C GLU C 31 15.26 10.02 -29.30
N HIS C 32 16.52 10.45 -29.32
CA HIS C 32 17.46 10.07 -28.28
C HIS C 32 17.42 11.01 -27.09
N GLY C 33 16.56 12.03 -27.17
CA GLY C 33 16.47 13.00 -26.08
C GLY C 33 17.43 14.16 -26.26
N GLY C 34 18.21 14.13 -27.34
CA GLY C 34 19.16 15.19 -27.62
C GLY C 34 18.51 16.53 -27.90
N ILE C 35 19.13 17.60 -27.40
CA ILE C 35 18.60 18.95 -27.58
C ILE C 35 19.19 19.69 -28.77
N GLY C 36 20.53 19.70 -28.86
CA GLY C 36 21.18 20.39 -29.96
C GLY C 36 22.70 20.42 -29.87
N ASP C 37 23.30 21.45 -30.45
CA ASP C 37 24.75 21.61 -30.44
C ASP C 37 25.23 23.00 -30.00
N GLY C 38 24.71 23.45 -28.86
CA GLY C 38 25.10 24.74 -28.32
C GLY C 38 24.86 25.95 -29.20
N ARG C 39 24.42 25.73 -30.44
CA ARG C 39 24.19 26.84 -31.36
C ARG C 39 22.94 26.66 -32.21
N SER C 40 22.72 25.45 -32.70
CA SER C 40 21.57 25.20 -33.55
C SER C 40 20.69 24.00 -33.20
N ILE C 41 19.39 24.21 -33.34
CA ILE C 41 18.37 23.21 -33.11
C ILE C 41 17.85 23.01 -34.53
N PRO C 42 18.68 22.39 -35.41
CA PRO C 42 18.43 22.11 -36.83
C PRO C 42 17.00 21.76 -37.27
N TRP C 43 16.19 21.25 -36.35
CA TRP C 43 14.82 20.85 -36.69
C TRP C 43 13.84 22.00 -36.83
N ASN C 44 13.47 22.28 -38.08
CA ASN C 44 12.51 23.33 -38.36
C ASN C 44 11.16 22.69 -38.68
N VAL C 45 10.55 22.08 -37.67
CA VAL C 45 9.24 21.49 -37.84
C VAL C 45 8.36 22.68 -37.54
N PRO C 46 7.84 23.34 -38.59
CA PRO C 46 6.98 24.51 -38.38
C PRO C 46 5.85 24.30 -37.38
N GLU C 47 5.41 23.06 -37.22
CA GLU C 47 4.34 22.78 -36.27
C GLU C 47 4.81 22.90 -34.82
N ASP C 48 6.09 22.64 -34.58
CA ASP C 48 6.61 22.76 -33.23
C ASP C 48 6.79 24.23 -32.92
N MET C 49 7.24 24.99 -33.93
CA MET C 49 7.43 26.42 -33.77
C MET C 49 6.14 27.09 -33.36
N LYS C 50 5.07 26.76 -34.08
CA LYS C 50 3.75 27.32 -33.81
C LYS C 50 3.28 26.94 -32.41
N PHE C 51 3.41 25.67 -32.06
CA PHE C 51 2.98 25.22 -30.74
C PHE C 51 3.73 26.02 -29.68
N PHE C 52 5.04 26.17 -29.85
CA PHE C 52 5.82 26.93 -28.88
C PHE C 52 5.34 28.37 -28.80
N ARG C 53 5.08 28.97 -29.95
CA ARG C 53 4.62 30.36 -30.01
C ARG C 53 3.28 30.53 -29.30
N ASP C 54 2.30 29.69 -29.62
CA ASP C 54 0.99 29.77 -29.00
C ASP C 54 1.04 29.49 -27.51
N LEU C 55 1.68 28.39 -27.14
CA LEU C 55 1.79 28.00 -25.75
C LEU C 55 2.37 29.12 -24.89
N THR C 56 3.55 29.61 -25.25
CA THR C 56 4.19 30.66 -24.46
C THR C 56 3.55 32.04 -24.55
N THR C 57 2.84 32.34 -25.62
CA THR C 57 2.25 33.67 -25.73
C THR C 57 0.84 33.79 -25.14
N LYS C 58 0.01 32.79 -25.38
CA LYS C 58 -1.37 32.84 -24.90
C LYS C 58 -1.59 32.83 -23.40
N LEU C 59 -2.48 33.72 -22.96
CA LEU C 59 -2.85 33.85 -21.56
C LEU C 59 -4.08 32.96 -21.42
N ARG C 60 -4.49 32.70 -20.18
CA ARG C 60 -5.65 31.85 -19.94
C ARG C 60 -6.96 32.51 -20.31
N GLY C 61 -7.96 31.68 -20.59
CA GLY C 61 -9.27 32.18 -20.94
C GLY C 61 -9.39 32.90 -22.27
N LYS C 62 -10.23 33.93 -22.27
CA LYS C 62 -10.52 34.77 -23.43
C LYS C 62 -9.35 35.11 -24.34
N ASN C 63 -9.68 35.86 -25.39
CA ASN C 63 -8.71 36.33 -26.36
C ASN C 63 -8.04 37.55 -25.74
N VAL C 64 -7.51 37.36 -24.54
CA VAL C 64 -6.85 38.46 -23.83
C VAL C 64 -5.48 38.74 -24.44
N LYS C 65 -5.28 39.96 -24.93
CA LYS C 65 -4.01 40.34 -25.52
C LYS C 65 -2.95 40.67 -24.47
N PRO C 66 -1.75 40.09 -24.62
CA PRO C 66 -0.65 40.33 -23.68
C PRO C 66 -0.31 41.81 -23.57
N SER C 67 0.09 42.25 -22.37
CA SER C 67 0.48 43.63 -22.13
C SER C 67 1.42 43.63 -20.93
N PRO C 68 2.12 44.75 -20.68
CA PRO C 68 3.04 44.80 -19.54
C PRO C 68 2.34 44.41 -18.25
N ALA C 69 1.03 44.68 -18.18
CA ALA C 69 0.23 44.39 -16.99
C ALA C 69 -0.19 42.92 -16.88
N LYS C 70 -0.30 42.23 -18.01
CA LYS C 70 -0.69 40.82 -18.00
C LYS C 70 -0.11 40.11 -19.22
N ARG C 71 0.91 39.30 -18.98
CA ARG C 71 1.59 38.58 -20.05
C ARG C 71 2.42 37.45 -19.47
N ASN C 72 2.94 36.59 -20.35
CA ASN C 72 3.78 35.50 -19.89
C ASN C 72 5.26 35.90 -20.01
N ALA C 73 6.12 35.08 -19.42
CA ALA C 73 7.54 35.33 -19.49
C ALA C 73 8.21 34.07 -20.03
N VAL C 74 9.30 34.27 -20.75
CA VAL C 74 10.10 33.18 -21.28
C VAL C 74 11.48 33.44 -20.70
N VAL C 75 12.08 32.40 -20.12
CA VAL C 75 13.41 32.51 -19.53
C VAL C 75 14.36 31.65 -20.36
N MET C 76 15.46 32.23 -20.79
CA MET C 76 16.40 31.50 -21.63
C MET C 76 17.83 31.84 -21.26
N GLY C 77 18.75 30.99 -21.68
CA GLY C 77 20.15 31.23 -21.42
C GLY C 77 20.61 32.26 -22.43
N ARG C 78 21.80 32.82 -22.26
CA ARG C 78 22.28 33.84 -23.19
C ARG C 78 22.56 33.31 -24.60
N LYS C 79 22.98 32.06 -24.69
CA LYS C 79 23.27 31.44 -25.99
C LYS C 79 21.98 31.19 -26.76
N THR C 80 20.89 30.93 -26.04
CA THR C 80 19.61 30.70 -26.68
C THR C 80 19.08 32.02 -27.22
N TRP C 81 19.42 33.10 -26.52
CA TRP C 81 18.99 34.44 -26.93
C TRP C 81 19.73 34.83 -28.21
N ASP C 82 21.04 34.53 -28.23
CA ASP C 82 21.88 34.83 -29.38
C ASP C 82 21.45 34.07 -30.64
N SER C 83 20.83 32.90 -30.45
CA SER C 83 20.38 32.08 -31.58
C SER C 83 19.17 32.65 -32.29
N ILE C 84 18.49 33.59 -31.65
CA ILE C 84 17.32 34.19 -32.26
C ILE C 84 17.78 35.26 -33.25
N PRO C 85 17.38 35.14 -34.52
CA PRO C 85 17.80 36.16 -35.48
C PRO C 85 17.32 37.53 -34.98
N PRO C 86 18.26 38.49 -34.87
CA PRO C 86 17.99 39.85 -34.40
C PRO C 86 16.63 40.44 -34.75
N LYS C 87 16.23 40.33 -36.01
CA LYS C 87 14.95 40.88 -36.41
C LYS C 87 13.81 40.34 -35.55
N PHE C 88 13.92 39.08 -35.11
CA PHE C 88 12.89 38.45 -34.30
C PHE C 88 13.13 38.57 -32.79
N ARG C 89 14.03 39.45 -32.40
CA ARG C 89 14.35 39.68 -31.00
C ARG C 89 13.78 41.03 -30.53
N PRO C 90 13.05 41.04 -29.40
CA PRO C 90 12.73 39.89 -28.54
C PRO C 90 11.46 39.18 -28.99
N LEU C 91 11.20 38.00 -28.41
CA LEU C 91 10.01 37.22 -28.75
C LEU C 91 8.78 38.05 -28.38
N PRO C 92 7.94 38.35 -29.39
CA PRO C 92 6.71 39.13 -29.28
C PRO C 92 5.72 38.72 -28.19
N GLY C 93 5.13 39.72 -27.54
CA GLY C 93 4.12 39.50 -26.52
C GLY C 93 4.49 38.83 -25.21
N ARG C 94 5.78 38.62 -24.98
CA ARG C 94 6.25 37.98 -23.75
C ARG C 94 7.41 38.75 -23.13
N LEU C 95 7.54 38.66 -21.81
CA LEU C 95 8.65 39.30 -21.13
C LEU C 95 9.82 38.37 -21.41
N ASN C 96 10.91 38.91 -21.95
CA ASN C 96 12.06 38.07 -22.23
C ASN C 96 13.09 38.20 -21.11
N VAL C 97 13.31 37.11 -20.39
CA VAL C 97 14.28 37.08 -19.30
C VAL C 97 15.49 36.29 -19.80
N VAL C 98 16.64 36.95 -19.82
CA VAL C 98 17.85 36.30 -20.31
C VAL C 98 18.92 36.16 -19.22
N LEU C 99 19.39 34.93 -19.03
CA LEU C 99 20.40 34.64 -18.03
C LEU C 99 21.79 34.87 -18.63
N SER C 100 22.59 35.70 -17.97
CA SER C 100 23.93 36.00 -18.42
C SER C 100 24.75 36.66 -17.33
N SER C 101 26.02 36.29 -17.27
CA SER C 101 26.91 36.87 -16.27
C SER C 101 27.80 37.92 -16.92
N THR C 102 27.55 38.24 -18.19
CA THR C 102 28.37 39.23 -18.90
C THR C 102 27.59 40.35 -19.58
N LEU C 103 26.33 40.10 -19.91
CA LEU C 103 25.52 41.10 -20.58
C LEU C 103 24.40 41.67 -19.69
N THR C 104 24.34 43.00 -19.64
CA THR C 104 23.34 43.69 -18.85
C THR C 104 22.11 43.83 -19.73
N THR C 105 21.03 44.34 -19.17
CA THR C 105 19.81 44.52 -19.93
C THR C 105 20.08 45.50 -21.08
N GLN C 106 20.83 46.55 -20.77
CA GLN C 106 21.15 47.55 -21.79
C GLN C 106 21.91 46.94 -22.95
N HIS C 107 22.84 46.03 -22.65
CA HIS C 107 23.61 45.37 -23.70
C HIS C 107 22.63 44.67 -24.63
N LEU C 108 21.71 43.91 -24.04
CA LEU C 108 20.69 43.19 -24.81
C LEU C 108 19.92 44.15 -25.71
N LEU C 109 19.47 45.26 -25.16
CA LEU C 109 18.72 46.24 -25.93
C LEU C 109 19.55 46.80 -27.09
N ASP C 110 20.83 47.08 -26.84
CA ASP C 110 21.71 47.62 -27.89
C ASP C 110 21.95 46.59 -28.98
N GLY C 111 21.65 45.33 -28.69
CA GLY C 111 21.84 44.28 -29.67
C GLY C 111 20.82 44.38 -30.78
N LEU C 112 19.73 45.09 -30.52
CA LEU C 112 18.67 45.29 -31.51
C LEU C 112 19.14 46.24 -32.59
N PRO C 113 18.81 45.95 -33.85
CA PRO C 113 19.17 46.76 -35.03
C PRO C 113 18.90 48.25 -35.01
N ASP C 114 17.63 48.64 -34.99
CA ASP C 114 17.27 50.06 -35.01
C ASP C 114 16.83 50.69 -33.69
N GLU C 115 16.57 52.00 -33.73
CA GLU C 115 16.18 52.77 -32.56
C GLU C 115 14.69 52.81 -32.24
N GLU C 116 13.84 52.72 -33.26
CA GLU C 116 12.40 52.73 -33.03
C GLU C 116 11.98 51.34 -32.58
N LYS C 117 12.96 50.44 -32.58
CA LYS C 117 12.77 49.05 -32.17
C LYS C 117 13.17 48.94 -30.70
N ARG C 118 14.30 49.54 -30.35
CA ARG C 118 14.79 49.50 -28.98
C ARG C 118 13.87 50.22 -28.01
N ASN C 119 13.19 51.27 -28.48
CA ASN C 119 12.28 52.02 -27.62
C ASN C 119 11.12 51.15 -27.16
N LEU C 120 10.42 50.55 -28.12
CA LEU C 120 9.28 49.69 -27.85
C LEU C 120 9.58 48.49 -26.96
N HIS C 121 10.73 47.86 -27.20
CA HIS C 121 11.13 46.66 -26.46
C HIS C 121 11.83 46.88 -25.12
N ALA C 122 11.79 48.11 -24.61
CA ALA C 122 12.42 48.38 -23.32
C ALA C 122 11.74 47.51 -22.24
N ASP C 123 10.42 47.63 -22.16
CA ASP C 123 9.64 46.88 -21.19
C ASP C 123 9.63 45.36 -21.41
N SER C 124 10.17 44.91 -22.54
CA SER C 124 10.14 43.48 -22.87
C SER C 124 11.38 42.64 -22.62
N ILE C 125 12.47 43.26 -22.19
CA ILE C 125 13.70 42.52 -21.94
C ILE C 125 14.30 42.79 -20.58
N VAL C 126 14.78 41.74 -19.93
CA VAL C 126 15.44 41.91 -18.64
C VAL C 126 16.54 40.87 -18.50
N ALA C 127 17.74 41.35 -18.22
CA ALA C 127 18.87 40.43 -18.07
C ALA C 127 18.99 40.06 -16.60
N VAL C 128 19.39 38.82 -16.35
CA VAL C 128 19.56 38.34 -14.98
C VAL C 128 20.97 37.83 -14.84
N ASN C 129 21.69 38.31 -13.83
CA ASN C 129 23.04 37.88 -13.59
C ASN C 129 23.01 36.67 -12.66
N GLY C 130 22.74 35.52 -13.25
CA GLY C 130 22.66 34.28 -12.49
C GLY C 130 21.98 33.21 -13.30
N GLY C 131 21.60 32.12 -12.63
CA GLY C 131 20.92 31.04 -13.32
C GLY C 131 19.41 31.10 -13.19
N LEU C 132 18.73 30.04 -13.60
CA LEU C 132 17.27 29.98 -13.53
C LEU C 132 16.78 30.36 -12.13
N GLU C 133 17.42 29.83 -11.10
CA GLU C 133 17.03 30.11 -9.72
C GLU C 133 16.96 31.61 -9.44
N GLN C 134 17.97 32.36 -9.85
CA GLN C 134 17.96 33.82 -9.65
C GLN C 134 16.83 34.47 -10.44
N ALA C 135 16.52 33.88 -11.59
CA ALA C 135 15.46 34.40 -12.44
C ALA C 135 14.10 34.18 -11.80
N LEU C 136 13.91 32.99 -11.22
CA LEU C 136 12.65 32.67 -10.57
C LEU C 136 12.45 33.53 -9.34
N ARG C 137 13.55 33.87 -8.67
CA ARG C 137 13.47 34.72 -7.49
C ARG C 137 13.08 36.14 -7.88
N LEU C 138 13.69 36.66 -8.94
CA LEU C 138 13.36 38.00 -9.40
C LEU C 138 11.89 37.98 -9.83
N LEU C 139 11.51 36.94 -10.56
CA LEU C 139 10.13 36.79 -11.03
C LEU C 139 9.12 36.73 -9.89
N ALA C 140 9.56 36.35 -8.69
CA ALA C 140 8.67 36.27 -7.53
C ALA C 140 8.43 37.65 -6.92
N SER C 141 9.16 38.66 -7.40
CA SER C 141 9.02 40.02 -6.90
C SER C 141 7.65 40.62 -7.20
N PRO C 142 7.22 41.61 -6.38
CA PRO C 142 5.92 42.26 -6.57
C PRO C 142 5.73 42.84 -7.95
N ASN C 143 6.82 43.28 -8.58
CA ASN C 143 6.73 43.86 -9.91
C ASN C 143 6.51 42.85 -11.04
N TYR C 144 6.67 41.56 -10.74
CA TYR C 144 6.46 40.51 -11.75
C TYR C 144 5.39 39.51 -11.34
N THR C 145 5.05 39.50 -10.06
CA THR C 145 4.01 38.61 -9.52
C THR C 145 2.99 39.52 -8.88
N PRO C 146 1.71 39.38 -9.26
CA PRO C 146 1.16 38.43 -10.25
C PRO C 146 1.02 38.90 -11.70
N SER C 147 1.57 40.06 -12.06
CA SER C 147 1.45 40.52 -13.45
C SER C 147 1.86 39.46 -14.48
N ILE C 148 2.88 38.67 -14.17
CA ILE C 148 3.30 37.61 -15.09
C ILE C 148 2.42 36.40 -14.76
N GLU C 149 1.59 35.99 -15.71
CA GLU C 149 0.68 34.86 -15.48
C GLU C 149 1.37 33.49 -15.43
N THR C 150 2.17 33.19 -16.45
CA THR C 150 2.90 31.93 -16.50
C THR C 150 4.34 32.16 -16.94
N VAL C 151 5.26 31.48 -16.26
CA VAL C 151 6.68 31.56 -16.58
C VAL C 151 7.07 30.29 -17.33
N TYR C 152 7.74 30.46 -18.47
CA TYR C 152 8.18 29.34 -19.28
C TYR C 152 9.71 29.34 -19.43
N CYS C 153 10.34 28.21 -19.11
CA CYS C 153 11.78 28.04 -19.27
C CYS C 153 11.88 27.50 -20.70
N ILE C 154 12.59 28.20 -21.58
CA ILE C 154 12.63 27.77 -22.98
C ILE C 154 13.94 27.34 -23.59
N GLY C 155 14.95 27.10 -22.80
CA GLY C 155 16.14 26.68 -23.48
C GLY C 155 17.48 26.92 -22.89
N GLY C 156 18.38 26.08 -23.37
CA GLY C 156 19.73 26.06 -22.92
C GLY C 156 19.83 24.80 -22.10
N GLY C 157 20.63 23.84 -22.56
CA GLY C 157 20.79 22.62 -21.82
C GLY C 157 21.11 22.94 -20.36
N SER C 158 21.88 23.99 -20.16
CA SER C 158 22.29 24.40 -18.82
C SER C 158 21.10 24.89 -18.00
N VAL C 159 20.14 25.52 -18.66
CA VAL C 159 18.96 26.02 -17.98
C VAL C 159 18.01 24.85 -17.70
N TYR C 160 17.94 23.90 -18.64
CA TYR C 160 17.10 22.75 -18.44
C TYR C 160 17.64 21.94 -17.27
N ALA C 161 18.95 21.74 -17.22
CA ALA C 161 19.53 20.97 -16.14
C ALA C 161 19.22 21.57 -14.78
N GLU C 162 19.21 22.90 -14.70
CA GLU C 162 18.91 23.56 -13.44
C GLU C 162 17.44 23.40 -13.11
N ALA C 163 16.59 23.48 -14.12
CA ALA C 163 15.15 23.35 -13.92
C ALA C 163 14.75 21.98 -13.39
N LEU C 164 15.53 20.96 -13.72
CA LEU C 164 15.22 19.59 -13.31
C LEU C 164 15.87 19.03 -12.05
N ARG C 165 16.45 19.92 -11.22
CA ARG C 165 17.07 19.50 -9.98
C ARG C 165 16.66 20.52 -8.92
N PRO C 166 16.72 20.13 -7.63
CA PRO C 166 16.32 21.10 -6.60
C PRO C 166 17.25 22.31 -6.65
N PRO C 167 16.77 23.48 -6.22
CA PRO C 167 15.44 23.77 -5.69
C PRO C 167 14.37 24.07 -6.73
N CYS C 168 14.80 24.37 -7.96
CA CYS C 168 13.87 24.72 -9.02
C CYS C 168 12.79 23.70 -9.39
N VAL C 169 13.10 22.39 -9.43
CA VAL C 169 12.08 21.40 -9.81
C VAL C 169 10.83 21.38 -8.97
N HIS C 170 10.92 21.82 -7.73
CA HIS C 170 9.76 21.81 -6.88
C HIS C 170 8.80 22.91 -7.29
N LEU C 171 9.25 23.75 -8.23
CA LEU C 171 8.41 24.82 -8.73
C LEU C 171 8.03 24.62 -10.20
N LEU C 172 8.38 23.46 -10.74
CA LEU C 172 8.07 23.14 -12.13
C LEU C 172 6.69 22.48 -12.19
N GLN C 173 5.73 23.21 -12.74
CA GLN C 173 4.34 22.76 -12.84
C GLN C 173 4.08 21.80 -14.00
N ALA C 174 4.81 21.98 -15.08
CA ALA C 174 4.61 21.12 -16.22
C ALA C 174 5.76 21.17 -17.22
N ILE C 175 5.93 20.08 -17.94
CA ILE C 175 6.96 19.97 -18.95
C ILE C 175 6.29 19.69 -20.30
N TYR C 176 6.44 20.61 -21.25
CA TYR C 176 5.85 20.41 -22.58
C TYR C 176 7.02 19.99 -23.44
N ARG C 177 7.03 18.71 -23.81
CA ARG C 177 8.10 18.17 -24.61
C ARG C 177 7.65 17.71 -25.98
N THR C 178 8.37 18.15 -27.00
CA THR C 178 8.09 17.74 -28.38
C THR C 178 9.23 16.81 -28.75
N THR C 179 8.90 15.67 -29.34
CA THR C 179 9.92 14.71 -29.75
C THR C 179 9.91 14.61 -31.27
N ILE C 180 11.08 14.78 -31.87
CA ILE C 180 11.22 14.75 -33.33
C ILE C 180 12.17 13.65 -33.79
N ARG C 181 11.80 12.93 -34.84
CA ARG C 181 12.65 11.86 -35.36
C ARG C 181 13.68 12.33 -36.40
N ALA C 182 14.94 11.95 -36.21
CA ALA C 182 16.03 12.29 -37.13
C ALA C 182 17.25 11.44 -36.78
N SER C 183 18.44 11.89 -37.19
CA SER C 183 19.67 11.14 -36.90
C SER C 183 20.94 12.00 -36.87
N GLU C 184 20.91 13.06 -36.05
CA GLU C 184 22.04 13.98 -35.91
C GLU C 184 23.25 13.38 -35.19
N SER C 185 24.43 13.93 -35.46
CA SER C 185 25.68 13.45 -34.84
C SER C 185 26.30 14.46 -33.87
N SER C 186 25.61 15.58 -33.68
CA SER C 186 26.05 16.63 -32.75
C SER C 186 25.01 16.56 -31.64
N CYS C 187 24.54 15.34 -31.38
CA CYS C 187 23.49 15.05 -30.41
C CYS C 187 23.86 15.00 -28.92
N SER C 188 25.04 15.47 -28.54
CA SER C 188 25.42 15.47 -27.12
C SER C 188 24.41 16.32 -26.36
N VAL C 189 24.50 16.35 -25.04
CA VAL C 189 23.58 17.13 -24.22
C VAL C 189 22.14 16.62 -24.39
N PHE C 190 21.70 15.78 -23.45
CA PHE C 190 20.37 15.22 -23.53
C PHE C 190 19.41 15.79 -22.49
N PHE C 191 18.11 15.72 -22.78
CA PHE C 191 17.08 16.19 -21.86
C PHE C 191 16.53 14.94 -21.20
N ARG C 192 16.79 14.78 -19.91
CA ARG C 192 16.34 13.61 -19.16
C ARG C 192 15.37 13.97 -18.04
N VAL C 193 14.18 13.38 -18.05
CA VAL C 193 13.21 13.63 -17.00
C VAL C 193 13.48 12.56 -15.91
N PRO C 194 13.87 13.00 -14.71
CA PRO C 194 14.16 12.10 -13.59
C PRO C 194 13.06 11.07 -13.40
N GLU C 195 13.45 9.80 -13.32
CA GLU C 195 12.49 8.72 -13.15
C GLU C 195 11.98 8.56 -11.74
N SER C 196 10.74 8.10 -11.65
CA SER C 196 10.05 7.87 -10.39
C SER C 196 10.85 7.02 -9.39
N GLY C 197 10.96 7.52 -8.16
CA GLY C 197 11.67 6.77 -7.14
C GLY C 197 13.18 6.94 -7.11
N THR C 198 13.76 7.60 -8.11
CA THR C 198 15.20 7.81 -8.12
C THR C 198 15.60 9.07 -7.33
N GLU C 199 16.85 9.09 -6.87
CA GLU C 199 17.35 10.22 -6.08
C GLU C 199 17.21 11.53 -6.84
N ALA C 200 17.55 11.50 -8.13
CA ALA C 200 17.47 12.68 -8.97
C ALA C 200 16.05 13.26 -8.98
N ALA C 201 15.05 12.38 -8.99
CA ALA C 201 13.66 12.82 -9.01
C ALA C 201 13.29 13.65 -7.78
N ALA C 202 14.09 13.56 -6.74
CA ALA C 202 13.84 14.31 -5.50
C ALA C 202 12.44 14.09 -4.93
N GLY C 203 11.90 12.89 -5.11
CA GLY C 203 10.58 12.59 -4.58
C GLY C 203 9.42 12.98 -5.47
N ILE C 204 9.73 13.51 -6.65
CA ILE C 204 8.67 13.92 -7.58
C ILE C 204 8.42 12.74 -8.54
N GLU C 205 7.15 12.54 -8.91
CA GLU C 205 6.78 11.47 -9.83
C GLU C 205 6.18 12.07 -11.10
N TRP C 206 7.01 12.21 -12.12
CA TRP C 206 6.58 12.77 -13.39
C TRP C 206 5.72 11.78 -14.17
N GLN C 207 4.61 12.28 -14.71
CA GLN C 207 3.70 11.44 -15.45
C GLN C 207 3.07 12.23 -16.59
N ARG C 208 2.60 11.52 -17.61
CA ARG C 208 1.95 12.15 -18.75
C ARG C 208 0.53 12.55 -18.47
N GLU C 209 0.19 13.80 -18.80
CA GLU C 209 -1.19 14.24 -18.67
C GLU C 209 -1.74 13.91 -20.06
N THR C 210 -0.98 14.31 -21.07
CA THR C 210 -1.36 14.08 -22.45
C THR C 210 -0.20 13.71 -23.36
N ILE C 211 -0.52 12.95 -24.39
CA ILE C 211 0.44 12.57 -25.41
C ILE C 211 -0.33 12.47 -26.73
N SER C 212 0.15 13.17 -27.75
CA SER C 212 -0.52 13.17 -29.04
C SER C 212 -0.22 11.91 -29.82
N GLU C 213 -0.91 11.72 -30.95
CA GLU C 213 -0.67 10.58 -31.81
C GLU C 213 0.62 10.94 -32.55
N GLU C 214 1.20 9.99 -33.28
CA GLU C 214 2.39 10.34 -34.02
C GLU C 214 1.92 11.23 -35.15
N LEU C 215 2.55 12.39 -35.28
CA LEU C 215 2.18 13.34 -36.30
C LEU C 215 3.24 13.43 -37.39
N THR C 216 2.82 13.89 -38.55
CA THR C 216 3.71 14.01 -39.70
C THR C 216 3.74 15.46 -40.13
N SER C 217 4.91 16.07 -40.03
CA SER C 217 5.07 17.47 -40.40
C SER C 217 4.71 17.74 -41.85
N ALA C 218 4.27 18.96 -42.11
CA ALA C 218 3.90 19.39 -43.44
C ALA C 218 5.14 19.81 -44.21
N ASN C 219 6.29 19.80 -43.55
CA ASN C 219 7.52 20.19 -44.23
C ASN C 219 7.77 19.20 -45.37
N GLY C 220 8.82 19.43 -46.15
CA GLY C 220 9.10 18.53 -47.25
C GLY C 220 9.51 17.11 -46.88
N ASN C 221 10.13 16.96 -45.72
CA ASN C 221 10.61 15.65 -45.28
C ASN C 221 9.59 14.77 -44.58
N GLU C 222 8.41 15.32 -44.29
CA GLU C 222 7.36 14.57 -43.61
C GLU C 222 7.92 14.02 -42.29
N THR C 223 8.60 14.89 -41.56
CA THR C 223 9.21 14.51 -40.29
C THR C 223 8.18 14.03 -39.27
N LYS C 224 8.46 12.90 -38.64
CA LYS C 224 7.58 12.33 -37.64
C LYS C 224 7.87 13.01 -36.30
N TYR C 225 6.81 13.40 -35.59
CA TYR C 225 6.98 14.06 -34.31
C TYR C 225 5.71 13.90 -33.47
N TYR C 226 5.81 14.18 -32.18
CA TYR C 226 4.66 14.09 -31.28
C TYR C 226 4.87 14.97 -30.06
N PHE C 227 3.78 15.37 -29.43
CA PHE C 227 3.81 16.23 -28.26
C PHE C 227 3.49 15.47 -26.98
N GLU C 228 4.04 15.99 -25.88
CA GLU C 228 3.81 15.43 -24.55
C GLU C 228 3.70 16.54 -23.51
N LYS C 229 2.75 16.40 -22.61
CA LYS C 229 2.62 17.33 -21.50
C LYS C 229 2.82 16.44 -20.28
N LEU C 230 3.89 16.72 -19.52
CA LEU C 230 4.19 15.96 -18.32
C LEU C 230 3.90 16.86 -17.12
N ILE C 231 3.40 16.26 -16.05
CA ILE C 231 3.07 17.01 -14.82
C ILE C 231 3.50 16.22 -13.59
N PRO C 232 3.82 16.92 -12.50
CA PRO C 232 4.24 16.23 -11.28
C PRO C 232 3.01 15.63 -10.58
N ARG C 233 2.99 14.31 -10.43
CA ARG C 233 1.87 13.63 -9.80
C ARG C 233 1.41 14.32 -8.52
N ASN C 234 0.14 14.67 -8.46
CA ASN C 234 -0.39 15.33 -7.28
C ASN C 234 -1.15 14.33 -6.39
N ARG C 235 -0.43 13.60 -5.56
CA ARG C 235 -1.03 12.60 -4.67
C ARG C 235 -2.00 13.24 -3.68
N GLU C 236 -1.77 14.51 -3.33
CA GLU C 236 -2.67 15.17 -2.39
C GLU C 236 -4.09 15.30 -2.94
N GLU C 237 -4.22 15.72 -4.19
CA GLU C 237 -5.55 15.85 -4.77
C GLU C 237 -6.15 14.46 -5.01
N GLU C 238 -5.30 13.48 -5.33
CA GLU C 238 -5.82 12.13 -5.55
C GLU C 238 -6.45 11.58 -4.27
N GLN C 239 -6.02 12.07 -3.10
CA GLN C 239 -6.61 11.60 -1.85
C GLN C 239 -8.10 11.85 -2.01
N TYR C 240 -8.43 13.08 -2.36
CA TYR C 240 -9.80 13.51 -2.55
C TYR C 240 -10.55 12.70 -3.60
N LEU C 241 -9.95 12.55 -4.78
CA LEU C 241 -10.58 11.80 -5.86
C LEU C 241 -10.85 10.35 -5.47
N SER C 242 -9.89 9.73 -4.77
CA SER C 242 -10.04 8.35 -4.34
C SER C 242 -11.21 8.20 -3.38
N LEU C 243 -11.34 9.16 -2.47
CA LEU C 243 -12.42 9.14 -1.49
C LEU C 243 -13.77 9.21 -2.21
N VAL C 244 -13.89 10.16 -3.14
CA VAL C 244 -15.14 10.31 -3.89
C VAL C 244 -15.45 9.01 -4.63
N ASP C 245 -14.43 8.44 -5.27
CA ASP C 245 -14.63 7.21 -6.00
C ASP C 245 -15.13 6.14 -5.04
N ARG C 246 -14.46 6.00 -3.89
CA ARG C 246 -14.85 5.02 -2.90
C ARG C 246 -16.29 5.24 -2.47
N ILE C 247 -16.66 6.48 -2.19
CA ILE C 247 -18.03 6.77 -1.79
C ILE C 247 -19.06 6.33 -2.85
N ILE C 248 -18.80 6.63 -4.11
CA ILE C 248 -19.73 6.26 -5.18
C ILE C 248 -19.83 4.73 -5.29
N ARG C 249 -18.69 4.07 -5.26
CA ARG C 249 -18.61 2.63 -5.38
C ARG C 249 -19.08 1.79 -4.19
N GLU C 250 -18.80 2.25 -2.97
CA GLU C 250 -19.16 1.49 -1.78
C GLU C 250 -19.99 2.24 -0.74
N GLY C 251 -20.22 3.52 -0.96
CA GLY C 251 -20.98 4.31 0.00
C GLY C 251 -22.39 3.81 0.27
N ASN C 252 -22.96 4.22 1.41
CA ASN C 252 -24.32 3.83 1.76
C ASN C 252 -25.32 4.86 1.23
N VAL C 253 -26.34 4.40 0.53
CA VAL C 253 -27.37 5.29 0.01
C VAL C 253 -28.37 5.63 1.11
N LYS C 254 -28.72 6.90 1.23
CA LYS C 254 -29.68 7.35 2.22
C LYS C 254 -30.50 8.49 1.62
N HIS C 255 -31.77 8.57 2.01
CA HIS C 255 -32.67 9.64 1.55
C HIS C 255 -33.29 10.28 2.79
N ASP C 256 -33.06 11.58 2.95
CA ASP C 256 -33.58 12.31 4.10
C ASP C 256 -35.10 12.55 4.06
N ARG C 257 -35.55 13.45 4.92
CA ARG C 257 -36.97 13.79 5.04
C ARG C 257 -37.59 14.38 3.77
N THR C 258 -36.81 15.17 3.03
CA THR C 258 -37.31 15.79 1.82
C THR C 258 -37.04 14.99 0.55
N GLY C 259 -36.42 13.84 0.70
CA GLY C 259 -36.13 13.00 -0.46
C GLY C 259 -34.75 13.22 -1.07
N VAL C 260 -33.91 13.99 -0.40
CA VAL C 260 -32.56 14.23 -0.90
C VAL C 260 -31.74 12.96 -0.67
N GLY C 261 -31.17 12.42 -1.74
CA GLY C 261 -30.39 11.20 -1.61
C GLY C 261 -28.88 11.42 -1.62
N THR C 262 -28.17 10.64 -0.81
CA THR C 262 -26.72 10.75 -0.75
C THR C 262 -26.07 9.38 -0.64
N LEU C 263 -24.80 9.32 -1.02
CA LEU C 263 -24.01 8.11 -0.90
C LEU C 263 -22.97 8.53 0.14
N SER C 264 -22.79 7.73 1.18
CA SER C 264 -21.84 8.12 2.22
C SER C 264 -21.02 7.02 2.86
N ILE C 265 -19.93 7.46 3.50
CA ILE C 265 -19.03 6.62 4.25
C ILE C 265 -18.80 7.44 5.53
N PHE C 266 -18.30 6.79 6.57
CA PHE C 266 -18.06 7.51 7.82
C PHE C 266 -16.62 7.41 8.26
N GLY C 267 -15.97 8.56 8.44
CA GLY C 267 -14.60 8.55 8.90
C GLY C 267 -13.51 8.50 7.83
N ALA C 268 -12.82 9.62 7.65
CA ALA C 268 -11.73 9.70 6.68
C ALA C 268 -10.80 10.84 7.07
N GLN C 269 -9.64 10.91 6.43
CA GLN C 269 -8.67 11.93 6.75
C GLN C 269 -7.74 12.20 5.55
N MET C 270 -7.42 13.46 5.31
CA MET C 270 -6.54 13.84 4.21
C MET C 270 -5.55 14.89 4.71
N ARG C 271 -4.38 14.96 4.09
CA ARG C 271 -3.33 15.90 4.47
C ARG C 271 -2.93 16.74 3.26
N PHE C 272 -2.65 18.01 3.49
CA PHE C 272 -2.24 18.91 2.42
C PHE C 272 -1.10 19.80 2.90
N SER C 273 -0.03 19.88 2.13
CA SER C 273 1.09 20.73 2.51
C SER C 273 0.78 22.18 2.18
N LEU C 274 1.16 23.08 3.07
CA LEU C 274 0.94 24.51 2.86
C LEU C 274 2.30 25.18 2.77
N ARG C 275 3.36 24.38 2.80
CA ARG C 275 4.72 24.92 2.77
C ARG C 275 5.09 25.66 1.51
N ASN C 276 5.98 26.63 1.65
CA ASN C 276 6.47 27.42 0.54
C ASN C 276 5.41 27.99 -0.40
N ASN C 277 4.38 28.58 0.20
CA ASN C 277 3.29 29.25 -0.52
C ASN C 277 2.30 28.39 -1.28
N ARG C 278 2.45 27.07 -1.24
CA ARG C 278 1.52 26.23 -1.97
C ARG C 278 0.13 26.26 -1.34
N LEU C 279 -0.88 26.35 -2.21
CA LEU C 279 -2.27 26.42 -1.80
C LEU C 279 -3.03 25.23 -2.40
N PRO C 280 -3.58 24.36 -1.55
CA PRO C 280 -4.33 23.19 -2.03
C PRO C 280 -5.70 23.48 -2.62
N LEU C 281 -5.73 24.20 -3.75
CA LEU C 281 -6.97 24.49 -4.46
C LEU C 281 -7.07 23.42 -5.54
N LEU C 282 -8.06 22.54 -5.41
CA LEU C 282 -8.23 21.44 -6.37
C LEU C 282 -8.21 21.91 -7.83
N THR C 283 -7.58 21.13 -8.69
CA THR C 283 -7.46 21.47 -10.09
C THR C 283 -8.47 20.76 -10.99
N THR C 284 -8.98 19.60 -10.55
CA THR C 284 -9.91 18.87 -11.40
C THR C 284 -11.28 19.53 -11.53
N LYS C 285 -11.52 20.54 -10.70
CA LYS C 285 -12.75 21.33 -10.74
C LYS C 285 -12.44 22.64 -10.04
N ARG C 286 -12.53 23.75 -10.77
CA ARG C 286 -12.23 25.07 -10.21
C ARG C 286 -12.98 25.35 -8.92
N VAL C 287 -12.23 25.80 -7.90
CA VAL C 287 -12.84 26.14 -6.62
C VAL C 287 -13.06 27.67 -6.58
N PHE C 288 -14.19 28.07 -5.99
CA PHE C 288 -14.57 29.48 -5.88
C PHE C 288 -13.75 30.20 -4.81
N TRP C 289 -12.48 30.48 -5.11
CA TRP C 289 -11.57 31.15 -4.17
C TRP C 289 -12.02 32.48 -3.59
N ARG C 290 -12.54 33.37 -4.44
CA ARG C 290 -12.97 34.67 -3.92
C ARG C 290 -14.03 34.43 -2.85
N GLY C 291 -14.93 33.47 -3.10
CA GLY C 291 -15.95 33.17 -2.11
C GLY C 291 -15.28 32.67 -0.84
N VAL C 292 -14.38 31.70 -1.01
CA VAL C 292 -13.65 31.12 0.11
C VAL C 292 -13.04 32.21 1.00
N CYS C 293 -12.26 33.08 0.36
CA CYS C 293 -11.57 34.16 1.03
C CYS C 293 -12.51 35.10 1.80
N GLU C 294 -13.53 35.63 1.13
CA GLU C 294 -14.45 36.54 1.81
C GLU C 294 -15.11 35.89 3.02
N GLU C 295 -15.57 34.66 2.86
CA GLU C 295 -16.23 33.98 3.99
C GLU C 295 -15.29 33.72 5.17
N LEU C 296 -14.06 33.32 4.87
CA LEU C 296 -13.08 33.03 5.92
C LEU C 296 -12.76 34.29 6.73
N LEU C 297 -12.54 35.40 6.03
CA LEU C 297 -12.23 36.66 6.69
C LEU C 297 -13.45 37.07 7.52
N TRP C 298 -14.61 36.75 6.97
CA TRP C 298 -15.89 37.04 7.60
C TRP C 298 -15.98 36.23 8.91
N PHE C 299 -15.55 34.97 8.87
CA PHE C 299 -15.54 34.13 10.07
C PHE C 299 -14.60 34.73 11.13
N LEU C 300 -13.39 35.10 10.69
CA LEU C 300 -12.37 35.65 11.60
C LEU C 300 -12.77 36.95 12.28
N ARG C 301 -13.58 37.76 11.61
CA ARG C 301 -14.04 39.01 12.21
C ARG C 301 -15.18 38.72 13.17
N GLY C 302 -15.63 37.47 13.20
CA GLY C 302 -16.71 37.09 14.10
C GLY C 302 -18.10 37.55 13.66
N GLU C 303 -18.28 37.68 12.34
CA GLU C 303 -19.55 38.14 11.77
C GLU C 303 -20.66 37.09 11.83
N THR C 304 -21.90 37.56 11.76
CA THR C 304 -23.06 36.67 11.79
C THR C 304 -24.07 37.12 10.76
N TYR C 305 -23.84 38.31 10.19
CA TYR C 305 -24.73 38.88 9.19
C TYR C 305 -24.26 38.53 7.79
N ALA C 306 -24.91 37.54 7.19
CA ALA C 306 -24.54 37.06 5.87
C ALA C 306 -24.68 38.10 4.77
N LYS C 307 -25.41 39.18 5.03
CA LYS C 307 -25.58 40.20 4.02
C LYS C 307 -24.22 40.79 3.65
N LYS C 308 -23.31 40.85 4.60
CA LYS C 308 -21.99 41.38 4.33
C LYS C 308 -21.34 40.57 3.20
N LEU C 309 -21.70 39.30 3.10
CA LEU C 309 -21.16 38.43 2.05
C LEU C 309 -21.99 38.63 0.79
N SER C 310 -23.31 38.63 0.95
CA SER C 310 -24.23 38.81 -0.18
C SER C 310 -23.90 40.05 -1.01
N ASP C 311 -23.75 41.18 -0.34
CA ASP C 311 -23.45 42.42 -1.03
C ASP C 311 -22.14 42.37 -1.80
N LYS C 312 -21.29 41.39 -1.48
CA LYS C 312 -20.01 41.24 -2.15
C LYS C 312 -20.07 40.16 -3.23
N GLY C 313 -21.28 39.71 -3.55
CA GLY C 313 -21.43 38.69 -4.58
C GLY C 313 -21.16 37.27 -4.13
N VAL C 314 -21.14 37.04 -2.83
CA VAL C 314 -20.90 35.69 -2.30
C VAL C 314 -22.22 35.28 -1.66
N HIS C 315 -22.98 34.47 -2.39
CA HIS C 315 -24.32 34.03 -1.98
C HIS C 315 -24.42 32.66 -1.36
N ILE C 316 -23.33 32.16 -0.81
CA ILE C 316 -23.35 30.81 -0.22
C ILE C 316 -24.24 30.69 1.01
N TRP C 317 -24.68 31.82 1.57
CA TRP C 317 -25.54 31.79 2.75
C TRP C 317 -26.98 32.24 2.52
N ASP C 318 -27.33 32.63 1.31
CA ASP C 318 -28.67 33.09 1.00
C ASP C 318 -29.77 32.13 1.43
N ASP C 319 -29.62 30.85 1.11
CA ASP C 319 -30.63 29.86 1.46
C ASP C 319 -30.83 29.66 2.96
N ASN C 320 -29.72 29.59 3.69
CA ASN C 320 -29.77 29.36 5.13
C ASN C 320 -30.02 30.63 5.93
N GLY C 321 -30.15 31.77 5.24
CA GLY C 321 -30.39 33.02 5.94
C GLY C 321 -31.68 33.71 5.54
N SER C 322 -32.49 33.04 4.72
CA SER C 322 -33.74 33.61 4.25
C SER C 322 -34.82 33.67 5.34
N ARG C 323 -35.83 34.48 5.09
CA ARG C 323 -36.95 34.65 6.00
C ARG C 323 -37.59 33.31 6.35
N ALA C 324 -37.88 32.52 5.31
CA ALA C 324 -38.50 31.21 5.47
C ALA C 324 -37.66 30.21 6.25
N PHE C 325 -36.40 30.05 5.87
CA PHE C 325 -35.52 29.13 6.57
C PHE C 325 -35.41 29.52 8.04
N LEU C 326 -35.08 30.79 8.28
CA LEU C 326 -34.95 31.30 9.64
C LEU C 326 -36.22 31.02 10.46
N ASP C 327 -37.39 31.25 9.86
CA ASP C 327 -38.64 31.00 10.55
C ASP C 327 -38.86 29.52 10.81
N SER C 328 -38.47 28.69 9.85
CA SER C 328 -38.63 27.25 9.98
C SER C 328 -37.77 26.76 11.15
N ARG C 329 -36.79 27.58 11.52
CA ARG C 329 -35.89 27.25 12.63
C ARG C 329 -36.37 27.87 13.94
N GLY C 330 -37.48 28.59 13.88
CA GLY C 330 -38.00 29.22 15.08
C GLY C 330 -37.32 30.54 15.35
N LEU C 331 -36.40 30.93 14.46
CA LEU C 331 -35.67 32.18 14.59
C LEU C 331 -36.46 33.32 13.95
N THR C 332 -37.69 33.53 14.44
CA THR C 332 -38.57 34.56 13.90
C THR C 332 -38.17 35.96 14.30
N GLU C 333 -37.34 36.08 15.34
CA GLU C 333 -36.90 37.40 15.79
C GLU C 333 -35.68 37.90 15.01
N TYR C 334 -35.03 37.02 14.27
CA TYR C 334 -33.86 37.45 13.49
C TYR C 334 -34.25 38.15 12.20
N GLU C 335 -33.50 39.19 11.87
CA GLU C 335 -33.72 39.93 10.64
C GLU C 335 -33.13 39.00 9.57
N GLU C 336 -33.67 39.03 8.36
CA GLU C 336 -33.18 38.17 7.30
C GLU C 336 -31.66 38.29 7.17
N MET C 337 -31.01 37.17 6.87
CA MET C 337 -29.55 37.11 6.73
C MET C 337 -28.83 37.10 8.08
N ASP C 338 -29.55 37.31 9.18
CA ASP C 338 -28.93 37.27 10.51
C ASP C 338 -29.01 35.79 10.91
N LEU C 339 -27.87 35.11 10.77
CA LEU C 339 -27.76 33.68 11.05
C LEU C 339 -27.68 33.26 12.50
N GLY C 340 -27.64 34.23 13.41
CA GLY C 340 -27.53 33.89 14.82
C GLY C 340 -26.05 33.79 15.16
N PRO C 341 -25.70 33.28 16.35
CA PRO C 341 -24.30 33.13 16.81
C PRO C 341 -23.54 31.96 16.17
N VAL C 342 -23.46 31.96 14.85
CA VAL C 342 -22.79 30.90 14.11
C VAL C 342 -21.27 31.09 14.01
N TYR C 343 -20.61 30.03 13.54
CA TYR C 343 -19.17 29.99 13.31
C TYR C 343 -18.28 31.02 14.02
N GLY C 344 -17.87 32.04 13.26
CA GLY C 344 -17.01 33.09 13.78
C GLY C 344 -17.41 33.72 15.09
N PHE C 345 -18.71 33.85 15.34
CA PHE C 345 -19.17 34.43 16.60
C PHE C 345 -18.68 33.57 17.76
N GLN C 346 -18.73 32.25 17.59
CA GLN C 346 -18.28 31.33 18.62
C GLN C 346 -16.74 31.35 18.67
N TRP C 347 -16.11 31.55 17.53
CA TRP C 347 -14.64 31.59 17.49
C TRP C 347 -14.12 32.76 18.31
N ARG C 348 -14.76 33.91 18.14
CA ARG C 348 -14.35 35.13 18.83
C ARG C 348 -15.16 35.46 20.09
N HIS C 349 -16.33 34.86 20.24
CA HIS C 349 -17.18 35.16 21.40
C HIS C 349 -17.91 33.93 21.95
N PHE C 350 -17.21 32.81 22.06
CA PHE C 350 -17.85 31.59 22.54
C PHE C 350 -18.62 31.77 23.84
N GLY C 351 -19.91 31.43 23.78
CA GLY C 351 -20.75 31.53 24.96
C GLY C 351 -21.45 32.87 25.18
N ALA C 352 -20.99 33.92 24.50
CA ALA C 352 -21.64 35.22 24.68
C ALA C 352 -23.13 35.10 24.37
N ALA C 353 -23.94 35.88 25.09
CA ALA C 353 -25.38 35.85 24.84
C ALA C 353 -25.57 36.59 23.51
N TYR C 354 -26.50 36.13 22.69
CA TYR C 354 -26.73 36.77 21.40
C TYR C 354 -28.14 37.35 21.31
N THR C 355 -28.25 38.54 20.72
CA THR C 355 -29.54 39.17 20.53
C THR C 355 -29.74 39.37 19.04
N HIS C 356 -28.93 40.25 18.45
CA HIS C 356 -29.01 40.54 17.02
C HIS C 356 -27.60 40.77 16.49
N HIS C 357 -27.39 40.54 15.20
CA HIS C 357 -26.08 40.69 14.58
C HIS C 357 -25.46 42.07 14.75
N ASP C 358 -26.31 43.08 14.93
CA ASP C 358 -25.87 44.48 15.08
C ASP C 358 -25.37 44.85 16.48
N ALA C 359 -25.80 44.10 17.49
CA ALA C 359 -25.40 44.37 18.87
C ALA C 359 -23.88 44.48 19.00
N ASN C 360 -23.41 44.98 20.14
CA ASN C 360 -21.98 45.12 20.36
C ASN C 360 -21.50 43.97 21.22
N TYR C 361 -20.69 43.11 20.63
CA TYR C 361 -20.18 41.92 21.32
C TYR C 361 -18.73 42.02 21.76
N ASP C 362 -18.12 43.17 21.52
CA ASP C 362 -16.72 43.39 21.91
C ASP C 362 -16.51 43.02 23.37
N GLY C 363 -15.49 42.19 23.62
CA GLY C 363 -15.18 41.76 24.97
C GLY C 363 -16.08 40.69 25.54
N GLN C 364 -17.13 40.31 24.81
CA GLN C 364 -18.06 39.30 25.29
C GLN C 364 -17.67 37.89 24.86
N GLY C 365 -17.88 36.93 25.76
CA GLY C 365 -17.56 35.55 25.47
C GLY C 365 -16.06 35.31 25.44
N VAL C 366 -15.67 34.07 25.14
CA VAL C 366 -14.25 33.71 25.08
C VAL C 366 -13.71 33.87 23.67
N ASP C 367 -12.66 34.68 23.53
CA ASP C 367 -12.05 34.88 22.21
C ASP C 367 -11.01 33.77 22.03
N GLN C 368 -11.44 32.68 21.39
CA GLN C 368 -10.58 31.53 21.17
C GLN C 368 -9.39 31.79 20.24
N ILE C 369 -9.60 32.57 19.18
CA ILE C 369 -8.54 32.86 18.22
C ILE C 369 -7.41 33.69 18.82
N LYS C 370 -7.76 34.72 19.58
CA LYS C 370 -6.77 35.58 20.19
C LYS C 370 -5.95 34.74 21.17
N ALA C 371 -6.62 33.92 21.98
CA ALA C 371 -5.93 33.07 22.96
C ALA C 371 -4.92 32.14 22.30
N ILE C 372 -5.34 31.47 21.24
CA ILE C 372 -4.45 30.56 20.51
C ILE C 372 -3.24 31.28 19.92
N VAL C 373 -3.46 32.48 19.38
CA VAL C 373 -2.38 33.27 18.79
C VAL C 373 -1.33 33.59 19.86
N GLU C 374 -1.81 33.99 21.03
CA GLU C 374 -0.93 34.31 22.16
C GLU C 374 -0.14 33.07 22.59
N THR C 375 -0.82 31.93 22.64
CA THR C 375 -0.19 30.68 23.04
C THR C 375 0.86 30.20 22.03
N LEU C 376 0.57 30.37 20.75
CA LEU C 376 1.48 29.97 19.68
C LEU C 376 2.80 30.73 19.79
N LYS C 377 2.69 32.00 20.13
CA LYS C 377 3.84 32.89 20.26
C LYS C 377 4.68 32.68 21.51
N THR C 378 4.08 32.13 22.57
CA THR C 378 4.80 31.93 23.82
C THR C 378 5.07 30.48 24.21
N ASN C 379 4.12 29.59 23.94
CA ASN C 379 4.27 28.17 24.28
C ASN C 379 3.74 27.30 23.15
N PRO C 380 4.41 27.32 21.99
CA PRO C 380 4.03 26.56 20.80
C PRO C 380 3.82 25.05 20.96
N ASP C 381 4.43 24.46 21.99
CA ASP C 381 4.29 23.02 22.19
C ASP C 381 3.02 22.67 22.98
N ASP C 382 2.28 23.69 23.40
CA ASP C 382 1.04 23.50 24.15
C ASP C 382 0.12 22.54 23.38
N ARG C 383 -0.60 21.69 24.09
CA ARG C 383 -1.48 20.73 23.45
C ARG C 383 -2.98 21.04 23.61
N ARG C 384 -3.30 22.30 23.84
CA ARG C 384 -4.69 22.71 24.02
C ARG C 384 -5.04 23.86 23.07
N MET C 385 -4.29 23.96 21.99
CA MET C 385 -4.52 25.03 21.03
C MET C 385 -5.58 24.69 19.99
N LEU C 386 -6.84 24.73 20.41
CA LEU C 386 -7.93 24.46 19.49
C LEU C 386 -9.09 25.35 19.78
N PHE C 387 -9.88 25.62 18.74
CA PHE C 387 -11.07 26.44 18.88
C PHE C 387 -12.25 25.66 18.33
N THR C 388 -13.44 25.95 18.85
CA THR C 388 -14.64 25.25 18.41
C THR C 388 -15.85 26.14 18.27
N ALA C 389 -16.77 25.73 17.39
CA ALA C 389 -18.02 26.46 17.18
C ALA C 389 -19.13 25.53 17.66
N TRP C 390 -18.76 24.34 18.12
CA TRP C 390 -19.78 23.43 18.58
C TRP C 390 -20.15 23.76 20.04
N ASN C 391 -21.19 24.58 20.17
CA ASN C 391 -21.69 25.02 21.47
C ASN C 391 -23.13 24.56 21.58
N PRO C 392 -23.38 23.41 22.25
CA PRO C 392 -24.73 22.86 22.42
C PRO C 392 -25.73 23.88 22.94
N SER C 393 -25.28 24.75 23.83
CA SER C 393 -26.15 25.77 24.41
C SER C 393 -26.69 26.74 23.38
N ALA C 394 -25.87 27.12 22.41
CA ALA C 394 -26.26 28.07 21.37
C ALA C 394 -26.74 27.46 20.06
N LEU C 395 -26.62 26.14 19.91
CA LEU C 395 -27.06 25.46 18.70
C LEU C 395 -28.50 25.85 18.27
N PRO C 396 -29.45 25.83 19.22
CA PRO C 396 -30.83 26.20 18.84
C PRO C 396 -30.98 27.63 18.32
N ARG C 397 -30.07 28.53 18.70
CA ARG C 397 -30.15 29.91 18.25
C ARG C 397 -29.43 30.15 16.93
N MET C 398 -28.84 29.10 16.37
CA MET C 398 -28.11 29.19 15.11
C MET C 398 -28.97 28.76 13.94
N ALA C 399 -28.82 29.42 12.81
CA ALA C 399 -29.57 29.06 11.61
C ALA C 399 -29.23 27.62 11.25
N LEU C 400 -28.03 27.19 11.62
CA LEU C 400 -27.58 25.84 11.31
C LEU C 400 -26.35 25.54 12.19
N PRO C 401 -26.23 24.31 12.73
CA PRO C 401 -25.05 24.03 13.56
C PRO C 401 -23.86 24.03 12.61
N PRO C 402 -22.64 24.30 13.11
CA PRO C 402 -21.47 24.32 12.22
C PRO C 402 -21.09 22.94 11.66
N CYS C 403 -20.66 22.92 10.40
CA CYS C 403 -20.23 21.71 9.70
C CYS C 403 -18.75 21.47 10.08
N HIS C 404 -17.89 22.45 9.79
CA HIS C 404 -16.47 22.37 10.19
C HIS C 404 -16.54 23.04 11.56
N LEU C 405 -16.56 22.22 12.59
CA LEU C 405 -16.78 22.68 13.95
C LEU C 405 -15.62 22.73 14.95
N LEU C 406 -14.47 22.20 14.58
CA LEU C 406 -13.33 22.20 15.50
C LEU C 406 -12.03 22.26 14.72
N ALA C 407 -11.00 22.82 15.34
CA ALA C 407 -9.68 22.91 14.72
C ALA C 407 -8.59 23.01 15.79
N GLN C 408 -7.54 22.21 15.63
CA GLN C 408 -6.42 22.19 16.55
C GLN C 408 -5.13 22.59 15.84
N PHE C 409 -4.25 23.27 16.58
CA PHE C 409 -2.98 23.69 16.00
C PHE C 409 -1.82 22.92 16.60
N TYR C 410 -0.77 22.79 15.79
CA TYR C 410 0.43 22.07 16.20
C TYR C 410 1.64 22.76 15.59
N VAL C 411 2.73 22.81 16.36
CA VAL C 411 3.94 23.45 15.89
C VAL C 411 5.15 22.53 15.92
N SER C 412 5.93 22.59 14.85
CA SER C 412 7.14 21.79 14.75
C SER C 412 8.08 22.50 13.80
N ASN C 413 9.31 22.76 14.27
CA ASN C 413 10.33 23.42 13.48
C ASN C 413 9.86 24.76 12.90
N GLY C 414 9.15 25.53 13.70
CA GLY C 414 8.66 26.82 13.25
C GLY C 414 7.57 26.73 12.22
N GLU C 415 6.97 25.55 12.08
CA GLU C 415 5.91 25.35 11.11
C GLU C 415 4.57 25.11 11.80
N LEU C 416 3.57 25.86 11.36
CA LEU C 416 2.24 25.75 11.93
C LEU C 416 1.37 24.79 11.15
N SER C 417 0.88 23.76 11.82
CA SER C 417 0.00 22.79 11.19
C SER C 417 -1.38 22.89 11.84
N CYS C 418 -2.41 22.59 11.07
CA CYS C 418 -3.76 22.66 11.56
C CYS C 418 -4.54 21.41 11.22
N MET C 419 -5.41 21.00 12.14
CA MET C 419 -6.26 19.83 11.94
C MET C 419 -7.69 20.30 12.06
N LEU C 420 -8.47 20.06 11.02
CA LEU C 420 -9.89 20.44 10.97
C LEU C 420 -10.80 19.23 11.17
N TYR C 421 -11.87 19.39 11.95
CA TYR C 421 -12.81 18.29 12.14
C TYR C 421 -14.14 18.72 11.54
N GLN C 422 -14.59 18.01 10.51
CA GLN C 422 -15.86 18.31 9.86
C GLN C 422 -16.83 17.14 10.09
N ARG C 423 -17.98 17.44 10.69
CA ARG C 423 -18.97 16.40 10.99
C ARG C 423 -19.70 15.87 9.77
N SER C 424 -20.00 16.78 8.85
CA SER C 424 -20.72 16.45 7.63
C SER C 424 -19.96 17.07 6.47
N CYS C 425 -19.67 16.28 5.45
CA CYS C 425 -18.91 16.79 4.33
C CYS C 425 -19.49 16.47 2.96
N ASP C 426 -19.83 17.52 2.24
CA ASP C 426 -20.36 17.39 0.89
C ASP C 426 -19.12 17.30 0.00
N MET C 427 -18.75 16.09 -0.37
CA MET C 427 -17.57 15.89 -1.19
C MET C 427 -17.56 16.70 -2.48
N GLY C 428 -18.72 16.82 -3.11
CA GLY C 428 -18.82 17.55 -4.37
C GLY C 428 -18.45 19.02 -4.41
N LEU C 429 -19.08 19.82 -3.55
CA LEU C 429 -18.80 21.25 -3.54
C LEU C 429 -18.30 21.78 -2.21
N GLY C 430 -18.75 21.17 -1.12
CA GLY C 430 -18.35 21.62 0.20
C GLY C 430 -16.89 21.39 0.55
N VAL C 431 -16.41 20.15 0.37
CA VAL C 431 -15.05 19.80 0.72
C VAL C 431 -13.91 20.57 0.06
N PRO C 432 -13.94 20.75 -1.28
CA PRO C 432 -12.83 21.51 -1.88
C PRO C 432 -12.78 22.91 -1.28
N PHE C 433 -13.97 23.47 -1.07
CA PHE C 433 -14.14 24.81 -0.50
C PHE C 433 -13.53 24.81 0.90
N ASN C 434 -13.91 23.83 1.71
CA ASN C 434 -13.44 23.71 3.09
C ASN C 434 -11.92 23.59 3.20
N ILE C 435 -11.32 22.79 2.32
CA ILE C 435 -9.88 22.59 2.31
C ILE C 435 -9.17 23.93 2.09
N ALA C 436 -9.71 24.73 1.19
CA ALA C 436 -9.15 26.03 0.85
C ALA C 436 -9.35 27.03 1.99
N SER C 437 -10.48 26.91 2.68
CA SER C 437 -10.76 27.81 3.80
C SER C 437 -9.77 27.65 4.94
N TYR C 438 -9.53 26.41 5.36
CA TYR C 438 -8.62 26.16 6.46
C TYR C 438 -7.15 26.30 6.11
N ALA C 439 -6.82 26.11 4.83
CA ALA C 439 -5.44 26.31 4.42
C ALA C 439 -5.19 27.81 4.63
N LEU C 440 -6.14 28.63 4.21
CA LEU C 440 -6.04 30.08 4.37
C LEU C 440 -5.97 30.46 5.84
N LEU C 441 -6.87 29.90 6.64
CA LEU C 441 -6.87 30.19 8.07
C LEU C 441 -5.49 29.85 8.67
N THR C 442 -4.95 28.70 8.29
CA THR C 442 -3.65 28.30 8.81
C THR C 442 -2.56 29.29 8.39
N ILE C 443 -2.58 29.72 7.13
CA ILE C 443 -1.60 30.68 6.62
C ILE C 443 -1.69 32.01 7.36
N LEU C 444 -2.91 32.48 7.60
CA LEU C 444 -3.11 33.74 8.30
C LEU C 444 -2.67 33.66 9.75
N ILE C 445 -2.92 32.53 10.42
CA ILE C 445 -2.53 32.40 11.81
C ILE C 445 -1.02 32.30 11.90
N ALA C 446 -0.39 31.72 10.87
CA ALA C 446 1.06 31.59 10.86
C ALA C 446 1.63 33.01 10.75
N LYS C 447 1.04 33.81 9.88
CA LYS C 447 1.47 35.19 9.67
C LYS C 447 1.28 36.05 10.92
N ALA C 448 0.33 35.66 11.77
CA ALA C 448 0.05 36.41 12.99
C ALA C 448 0.87 35.94 14.19
N THR C 449 1.61 34.85 14.02
CA THR C 449 2.37 34.30 15.13
C THR C 449 3.87 34.10 14.88
N GLY C 450 4.37 34.62 13.77
CA GLY C 450 5.79 34.49 13.45
C GLY C 450 6.24 33.11 13.02
N LEU C 451 5.32 32.29 12.55
CA LEU C 451 5.65 30.94 12.12
C LEU C 451 5.46 30.82 10.60
N ARG C 452 5.67 29.62 10.07
CA ARG C 452 5.50 29.40 8.65
C ARG C 452 4.45 28.32 8.48
N PRO C 453 3.64 28.40 7.41
CA PRO C 453 2.60 27.39 7.17
C PRO C 453 3.22 26.00 7.04
N GLY C 454 2.59 25.01 7.67
CA GLY C 454 3.09 23.65 7.58
C GLY C 454 2.14 22.75 6.82
N GLU C 455 1.33 21.98 7.56
CA GLU C 455 0.37 21.08 6.94
C GLU C 455 -1.05 21.33 7.43
N LEU C 456 -2.01 20.91 6.61
CA LEU C 456 -3.43 21.01 6.92
C LEU C 456 -3.92 19.56 6.94
N VAL C 457 -4.53 19.15 8.04
CA VAL C 457 -5.07 17.79 8.13
C VAL C 457 -6.58 17.96 8.23
N HIS C 458 -7.29 17.27 7.34
CA HIS C 458 -8.74 17.35 7.28
C HIS C 458 -9.36 16.03 7.70
N THR C 459 -10.12 16.06 8.79
CA THR C 459 -10.80 14.86 9.28
C THR C 459 -12.27 15.00 8.91
N LEU C 460 -12.80 13.98 8.26
CA LEU C 460 -14.19 13.95 7.84
C LEU C 460 -14.96 12.90 8.64
N GLY C 461 -16.19 13.26 9.01
CA GLY C 461 -17.07 12.36 9.73
C GLY C 461 -17.95 11.73 8.67
N ASP C 462 -19.17 12.22 8.51
CA ASP C 462 -20.11 11.72 7.51
C ASP C 462 -19.75 12.39 6.17
N ALA C 463 -19.05 11.65 5.31
CA ALA C 463 -18.63 12.15 4.00
C ALA C 463 -19.55 11.58 2.94
N HIS C 464 -20.25 12.46 2.24
CA HIS C 464 -21.20 12.03 1.24
C HIS C 464 -21.10 12.72 -0.12
N VAL C 465 -21.68 12.06 -1.11
CA VAL C 465 -21.74 12.54 -2.48
C VAL C 465 -23.24 12.53 -2.82
N TYR C 466 -23.78 13.69 -3.16
CA TYR C 466 -25.19 13.75 -3.51
C TYR C 466 -25.46 12.88 -4.72
N SER C 467 -26.59 12.20 -4.71
CA SER C 467 -26.97 11.34 -5.81
C SER C 467 -27.02 12.14 -7.11
N ASN C 468 -27.45 13.40 -7.02
CA ASN C 468 -27.53 14.28 -8.19
C ASN C 468 -26.14 14.75 -8.63
N HIS C 469 -25.10 14.19 -8.01
CA HIS C 469 -23.73 14.57 -8.35
C HIS C 469 -22.91 13.37 -8.80
N VAL C 470 -23.51 12.19 -8.75
CA VAL C 470 -22.80 10.98 -9.14
C VAL C 470 -22.25 11.05 -10.57
N GLU C 471 -23.08 11.48 -11.51
CA GLU C 471 -22.66 11.59 -12.91
C GLU C 471 -21.57 12.63 -13.16
N PRO C 472 -21.75 13.86 -12.68
CA PRO C 472 -20.73 14.90 -12.88
C PRO C 472 -19.44 14.59 -12.10
N CYS C 473 -19.57 13.94 -10.96
CA CYS C 473 -18.41 13.55 -10.17
C CYS C 473 -17.64 12.49 -10.94
N ASN C 474 -18.35 11.59 -11.60
CA ASN C 474 -17.72 10.54 -12.38
C ASN C 474 -16.92 11.16 -13.53
N GLU C 475 -17.41 12.28 -14.03
CA GLU C 475 -16.73 12.99 -15.11
C GLU C 475 -15.42 13.55 -14.58
N GLN C 476 -15.51 14.23 -13.44
CA GLN C 476 -14.32 14.82 -12.84
C GLN C 476 -13.28 13.77 -12.50
N LEU C 477 -13.73 12.56 -12.16
CA LEU C 477 -12.83 11.47 -11.81
C LEU C 477 -11.97 10.99 -12.98
N LYS C 478 -12.32 11.37 -14.20
CA LYS C 478 -11.54 10.98 -15.38
C LYS C 478 -10.27 11.83 -15.49
N ARG C 479 -10.29 12.99 -14.84
CA ARG C 479 -9.17 13.94 -14.89
C ARG C 479 -8.00 13.65 -13.95
N VAL C 480 -6.79 13.78 -14.48
CA VAL C 480 -5.57 13.57 -13.70
C VAL C 480 -5.18 14.91 -13.06
N PRO C 481 -5.15 14.97 -11.72
CA PRO C 481 -4.79 16.19 -10.99
C PRO C 481 -3.49 16.85 -11.44
N ARG C 482 -3.53 18.18 -11.53
CA ARG C 482 -2.35 18.96 -11.92
C ARG C 482 -1.72 19.52 -10.65
N ALA C 483 -0.60 20.21 -10.80
CA ALA C 483 0.08 20.78 -9.66
C ALA C 483 -0.79 21.90 -9.07
N PHE C 484 -0.71 22.07 -7.75
CA PHE C 484 -1.47 23.09 -7.05
C PHE C 484 -0.91 24.49 -7.30
N PRO C 485 -1.74 25.52 -7.05
CA PRO C 485 -1.30 26.90 -7.25
C PRO C 485 -0.60 27.40 -5.99
N TYR C 486 -0.36 28.69 -5.92
CA TYR C 486 0.32 29.30 -4.79
C TYR C 486 -0.42 30.54 -4.34
N LEU C 487 -0.15 30.96 -3.11
CA LEU C 487 -0.81 32.14 -2.57
C LEU C 487 0.22 33.17 -2.11
N VAL C 488 0.09 34.40 -2.61
CA VAL C 488 0.99 35.47 -2.22
C VAL C 488 0.17 36.64 -1.70
N PHE C 489 0.77 37.45 -0.85
CA PHE C 489 0.12 38.62 -0.29
C PHE C 489 0.77 39.86 -0.89
N ARG C 490 -0.03 40.68 -1.58
CA ARG C 490 0.51 41.89 -2.18
C ARG C 490 0.63 42.99 -1.13
N ARG C 491 -0.12 42.85 -0.04
CA ARG C 491 -0.05 43.82 1.05
C ARG C 491 -0.42 43.18 2.39
N GLU C 492 0.14 43.70 3.47
CA GLU C 492 -0.14 43.18 4.80
C GLU C 492 -1.02 44.15 5.59
N ARG C 493 -1.45 43.73 6.77
CA ARG C 493 -2.32 44.56 7.57
C ARG C 493 -1.83 44.70 9.00
N GLU C 494 -2.27 45.75 9.68
CA GLU C 494 -1.85 46.00 11.05
C GLU C 494 -2.53 44.99 11.98
N PHE C 495 -3.76 44.61 11.66
CA PHE C 495 -4.48 43.65 12.47
C PHE C 495 -5.07 42.56 11.58
N LEU C 496 -5.08 41.34 12.11
CA LEU C 496 -5.63 40.20 11.40
C LEU C 496 -7.04 40.49 10.87
N GLU C 497 -7.85 41.18 11.67
CA GLU C 497 -9.22 41.51 11.27
C GLU C 497 -9.30 42.50 10.11
N ASP C 498 -8.18 43.13 9.78
CA ASP C 498 -8.19 44.11 8.69
C ASP C 498 -7.91 43.55 7.29
N TYR C 499 -7.56 42.26 7.19
CA TYR C 499 -7.26 41.72 5.87
C TYR C 499 -8.46 41.70 4.94
N GLU C 500 -8.19 41.83 3.64
CA GLU C 500 -9.23 41.83 2.62
C GLU C 500 -8.84 40.88 1.48
N GLU C 501 -9.85 40.34 0.81
CA GLU C 501 -9.60 39.41 -0.29
C GLU C 501 -8.64 40.00 -1.31
N GLY C 502 -8.69 41.32 -1.48
CA GLY C 502 -7.79 41.97 -2.44
C GLY C 502 -6.34 42.04 -1.99
N ASP C 503 -6.09 41.77 -0.72
CA ASP C 503 -4.72 41.80 -0.19
C ASP C 503 -3.91 40.59 -0.64
N MET C 504 -4.58 39.56 -1.16
CA MET C 504 -3.87 38.37 -1.58
C MET C 504 -4.26 37.91 -2.98
N GLU C 505 -3.42 37.08 -3.58
CA GLU C 505 -3.72 36.57 -4.91
C GLU C 505 -3.22 35.16 -5.15
N VAL C 506 -4.07 34.35 -5.76
CA VAL C 506 -3.71 32.98 -6.08
C VAL C 506 -3.04 33.05 -7.44
N ILE C 507 -1.84 32.47 -7.56
CA ILE C 507 -1.16 32.50 -8.84
C ILE C 507 -0.89 31.09 -9.33
N ASP C 508 -0.74 30.96 -10.64
CA ASP C 508 -0.46 29.68 -11.28
C ASP C 508 -1.52 28.63 -11.00
N TYR C 509 -2.78 29.05 -11.07
CA TYR C 509 -3.90 28.14 -10.87
C TYR C 509 -4.37 27.76 -12.27
N ALA C 510 -4.21 26.49 -12.63
CA ALA C 510 -4.62 26.05 -13.96
C ALA C 510 -5.55 24.85 -13.87
N PRO C 511 -6.79 25.09 -13.40
CA PRO C 511 -7.73 23.99 -13.27
C PRO C 511 -8.29 23.56 -14.63
N TYR C 512 -8.91 22.39 -14.65
CA TYR C 512 -9.51 21.86 -15.86
C TYR C 512 -10.80 22.63 -16.13
N PRO C 513 -11.34 22.53 -17.36
CA PRO C 513 -12.58 23.22 -17.73
C PRO C 513 -13.80 22.81 -16.91
N PRO C 514 -14.86 23.64 -16.93
CA PRO C 514 -16.13 23.43 -16.21
C PRO C 514 -16.83 22.10 -16.46
N ILE C 515 -17.74 21.77 -15.55
CA ILE C 515 -18.56 20.56 -15.60
C ILE C 515 -19.95 20.94 -15.08
N SER C 516 -20.99 20.43 -15.73
CA SER C 516 -22.35 20.72 -15.32
C SER C 516 -22.69 20.02 -14.00
N MET C 517 -21.80 20.15 -13.02
CA MET C 517 -21.97 19.54 -11.70
C MET C 517 -22.90 20.39 -10.84
N LEU D 3 -36.08 9.84 35.86
CA LEU D 3 -36.67 10.95 35.06
C LEU D 3 -35.58 11.65 34.24
N PHE D 4 -34.38 11.72 34.82
CA PHE D 4 -33.24 12.34 34.15
C PHE D 4 -32.31 11.25 33.63
N LYS D 5 -32.74 10.01 33.75
CA LYS D 5 -31.96 8.87 33.31
C LYS D 5 -32.41 8.39 31.94
N ILE D 6 -31.59 7.57 31.30
CA ILE D 6 -31.90 7.03 29.99
C ILE D 6 -32.40 5.59 30.14
N ARG D 7 -33.66 5.38 29.79
CA ARG D 7 -34.26 4.06 29.90
C ARG D 7 -33.81 3.14 28.78
N MET D 8 -33.36 1.94 29.14
CA MET D 8 -32.94 0.97 28.13
C MET D 8 -34.17 0.38 27.46
N PRO D 9 -34.10 0.11 26.15
CA PRO D 9 -35.25 -0.47 25.43
C PRO D 9 -35.38 -1.97 25.73
N GLU D 10 -36.47 -2.58 25.28
CA GLU D 10 -36.66 -4.01 25.51
C GLU D 10 -35.72 -4.87 24.67
N THR D 11 -35.08 -4.27 23.68
CA THR D 11 -34.14 -4.98 22.82
C THR D 11 -32.71 -4.89 23.36
N VAL D 12 -32.58 -4.32 24.55
CA VAL D 12 -31.29 -4.13 25.20
C VAL D 12 -30.31 -5.31 25.15
N ALA D 13 -30.81 -6.53 25.29
CA ALA D 13 -29.93 -7.69 25.31
C ALA D 13 -29.68 -8.38 23.96
N GLU D 14 -30.70 -8.42 23.10
CA GLU D 14 -30.60 -9.08 21.81
C GLU D 14 -29.52 -8.59 20.83
N GLY D 15 -29.18 -7.30 20.90
CA GLY D 15 -28.19 -6.77 19.97
C GLY D 15 -26.73 -7.08 20.30
N THR D 16 -26.50 -7.60 21.50
CA THR D 16 -25.15 -7.91 21.91
C THR D 16 -25.03 -9.34 22.44
N ARG D 17 -26.03 -10.17 22.17
CA ARG D 17 -25.98 -11.55 22.64
C ARG D 17 -24.94 -12.34 21.85
N LEU D 18 -24.00 -12.97 22.56
CA LEU D 18 -22.95 -13.74 21.92
C LEU D 18 -23.56 -14.90 21.15
N ALA D 19 -23.33 -14.94 19.84
CA ALA D 19 -23.89 -16.02 19.02
C ALA D 19 -23.03 -17.29 19.10
N LEU D 20 -21.72 -17.13 18.99
CA LEU D 20 -20.80 -18.26 19.03
C LEU D 20 -19.62 -17.94 19.93
N ARG D 21 -19.22 -18.90 20.75
CA ARG D 21 -18.07 -18.67 21.64
C ARG D 21 -16.80 -18.91 20.83
N ALA D 22 -15.79 -18.09 21.07
CA ALA D 22 -14.52 -18.19 20.37
C ALA D 22 -13.82 -19.45 20.85
N PHE D 23 -12.93 -19.99 20.02
CA PHE D 23 -12.23 -21.23 20.39
C PHE D 23 -10.86 -21.35 19.74
N SER D 24 -10.06 -22.28 20.24
CA SER D 24 -8.75 -22.56 19.70
C SER D 24 -8.77 -24.01 19.24
N LEU D 25 -7.87 -24.35 18.32
CA LEU D 25 -7.79 -25.69 17.77
C LEU D 25 -6.41 -26.33 18.00
N VAL D 26 -6.39 -27.61 18.40
CA VAL D 26 -5.14 -28.32 18.64
C VAL D 26 -5.14 -29.57 17.78
N VAL D 27 -4.06 -29.83 17.07
CA VAL D 27 -3.98 -30.98 16.19
C VAL D 27 -2.56 -31.51 15.99
N ALA D 28 -2.46 -32.79 15.66
CA ALA D 28 -1.16 -33.40 15.39
C ALA D 28 -1.27 -33.98 14.00
N VAL D 29 -0.28 -33.75 13.17
CA VAL D 29 -0.27 -34.27 11.81
C VAL D 29 1.09 -34.86 11.48
N ASP D 30 1.17 -35.61 10.38
CA ASP D 30 2.45 -36.15 9.96
C ASP D 30 3.02 -35.08 9.01
N GLU D 31 4.18 -35.32 8.42
CA GLU D 31 4.77 -34.30 7.54
C GLU D 31 4.03 -34.08 6.22
N HIS D 32 2.92 -34.78 6.03
CA HIS D 32 2.11 -34.64 4.82
C HIS D 32 0.78 -33.99 5.15
N GLY D 33 0.60 -33.63 6.42
CA GLY D 33 -0.64 -33.00 6.84
C GLY D 33 -1.68 -34.02 7.29
N GLY D 34 -1.30 -35.30 7.28
CA GLY D 34 -2.22 -36.36 7.69
C GLY D 34 -2.46 -36.32 9.19
N ILE D 35 -3.72 -36.43 9.61
CA ILE D 35 -4.05 -36.35 11.03
C ILE D 35 -4.15 -37.64 11.86
N GLY D 36 -3.86 -38.79 11.27
CA GLY D 36 -3.96 -40.04 12.02
C GLY D 36 -5.23 -40.77 11.65
N ASP D 37 -6.30 -39.99 11.52
CA ASP D 37 -7.62 -40.47 11.11
C ASP D 37 -8.47 -41.22 12.14
N GLY D 38 -9.58 -40.58 12.53
CA GLY D 38 -10.52 -41.16 13.47
C GLY D 38 -10.00 -41.70 14.79
N ARG D 39 -10.09 -43.01 14.94
CA ARG D 39 -9.64 -43.70 16.14
C ARG D 39 -8.33 -44.44 15.81
N SER D 40 -7.43 -43.74 15.14
CA SER D 40 -6.15 -44.32 14.74
C SER D 40 -4.91 -43.65 15.35
N ILE D 41 -4.44 -42.59 14.68
CA ILE D 41 -3.23 -41.86 15.08
C ILE D 41 -2.13 -42.85 15.50
N PRO D 42 -1.74 -43.75 14.58
CA PRO D 42 -0.72 -44.77 14.80
C PRO D 42 0.52 -44.26 15.53
N TRP D 43 1.04 -43.13 15.09
CA TRP D 43 2.24 -42.53 15.71
C TRP D 43 1.92 -42.05 17.12
N ASN D 44 2.90 -42.17 18.02
CA ASN D 44 2.68 -41.75 19.40
C ASN D 44 3.92 -41.11 20.01
N VAL D 45 3.88 -39.78 20.12
CA VAL D 45 4.98 -39.01 20.70
C VAL D 45 4.54 -38.50 22.07
N PRO D 46 5.14 -39.02 23.14
CA PRO D 46 4.79 -38.61 24.50
C PRO D 46 4.96 -37.11 24.78
N GLU D 47 5.89 -36.46 24.08
CA GLU D 47 6.08 -35.02 24.30
C GLU D 47 4.89 -34.23 23.80
N ASP D 48 4.23 -34.73 22.75
CA ASP D 48 3.05 -34.05 22.22
C ASP D 48 1.86 -34.32 23.12
N MET D 49 1.78 -35.55 23.64
CA MET D 49 0.67 -35.92 24.52
C MET D 49 0.71 -34.98 25.72
N LYS D 50 1.92 -34.72 26.23
CA LYS D 50 2.09 -33.83 27.37
C LYS D 50 1.73 -32.38 27.02
N PHE D 51 2.16 -31.92 25.86
CA PHE D 51 1.86 -30.56 25.41
C PHE D 51 0.35 -30.39 25.31
N PHE D 52 -0.31 -31.38 24.72
CA PHE D 52 -1.76 -31.35 24.57
C PHE D 52 -2.45 -31.26 25.92
N ARG D 53 -2.04 -32.12 26.84
CA ARG D 53 -2.63 -32.17 28.17
C ARG D 53 -2.49 -30.84 28.92
N ASP D 54 -1.28 -30.28 28.92
CA ASP D 54 -1.05 -29.02 29.62
C ASP D 54 -1.82 -27.86 28.98
N LEU D 55 -1.78 -27.79 27.65
CA LEU D 55 -2.44 -26.72 26.90
C LEU D 55 -3.95 -26.68 27.13
N THR D 56 -4.60 -27.82 27.07
CA THR D 56 -6.05 -27.84 27.24
C THR D 56 -6.54 -27.88 28.70
N THR D 57 -5.69 -28.32 29.62
CA THR D 57 -6.10 -28.37 31.02
C THR D 57 -5.83 -27.08 31.78
N LYS D 58 -4.64 -26.52 31.61
CA LYS D 58 -4.27 -25.32 32.34
C LYS D 58 -5.04 -24.05 32.02
N LEU D 59 -5.28 -23.24 33.06
CA LEU D 59 -5.95 -21.95 32.92
C LEU D 59 -4.78 -20.98 32.78
N ARG D 60 -5.04 -19.75 32.34
CA ARG D 60 -3.94 -18.81 32.23
C ARG D 60 -3.96 -17.70 33.27
N GLY D 61 -4.81 -17.84 34.28
CA GLY D 61 -4.87 -16.85 35.33
C GLY D 61 -3.73 -17.08 36.31
N LYS D 62 -3.84 -16.52 37.51
CA LYS D 62 -2.78 -16.67 38.51
C LYS D 62 -2.75 -18.10 39.08
N ASN D 63 -3.81 -18.85 38.85
CA ASN D 63 -3.89 -20.23 39.31
C ASN D 63 -4.20 -21.11 38.08
N VAL D 64 -3.19 -21.83 37.61
CA VAL D 64 -3.35 -22.68 36.43
C VAL D 64 -4.18 -23.95 36.64
N LYS D 65 -4.48 -24.28 37.90
CA LYS D 65 -5.27 -25.48 38.20
C LYS D 65 -6.76 -25.22 37.99
N PRO D 66 -7.40 -25.99 37.10
CA PRO D 66 -8.83 -25.81 36.84
C PRO D 66 -9.73 -26.30 37.98
N SER D 67 -10.98 -25.86 37.94
CA SER D 67 -11.99 -26.24 38.94
C SER D 67 -13.35 -26.34 38.25
N PRO D 68 -14.37 -26.85 38.95
CA PRO D 68 -15.68 -26.97 38.33
C PRO D 68 -16.28 -25.60 38.03
N ALA D 69 -15.74 -24.57 38.68
CA ALA D 69 -16.22 -23.20 38.48
C ALA D 69 -15.47 -22.48 37.36
N LYS D 70 -14.23 -22.91 37.12
CA LYS D 70 -13.39 -22.29 36.10
C LYS D 70 -12.47 -23.35 35.48
N ARG D 71 -12.70 -23.66 34.22
CA ARG D 71 -11.91 -24.66 33.53
C ARG D 71 -12.04 -24.46 32.02
N ASN D 72 -11.43 -25.37 31.26
CA ASN D 72 -11.49 -25.29 29.81
C ASN D 72 -12.42 -26.34 29.25
N ALA D 73 -12.77 -26.17 28.00
CA ALA D 73 -13.62 -27.12 27.32
C ALA D 73 -12.85 -27.72 26.16
N VAL D 74 -13.16 -28.98 25.88
CA VAL D 74 -12.55 -29.72 24.80
C VAL D 74 -13.70 -30.28 23.96
N VAL D 75 -13.73 -29.92 22.67
CA VAL D 75 -14.79 -30.37 21.77
C VAL D 75 -14.24 -31.39 20.78
N MET D 76 -14.89 -32.55 20.69
CA MET D 76 -14.44 -33.62 19.82
C MET D 76 -15.61 -34.35 19.16
N GLY D 77 -15.35 -34.95 18.01
CA GLY D 77 -16.40 -35.71 17.34
C GLY D 77 -16.56 -37.03 18.08
N ARG D 78 -17.65 -37.73 17.82
CA ARG D 78 -17.92 -39.01 18.49
C ARG D 78 -16.80 -40.04 18.31
N LYS D 79 -16.27 -40.17 17.10
CA LYS D 79 -15.22 -41.14 16.85
C LYS D 79 -13.96 -40.83 17.67
N THR D 80 -13.71 -39.54 17.89
CA THR D 80 -12.56 -39.15 18.69
C THR D 80 -12.85 -39.54 20.15
N TRP D 81 -14.11 -39.39 20.54
CA TRP D 81 -14.51 -39.74 21.89
C TRP D 81 -14.29 -41.25 22.10
N ASP D 82 -14.70 -42.04 21.12
CA ASP D 82 -14.54 -43.49 21.20
C ASP D 82 -13.09 -43.93 21.10
N SER D 83 -12.22 -43.10 20.53
CA SER D 83 -10.81 -43.48 20.40
C SER D 83 -10.14 -43.44 21.77
N ILE D 84 -10.82 -42.82 22.74
CA ILE D 84 -10.29 -42.72 24.09
C ILE D 84 -10.66 -43.99 24.85
N PRO D 85 -9.66 -44.73 25.36
CA PRO D 85 -9.99 -45.95 26.10
C PRO D 85 -10.93 -45.64 27.26
N PRO D 86 -12.07 -46.34 27.34
CA PRO D 86 -13.08 -46.15 28.40
C PRO D 86 -12.52 -45.80 29.77
N LYS D 87 -11.29 -46.22 30.04
CA LYS D 87 -10.64 -45.95 31.33
C LYS D 87 -10.20 -44.49 31.45
N PHE D 88 -9.84 -43.88 30.33
CA PHE D 88 -9.40 -42.48 30.32
C PHE D 88 -10.51 -41.47 30.00
N ARG D 89 -11.76 -41.92 30.04
CA ARG D 89 -12.89 -41.03 29.77
C ARG D 89 -13.54 -40.55 31.06
N PRO D 90 -13.85 -39.26 31.17
CA PRO D 90 -13.63 -38.21 30.15
C PRO D 90 -12.29 -37.57 30.46
N LEU D 91 -11.69 -36.91 29.47
CA LEU D 91 -10.42 -36.24 29.70
C LEU D 91 -10.64 -35.38 30.94
N PRO D 92 -9.84 -35.60 32.00
CA PRO D 92 -9.90 -34.89 33.28
C PRO D 92 -9.60 -33.40 33.24
N GLY D 93 -10.19 -32.68 34.20
CA GLY D 93 -9.98 -31.25 34.33
C GLY D 93 -10.61 -30.36 33.27
N ARG D 94 -11.32 -30.98 32.34
CA ARG D 94 -11.96 -30.25 31.25
C ARG D 94 -13.38 -30.71 31.01
N LEU D 95 -14.21 -29.79 30.53
CA LEU D 95 -15.59 -30.10 30.18
C LEU D 95 -15.44 -30.81 28.84
N ASN D 96 -15.93 -32.04 28.75
CA ASN D 96 -15.84 -32.80 27.51
C ASN D 96 -17.10 -32.69 26.68
N VAL D 97 -16.97 -32.06 25.51
CA VAL D 97 -18.11 -31.89 24.62
C VAL D 97 -17.95 -32.83 23.44
N VAL D 98 -18.92 -33.72 23.25
CA VAL D 98 -18.89 -34.68 22.15
C VAL D 98 -19.98 -34.40 21.11
N LEU D 99 -19.56 -34.31 19.86
CA LEU D 99 -20.48 -34.05 18.74
C LEU D 99 -20.99 -35.37 18.19
N SER D 100 -22.28 -35.62 18.35
CA SER D 100 -22.91 -36.87 17.90
C SER D 100 -24.38 -36.70 17.53
N SER D 101 -24.85 -37.49 16.57
CA SER D 101 -26.25 -37.41 16.16
C SER D 101 -27.00 -38.68 16.53
N THR D 102 -26.47 -39.43 17.49
CA THR D 102 -27.09 -40.66 17.92
C THR D 102 -26.91 -40.86 19.41
N LEU D 103 -25.77 -40.45 19.93
CA LEU D 103 -25.48 -40.59 21.35
C LEU D 103 -25.87 -39.32 22.10
N THR D 104 -26.45 -39.49 23.27
CA THR D 104 -26.85 -38.36 24.10
C THR D 104 -25.92 -38.35 25.31
N THR D 105 -26.07 -37.35 26.17
CA THR D 105 -25.22 -37.26 27.35
C THR D 105 -25.24 -38.55 28.17
N GLN D 106 -26.43 -39.04 28.52
CA GLN D 106 -26.52 -40.27 29.30
C GLN D 106 -25.90 -41.46 28.56
N HIS D 107 -25.98 -41.44 27.23
CA HIS D 107 -25.38 -42.52 26.44
C HIS D 107 -23.90 -42.57 26.77
N LEU D 108 -23.26 -41.40 26.67
CA LEU D 108 -21.83 -41.28 26.94
C LEU D 108 -21.51 -41.73 28.36
N LEU D 109 -22.33 -41.31 29.32
CA LEU D 109 -22.15 -41.65 30.72
C LEU D 109 -22.15 -43.16 30.96
N ASP D 110 -23.24 -43.81 30.61
CA ASP D 110 -23.40 -45.25 30.80
C ASP D 110 -22.31 -46.09 30.12
N GLY D 111 -21.62 -45.51 29.15
CA GLY D 111 -20.58 -46.26 28.46
C GLY D 111 -19.28 -46.22 29.25
N LEU D 112 -19.33 -45.61 30.43
CA LEU D 112 -18.18 -45.50 31.31
C LEU D 112 -18.20 -46.57 32.40
N PRO D 113 -17.18 -47.43 32.43
CA PRO D 113 -17.01 -48.53 33.38
C PRO D 113 -17.60 -48.37 34.78
N ASP D 114 -16.77 -47.90 35.73
CA ASP D 114 -17.21 -47.73 37.11
C ASP D 114 -18.57 -47.03 37.21
N GLU D 115 -19.46 -47.60 38.03
CA GLU D 115 -20.81 -47.07 38.21
C GLU D 115 -20.87 -45.72 38.92
N GLU D 116 -20.07 -45.53 39.96
CA GLU D 116 -20.08 -44.27 40.68
C GLU D 116 -19.07 -43.32 40.04
N LYS D 117 -18.35 -43.82 39.04
CA LYS D 117 -17.38 -43.00 38.31
C LYS D 117 -18.22 -42.28 37.27
N ARG D 118 -19.10 -43.03 36.62
CA ARG D 118 -20.01 -42.48 35.62
C ARG D 118 -21.08 -41.73 36.42
N ASN D 119 -20.64 -41.18 37.55
CA ASN D 119 -21.46 -40.43 38.48
C ASN D 119 -20.58 -39.33 39.05
N LEU D 120 -19.28 -39.63 39.15
CA LEU D 120 -18.29 -38.68 39.66
C LEU D 120 -18.09 -37.59 38.62
N HIS D 121 -18.17 -37.98 37.35
CA HIS D 121 -18.00 -37.05 36.23
C HIS D 121 -19.37 -36.50 35.85
N ALA D 122 -20.08 -36.02 36.86
CA ALA D 122 -21.42 -35.45 36.69
C ALA D 122 -21.51 -34.43 35.55
N ASP D 123 -21.09 -33.20 35.84
CA ASP D 123 -21.14 -32.15 34.83
C ASP D 123 -19.83 -31.98 34.08
N SER D 124 -19.19 -33.11 33.73
CA SER D 124 -17.93 -33.06 32.99
C SER D 124 -18.10 -33.52 31.55
N ILE D 125 -19.27 -34.06 31.24
CA ILE D 125 -19.53 -34.55 29.90
C ILE D 125 -20.85 -34.02 29.38
N VAL D 126 -20.86 -33.64 28.11
CA VAL D 126 -22.06 -33.15 27.48
C VAL D 126 -22.02 -33.56 26.02
N ALA D 127 -23.17 -33.99 25.51
CA ALA D 127 -23.26 -34.40 24.12
C ALA D 127 -24.05 -33.36 23.36
N VAL D 128 -23.53 -32.97 22.20
CA VAL D 128 -24.22 -31.98 21.38
C VAL D 128 -24.64 -32.63 20.08
N ASN D 129 -25.94 -32.66 19.85
CA ASN D 129 -26.47 -33.25 18.63
C ASN D 129 -26.41 -32.25 17.51
N GLY D 130 -25.21 -32.07 16.97
CA GLY D 130 -24.98 -31.14 15.89
C GLY D 130 -23.50 -31.09 15.58
N GLY D 131 -23.08 -30.08 14.84
CA GLY D 131 -21.67 -29.94 14.51
C GLY D 131 -20.96 -29.01 15.47
N LEU D 132 -19.78 -28.55 15.06
CA LEU D 132 -19.00 -27.66 15.89
C LEU D 132 -19.75 -26.36 16.16
N GLU D 133 -20.36 -25.82 15.10
CA GLU D 133 -21.11 -24.58 15.21
C GLU D 133 -22.14 -24.65 16.35
N GLN D 134 -22.86 -25.77 16.43
CA GLN D 134 -23.88 -25.94 17.47
C GLN D 134 -23.23 -25.98 18.86
N ALA D 135 -22.08 -26.65 18.96
CA ALA D 135 -21.38 -26.75 20.23
C ALA D 135 -20.92 -25.35 20.67
N LEU D 136 -20.57 -24.52 19.70
CA LEU D 136 -20.10 -23.17 19.98
C LEU D 136 -21.24 -22.27 20.46
N ARG D 137 -22.47 -22.58 20.05
CA ARG D 137 -23.63 -21.81 20.48
C ARG D 137 -23.89 -22.16 21.93
N LEU D 138 -23.89 -23.46 22.22
CA LEU D 138 -24.11 -23.95 23.57
C LEU D 138 -23.09 -23.27 24.49
N LEU D 139 -21.82 -23.41 24.15
CA LEU D 139 -20.75 -22.82 24.93
C LEU D 139 -20.91 -21.31 25.08
N ALA D 140 -21.68 -20.68 24.21
CA ALA D 140 -21.89 -19.24 24.30
C ALA D 140 -22.98 -18.82 25.31
N SER D 141 -23.76 -19.78 25.79
CA SER D 141 -24.83 -19.48 26.75
C SER D 141 -24.26 -19.17 28.13
N PRO D 142 -25.07 -18.53 29.01
CA PRO D 142 -24.70 -18.15 30.37
C PRO D 142 -24.04 -19.19 31.28
N ASN D 143 -24.43 -20.46 31.11
CA ASN D 143 -23.89 -21.51 31.94
C ASN D 143 -22.44 -21.90 31.57
N TYR D 144 -22.00 -21.53 30.38
CA TYR D 144 -20.64 -21.87 29.95
C TYR D 144 -19.73 -20.64 29.76
N THR D 145 -20.32 -19.50 29.49
CA THR D 145 -19.56 -18.26 29.31
C THR D 145 -19.97 -17.35 30.46
N PRO D 146 -19.00 -16.88 31.26
CA PRO D 146 -17.55 -17.12 31.19
C PRO D 146 -16.94 -18.23 32.05
N SER D 147 -17.74 -19.12 32.63
CA SER D 147 -17.18 -20.19 33.46
C SER D 147 -16.12 -21.01 32.68
N ILE D 148 -16.30 -21.12 31.37
CA ILE D 148 -15.32 -21.83 30.53
C ILE D 148 -14.33 -20.78 30.04
N GLU D 149 -13.09 -20.85 30.50
CA GLU D 149 -12.09 -19.88 30.09
C GLU D 149 -11.72 -20.04 28.61
N THR D 150 -11.29 -21.23 28.20
CA THR D 150 -10.96 -21.45 26.79
C THR D 150 -11.60 -22.70 26.21
N VAL D 151 -12.05 -22.58 24.96
CA VAL D 151 -12.63 -23.73 24.27
C VAL D 151 -11.57 -24.26 23.30
N TYR D 152 -11.34 -25.57 23.35
CA TYR D 152 -10.37 -26.20 22.46
C TYR D 152 -11.02 -27.26 21.59
N CYS D 153 -10.86 -27.13 20.28
CA CYS D 153 -11.40 -28.11 19.34
C CYS D 153 -10.26 -29.12 19.29
N ILE D 154 -10.52 -30.36 19.70
CA ILE D 154 -9.42 -31.34 19.72
C ILE D 154 -9.42 -32.41 18.66
N GLY D 155 -10.34 -32.34 17.71
CA GLY D 155 -10.23 -33.34 16.69
C GLY D 155 -11.39 -34.04 16.06
N GLY D 156 -10.97 -34.69 14.97
CA GLY D 156 -11.84 -35.41 14.08
C GLY D 156 -11.67 -34.57 12.84
N GLY D 157 -11.34 -35.21 11.72
CA GLY D 157 -11.16 -34.48 10.48
C GLY D 157 -12.37 -33.64 10.13
N SER D 158 -13.56 -34.20 10.37
CA SER D 158 -14.79 -33.49 10.04
C SER D 158 -15.02 -32.31 10.98
N VAL D 159 -14.52 -32.41 12.21
CA VAL D 159 -14.67 -31.32 13.16
C VAL D 159 -13.68 -30.21 12.78
N TYR D 160 -12.49 -30.59 12.35
CA TYR D 160 -11.48 -29.61 11.94
C TYR D 160 -11.93 -28.88 10.68
N ALA D 161 -12.56 -29.62 9.77
CA ALA D 161 -13.06 -29.04 8.52
C ALA D 161 -14.07 -27.94 8.79
N GLU D 162 -14.92 -28.16 9.78
CA GLU D 162 -15.94 -27.17 10.12
C GLU D 162 -15.29 -25.99 10.83
N ALA D 163 -14.28 -26.27 11.65
CA ALA D 163 -13.60 -25.20 12.37
C ALA D 163 -12.87 -24.26 11.41
N LEU D 164 -12.44 -24.79 10.27
CA LEU D 164 -11.68 -24.01 9.32
C LEU D 164 -12.44 -23.35 8.15
N ARG D 165 -13.77 -23.32 8.23
CA ARG D 165 -14.59 -22.68 7.21
C ARG D 165 -15.59 -21.79 7.95
N PRO D 166 -16.17 -20.78 7.26
CA PRO D 166 -17.14 -19.95 7.98
C PRO D 166 -18.39 -20.76 8.27
N PRO D 167 -19.15 -20.41 9.30
CA PRO D 167 -18.90 -19.30 10.24
C PRO D 167 -17.92 -19.55 11.39
N CYS D 168 -17.66 -20.81 11.72
CA CYS D 168 -16.77 -21.10 12.83
C CYS D 168 -15.37 -20.51 12.74
N VAL D 169 -14.77 -20.53 11.55
CA VAL D 169 -13.40 -20.03 11.43
C VAL D 169 -13.21 -18.59 11.90
N HIS D 170 -14.26 -17.78 11.82
CA HIS D 170 -14.17 -16.38 12.25
C HIS D 170 -14.03 -16.26 13.75
N LEU D 171 -14.20 -17.37 14.46
CA LEU D 171 -14.07 -17.38 15.91
C LEU D 171 -12.84 -18.13 16.39
N LEU D 172 -12.05 -18.66 15.45
CA LEU D 172 -10.85 -19.41 15.79
C LEU D 172 -9.74 -18.44 16.15
N GLN D 173 -9.36 -18.42 17.43
CA GLN D 173 -8.33 -17.51 17.94
C GLN D 173 -6.90 -18.00 17.67
N ALA D 174 -6.72 -19.31 17.62
CA ALA D 174 -5.40 -19.84 17.39
C ALA D 174 -5.42 -21.31 17.00
N ILE D 175 -4.39 -21.72 16.29
CA ILE D 175 -4.22 -23.10 15.84
C ILE D 175 -2.90 -23.62 16.38
N TYR D 176 -2.98 -24.70 17.15
CA TYR D 176 -1.78 -25.32 17.72
C TYR D 176 -1.54 -26.62 16.95
N ARG D 177 -0.53 -26.60 16.10
CA ARG D 177 -0.19 -27.74 15.28
C ARG D 177 1.13 -28.38 15.63
N THR D 178 1.09 -29.69 15.83
CA THR D 178 2.28 -30.47 16.13
C THR D 178 2.47 -31.31 14.87
N THR D 179 3.67 -31.27 14.31
CA THR D 179 3.99 -32.03 13.11
C THR D 179 4.92 -33.16 13.50
N ILE D 180 4.58 -34.38 13.11
CA ILE D 180 5.38 -35.56 13.45
C ILE D 180 5.93 -36.25 12.21
N ARG D 181 7.23 -36.51 12.20
CA ARG D 181 7.86 -37.22 11.10
C ARG D 181 7.54 -38.68 11.36
N ALA D 182 6.42 -39.16 10.81
CA ALA D 182 6.00 -40.54 11.03
C ALA D 182 5.67 -41.28 9.74
N SER D 183 5.78 -42.61 9.80
CA SER D 183 5.50 -43.46 8.64
C SER D 183 4.19 -43.08 7.96
N GLU D 184 4.27 -42.84 6.65
CA GLU D 184 3.11 -42.46 5.85
C GLU D 184 1.98 -43.49 5.93
N SER D 185 1.00 -43.21 6.79
CA SER D 185 -0.15 -44.11 6.97
C SER D 185 -1.48 -43.41 6.72
N SER D 186 -1.66 -42.24 7.34
CA SER D 186 -2.88 -41.47 7.20
C SER D 186 -2.96 -40.81 5.82
N CYS D 187 -3.43 -41.58 4.84
CA CYS D 187 -3.55 -41.09 3.47
C CYS D 187 -4.97 -40.63 3.14
N SER D 188 -5.79 -40.43 4.18
CA SER D 188 -7.16 -40.00 3.95
C SER D 188 -7.41 -38.51 4.20
N VAL D 189 -7.44 -38.10 5.46
CA VAL D 189 -7.71 -36.70 5.80
C VAL D 189 -6.47 -35.85 6.05
N PHE D 190 -6.37 -34.75 5.30
CA PHE D 190 -5.24 -33.84 5.44
C PHE D 190 -5.65 -32.51 6.09
N PHE D 191 -4.94 -32.13 7.15
CA PHE D 191 -5.21 -30.88 7.84
C PHE D 191 -4.53 -29.76 7.06
N ARG D 192 -5.32 -28.81 6.58
CA ARG D 192 -4.74 -27.71 5.82
C ARG D 192 -5.27 -26.35 6.24
N VAL D 193 -4.35 -25.47 6.60
CA VAL D 193 -4.70 -24.12 7.01
C VAL D 193 -4.95 -23.26 5.77
N PRO D 194 -6.14 -22.63 5.71
CA PRO D 194 -6.51 -21.78 4.57
C PRO D 194 -5.39 -20.81 4.22
N GLU D 195 -4.96 -20.85 2.96
CA GLU D 195 -3.91 -19.99 2.47
C GLU D 195 -4.39 -18.55 2.34
N SER D 196 -3.50 -17.62 2.65
CA SER D 196 -3.79 -16.19 2.59
C SER D 196 -4.19 -15.71 1.19
N GLY D 197 -5.28 -14.96 1.12
CA GLY D 197 -5.75 -14.43 -0.15
C GLY D 197 -6.67 -15.36 -0.93
N THR D 198 -6.81 -16.59 -0.46
CA THR D 198 -7.68 -17.56 -1.14
C THR D 198 -9.11 -17.44 -0.64
N GLU D 199 -10.05 -17.83 -1.49
CA GLU D 199 -11.45 -17.78 -1.15
C GLU D 199 -11.70 -18.57 0.12
N ALA D 200 -11.12 -19.77 0.17
CA ALA D 200 -11.25 -20.64 1.32
C ALA D 200 -10.82 -19.96 2.62
N ALA D 201 -9.87 -19.03 2.53
CA ALA D 201 -9.38 -18.33 3.72
C ALA D 201 -10.41 -17.33 4.26
N ALA D 202 -11.38 -16.99 3.43
CA ALA D 202 -12.46 -16.08 3.81
C ALA D 202 -12.00 -14.77 4.48
N GLY D 203 -10.98 -14.14 3.91
CA GLY D 203 -10.48 -12.88 4.44
C GLY D 203 -9.49 -12.98 5.60
N ILE D 204 -9.27 -14.16 6.13
CA ILE D 204 -8.33 -14.31 7.25
C ILE D 204 -6.92 -14.63 6.76
N GLU D 205 -5.93 -14.02 7.39
CA GLU D 205 -4.52 -14.23 7.01
C GLU D 205 -3.82 -14.92 8.17
N TRP D 206 -3.72 -16.25 8.09
CA TRP D 206 -3.08 -17.01 9.14
C TRP D 206 -1.56 -16.84 9.13
N GLN D 207 -0.99 -16.68 10.32
CA GLN D 207 0.46 -16.50 10.44
C GLN D 207 0.99 -17.19 11.67
N ARG D 208 2.27 -17.55 11.63
CA ARG D 208 2.89 -18.21 12.76
C ARG D 208 3.31 -17.22 13.83
N GLU D 209 2.87 -17.46 15.06
CA GLU D 209 3.28 -16.60 16.16
C GLU D 209 4.59 -17.22 16.63
N THR D 210 4.63 -18.55 16.63
CA THR D 210 5.81 -19.30 17.05
C THR D 210 5.96 -20.61 16.27
N ILE D 211 7.18 -21.13 16.28
CA ILE D 211 7.50 -22.42 15.66
C ILE D 211 8.73 -22.87 16.42
N SER D 212 8.70 -24.11 16.89
CA SER D 212 9.81 -24.63 17.67
C SER D 212 10.91 -25.12 16.75
N GLU D 213 12.06 -25.46 17.35
CA GLU D 213 13.18 -26.01 16.61
C GLU D 213 12.75 -27.45 16.37
N GLU D 214 13.49 -28.17 15.54
CA GLU D 214 13.16 -29.56 15.30
C GLU D 214 13.57 -30.32 16.56
N LEU D 215 12.62 -31.02 17.17
CA LEU D 215 12.88 -31.75 18.40
C LEU D 215 12.91 -33.25 18.18
N THR D 216 13.63 -33.95 19.04
CA THR D 216 13.74 -35.40 18.94
C THR D 216 13.08 -36.01 20.17
N SER D 217 12.14 -36.92 19.92
CA SER D 217 11.40 -37.59 20.99
C SER D 217 12.26 -38.54 21.82
N ALA D 218 11.85 -38.75 23.06
CA ALA D 218 12.56 -39.66 23.96
C ALA D 218 11.80 -40.99 23.98
N ASN D 219 11.02 -41.24 22.93
CA ASN D 219 10.22 -42.47 22.85
C ASN D 219 11.00 -43.69 22.37
N GLY D 220 12.30 -43.53 22.15
CA GLY D 220 13.11 -44.66 21.71
C GLY D 220 13.18 -44.83 20.21
N ASN D 221 12.35 -44.10 19.47
CA ASN D 221 12.35 -44.16 18.01
C ASN D 221 12.99 -42.87 17.52
N GLU D 222 13.35 -42.01 18.48
CA GLU D 222 13.97 -40.71 18.20
C GLU D 222 13.15 -39.96 17.16
N THR D 223 11.83 -40.02 17.31
CA THR D 223 10.91 -39.37 16.40
C THR D 223 11.14 -37.87 16.34
N LYS D 224 11.20 -37.35 15.12
CA LYS D 224 11.40 -35.92 14.91
C LYS D 224 10.02 -35.26 14.95
N TYR D 225 9.93 -34.09 15.58
CA TYR D 225 8.65 -33.40 15.67
C TYR D 225 8.90 -31.94 16.02
N TYR D 226 7.93 -31.07 15.72
CA TYR D 226 8.07 -29.66 16.03
C TYR D 226 6.69 -29.05 16.26
N PHE D 227 6.66 -27.92 16.94
CA PHE D 227 5.38 -27.25 17.23
C PHE D 227 5.22 -25.94 16.46
N GLU D 228 3.96 -25.52 16.33
CA GLU D 228 3.61 -24.27 15.67
C GLU D 228 2.34 -23.74 16.32
N LYS D 229 2.26 -22.43 16.47
CA LYS D 229 1.06 -21.79 16.98
C LYS D 229 0.74 -20.77 15.91
N LEU D 230 -0.43 -20.91 15.30
CA LEU D 230 -0.87 -20.00 14.24
C LEU D 230 -1.94 -19.08 14.78
N ILE D 231 -1.91 -17.83 14.33
CA ILE D 231 -2.87 -16.84 14.75
C ILE D 231 -3.38 -16.04 13.55
N PRO D 232 -4.64 -15.58 13.62
CA PRO D 232 -5.25 -14.80 12.55
C PRO D 232 -4.68 -13.39 12.64
N ARG D 233 -4.01 -12.94 11.57
CA ARG D 233 -3.40 -11.61 11.59
C ARG D 233 -4.37 -10.53 12.03
N ASN D 234 -3.96 -9.74 13.03
CA ASN D 234 -4.79 -8.67 13.58
C ASN D 234 -4.38 -7.29 13.03
N ARG D 235 -4.84 -6.98 11.82
CA ARG D 235 -4.54 -5.72 11.14
C ARG D 235 -4.93 -4.49 11.95
N GLU D 236 -5.94 -4.60 12.80
CA GLU D 236 -6.38 -3.46 13.58
C GLU D 236 -5.37 -3.05 14.65
N GLU D 237 -4.84 -4.02 15.38
CA GLU D 237 -3.86 -3.67 16.40
C GLU D 237 -2.57 -3.21 15.71
N GLU D 238 -2.33 -3.73 14.52
CA GLU D 238 -1.15 -3.35 13.77
C GLU D 238 -1.15 -1.85 13.40
N GLN D 239 -2.33 -1.25 13.25
CA GLN D 239 -2.42 0.19 12.95
C GLN D 239 -1.72 0.91 14.09
N TYR D 240 -2.08 0.53 15.31
CA TYR D 240 -1.51 1.10 16.52
C TYR D 240 0.00 0.89 16.62
N LEU D 241 0.46 -0.34 16.40
CA LEU D 241 1.89 -0.63 16.46
C LEU D 241 2.67 0.15 15.39
N SER D 242 2.09 0.29 14.21
CA SER D 242 2.73 1.02 13.11
C SER D 242 2.88 2.50 13.42
N LEU D 243 1.88 3.07 14.10
CA LEU D 243 1.92 4.48 14.49
C LEU D 243 2.97 4.69 15.58
N VAL D 244 2.99 3.79 16.56
CA VAL D 244 3.96 3.88 17.64
C VAL D 244 5.37 3.79 17.05
N ASP D 245 5.53 2.92 16.07
CA ASP D 245 6.82 2.73 15.42
C ASP D 245 7.23 3.96 14.63
N ARG D 246 6.30 4.55 13.89
CA ARG D 246 6.63 5.73 13.11
C ARG D 246 6.94 6.92 14.02
N ILE D 247 6.24 7.01 15.13
CA ILE D 247 6.47 8.09 16.08
C ILE D 247 7.89 8.03 16.65
N ILE D 248 8.30 6.84 17.08
CA ILE D 248 9.64 6.68 17.66
C ILE D 248 10.75 6.92 16.66
N ARG D 249 10.57 6.43 15.44
CA ARG D 249 11.55 6.56 14.37
C ARG D 249 11.60 7.94 13.70
N GLU D 250 10.44 8.57 13.53
CA GLU D 250 10.38 9.85 12.85
C GLU D 250 9.76 11.01 13.63
N GLY D 251 9.19 10.72 14.80
CA GLY D 251 8.55 11.76 15.59
C GLY D 251 9.43 12.96 15.95
N ASN D 252 8.79 14.12 16.07
CA ASN D 252 9.49 15.35 16.43
C ASN D 252 9.76 15.31 17.93
N VAL D 253 11.00 15.61 18.33
CA VAL D 253 11.35 15.61 19.74
C VAL D 253 10.98 16.94 20.37
N LYS D 254 10.41 16.87 21.58
CA LYS D 254 10.02 18.08 22.31
C LYS D 254 10.23 17.85 23.80
N HIS D 255 10.55 18.92 24.52
CA HIS D 255 10.78 18.81 25.96
C HIS D 255 9.91 19.79 26.76
N ASP D 256 9.27 19.26 27.80
CA ASP D 256 8.39 20.01 28.69
C ASP D 256 9.09 21.14 29.42
N ARG D 257 8.32 21.86 30.23
CA ARG D 257 8.85 22.94 31.04
C ARG D 257 9.50 22.26 32.24
N THR D 258 9.02 21.06 32.54
CA THR D 258 9.54 20.24 33.63
C THR D 258 10.75 19.50 33.10
N GLY D 259 10.91 19.49 31.78
CA GLY D 259 12.03 18.79 31.17
C GLY D 259 11.66 17.41 30.66
N VAL D 260 10.36 17.11 30.68
CA VAL D 260 9.87 15.81 30.22
C VAL D 260 9.75 15.75 28.70
N GLY D 261 10.53 14.87 28.09
CA GLY D 261 10.52 14.75 26.64
C GLY D 261 9.51 13.81 26.02
N THR D 262 9.17 14.08 24.77
CA THR D 262 8.24 13.27 24.00
C THR D 262 8.64 13.26 22.53
N LEU D 263 8.16 12.25 21.81
CA LEU D 263 8.38 12.12 20.38
C LEU D 263 6.96 12.19 19.86
N SER D 264 6.69 13.02 18.86
CA SER D 264 5.33 13.13 18.36
C SER D 264 5.14 13.43 16.89
N ILE D 265 3.94 13.15 16.42
CA ILE D 265 3.51 13.40 15.05
C ILE D 265 2.12 14.01 15.22
N PHE D 266 1.63 14.67 14.19
CA PHE D 266 0.35 15.32 14.28
C PHE D 266 -0.66 14.83 13.24
N GLY D 267 -1.82 14.42 13.71
CA GLY D 267 -2.87 13.95 12.83
C GLY D 267 -2.77 12.50 12.42
N ALA D 268 -3.64 11.65 12.97
CA ALA D 268 -3.65 10.25 12.59
C ALA D 268 -5.05 9.72 12.77
N GLN D 269 -5.31 8.53 12.23
CA GLN D 269 -6.63 7.94 12.34
C GLN D 269 -6.54 6.42 12.29
N MET D 270 -7.35 5.76 13.12
CA MET D 270 -7.39 4.31 13.18
C MET D 270 -8.85 3.89 13.24
N ARG D 271 -9.14 2.64 12.85
CA ARG D 271 -10.51 2.13 12.86
C ARG D 271 -10.53 0.74 13.48
N PHE D 272 -11.58 0.46 14.25
CA PHE D 272 -11.72 -0.83 14.93
C PHE D 272 -13.14 -1.35 14.83
N SER D 273 -13.29 -2.63 14.53
CA SER D 273 -14.61 -3.25 14.43
C SER D 273 -15.13 -3.65 15.81
N LEU D 274 -16.42 -3.44 16.02
CA LEU D 274 -17.09 -3.79 17.27
C LEU D 274 -18.16 -4.83 16.99
N ARG D 275 -18.23 -5.30 15.75
CA ARG D 275 -19.24 -6.28 15.38
C ARG D 275 -19.14 -7.63 16.08
N ASN D 276 -20.30 -8.22 16.31
CA ASN D 276 -20.40 -9.53 16.94
C ASN D 276 -19.59 -9.71 18.21
N ASN D 277 -19.78 -8.78 19.15
CA ASN D 277 -19.12 -8.85 20.45
C ASN D 277 -17.61 -8.63 20.51
N ARG D 278 -16.98 -8.38 19.36
CA ARG D 278 -15.54 -8.13 19.31
C ARG D 278 -15.20 -6.87 20.11
N LEU D 279 -14.19 -6.95 20.97
CA LEU D 279 -13.74 -5.83 21.80
C LEU D 279 -12.28 -5.57 21.50
N PRO D 280 -11.95 -4.41 20.93
CA PRO D 280 -10.55 -4.09 20.60
C PRO D 280 -9.63 -3.77 21.78
N LEU D 281 -9.45 -4.73 22.67
CA LEU D 281 -8.52 -4.56 23.80
C LEU D 281 -7.19 -5.03 23.25
N LEU D 282 -6.22 -4.13 23.15
CA LEU D 282 -4.90 -4.48 22.61
C LEU D 282 -4.28 -5.69 23.31
N THR D 283 -3.65 -6.56 22.52
CA THR D 283 -3.04 -7.77 23.06
C THR D 283 -1.52 -7.72 23.26
N THR D 284 -0.83 -6.78 22.64
CA THR D 284 0.62 -6.74 22.81
C THR D 284 1.01 -6.20 24.18
N LYS D 285 0.04 -5.57 24.85
CA LYS D 285 0.23 -5.06 26.21
C LYS D 285 -1.14 -5.02 26.87
N ARG D 286 -1.24 -5.68 28.03
CA ARG D 286 -2.50 -5.74 28.77
C ARG D 286 -3.08 -4.36 29.11
N VAL D 287 -4.38 -4.20 28.87
CA VAL D 287 -5.10 -2.97 29.15
C VAL D 287 -5.91 -3.12 30.44
N PHE D 288 -5.93 -2.07 31.25
CA PHE D 288 -6.67 -2.06 32.52
C PHE D 288 -8.17 -1.91 32.25
N TRP D 289 -8.81 -3.00 31.82
CA TRP D 289 -10.24 -2.99 31.50
C TRP D 289 -11.15 -2.57 32.65
N ARG D 290 -10.94 -3.13 33.84
CA ARG D 290 -11.78 -2.78 34.97
C ARG D 290 -11.74 -1.26 35.17
N GLY D 291 -10.56 -0.69 34.97
CA GLY D 291 -10.42 0.76 35.11
C GLY D 291 -11.15 1.48 33.99
N VAL D 292 -10.99 0.99 32.76
CA VAL D 292 -11.64 1.57 31.59
C VAL D 292 -13.14 1.60 31.85
N CYS D 293 -13.65 0.45 32.26
CA CYS D 293 -15.07 0.28 32.52
C CYS D 293 -15.63 1.15 33.64
N GLU D 294 -14.93 1.22 34.78
CA GLU D 294 -15.41 2.05 35.88
C GLU D 294 -15.37 3.53 35.49
N GLU D 295 -14.33 3.94 34.79
CA GLU D 295 -14.23 5.32 34.39
C GLU D 295 -15.29 5.70 33.36
N LEU D 296 -15.63 4.78 32.46
CA LEU D 296 -16.64 5.11 31.46
C LEU D 296 -18.01 5.26 32.09
N LEU D 297 -18.39 4.30 32.95
CA LEU D 297 -19.67 4.36 33.64
C LEU D 297 -19.67 5.63 34.49
N TRP D 298 -18.50 5.97 35.00
CA TRP D 298 -18.31 7.16 35.81
C TRP D 298 -18.62 8.38 34.93
N PHE D 299 -18.21 8.33 33.66
CA PHE D 299 -18.47 9.41 32.70
C PHE D 299 -19.95 9.53 32.35
N LEU D 300 -20.57 8.41 31.97
CA LEU D 300 -21.98 8.40 31.60
C LEU D 300 -22.91 8.89 32.71
N ARG D 301 -22.51 8.71 33.97
CA ARG D 301 -23.32 9.15 35.10
C ARG D 301 -23.14 10.65 35.35
N GLY D 302 -22.22 11.26 34.63
CA GLY D 302 -21.95 12.69 34.77
C GLY D 302 -21.22 13.07 36.04
N GLU D 303 -20.44 12.13 36.57
CA GLU D 303 -19.68 12.33 37.80
C GLU D 303 -18.48 13.28 37.63
N THR D 304 -18.07 13.90 38.73
CA THR D 304 -16.93 14.82 38.72
C THR D 304 -16.07 14.64 39.97
N TYR D 305 -16.45 13.68 40.81
CA TYR D 305 -15.74 13.40 42.06
C TYR D 305 -14.91 12.14 41.87
N ALA D 306 -13.62 12.33 41.64
CA ALA D 306 -12.70 11.21 41.39
C ALA D 306 -12.60 10.16 42.50
N LYS D 307 -12.92 10.54 43.74
CA LYS D 307 -12.83 9.59 44.84
C LYS D 307 -13.75 8.39 44.63
N LYS D 308 -14.82 8.58 43.85
CA LYS D 308 -15.72 7.47 43.57
C LYS D 308 -14.99 6.41 42.75
N LEU D 309 -13.87 6.82 42.17
CA LEU D 309 -13.05 5.91 41.37
C LEU D 309 -11.95 5.32 42.24
N SER D 310 -11.32 6.15 43.07
CA SER D 310 -10.25 5.68 43.93
C SER D 310 -10.79 4.68 44.95
N ASP D 311 -12.07 4.83 45.31
CA ASP D 311 -12.71 3.94 46.27
C ASP D 311 -12.87 2.56 45.64
N LYS D 312 -12.73 2.50 44.32
CA LYS D 312 -12.89 1.23 43.62
C LYS D 312 -11.59 0.60 43.15
N GLY D 313 -10.46 1.20 43.51
CA GLY D 313 -9.19 0.65 43.10
C GLY D 313 -8.68 1.26 41.81
N VAL D 314 -9.35 2.31 41.36
CA VAL D 314 -8.96 3.00 40.14
C VAL D 314 -8.38 4.35 40.54
N HIS D 315 -7.05 4.45 40.52
CA HIS D 315 -6.36 5.67 40.92
C HIS D 315 -5.83 6.50 39.75
N ILE D 316 -6.43 6.31 38.57
CA ILE D 316 -6.00 7.05 37.38
C ILE D 316 -6.18 8.57 37.45
N TRP D 317 -7.00 9.05 38.39
CA TRP D 317 -7.22 10.48 38.55
C TRP D 317 -6.58 11.06 39.80
N ASP D 318 -5.88 10.22 40.56
CA ASP D 318 -5.23 10.65 41.80
C ASP D 318 -4.26 11.82 41.62
N ASP D 319 -3.42 11.76 40.60
CA ASP D 319 -2.45 12.83 40.36
C ASP D 319 -3.12 14.15 39.97
N ASN D 320 -4.32 14.07 39.40
CA ASN D 320 -5.03 15.28 38.97
C ASN D 320 -6.11 15.78 39.93
N GLY D 321 -6.39 15.03 40.98
CA GLY D 321 -7.41 15.45 41.93
C GLY D 321 -6.84 15.84 43.27
N SER D 322 -5.52 15.75 43.41
CA SER D 322 -4.85 16.07 44.66
C SER D 322 -5.00 17.52 45.10
N ARG D 323 -4.88 17.75 46.40
CA ARG D 323 -4.99 19.09 46.96
C ARG D 323 -4.01 20.01 46.23
N ALA D 324 -2.79 19.53 46.09
CA ALA D 324 -1.72 20.27 45.44
C ALA D 324 -2.06 20.66 44.00
N PHE D 325 -2.21 19.67 43.14
CA PHE D 325 -2.51 19.92 41.74
C PHE D 325 -3.67 20.87 41.54
N LEU D 326 -4.73 20.70 42.32
CA LEU D 326 -5.90 21.57 42.22
C LEU D 326 -5.54 23.01 42.53
N ASP D 327 -4.87 23.23 43.65
CA ASP D 327 -4.48 24.58 44.03
C ASP D 327 -3.63 25.15 42.90
N SER D 328 -2.82 24.27 42.29
CA SER D 328 -1.96 24.66 41.19
C SER D 328 -2.77 25.24 40.03
N ARG D 329 -4.07 24.93 40.00
CA ARG D 329 -4.95 25.41 38.93
C ARG D 329 -5.86 26.55 39.39
N GLY D 330 -5.73 26.94 40.66
CA GLY D 330 -6.55 28.02 41.16
C GLY D 330 -7.88 27.54 41.71
N LEU D 331 -8.09 26.22 41.69
CA LEU D 331 -9.32 25.64 42.18
C LEU D 331 -9.18 25.34 43.67
N THR D 332 -8.82 26.37 44.43
CA THR D 332 -8.62 26.24 45.87
C THR D 332 -9.91 25.96 46.65
N GLU D 333 -11.06 26.24 46.04
CA GLU D 333 -12.34 26.02 46.70
C GLU D 333 -12.86 24.58 46.56
N TYR D 334 -12.23 23.79 45.67
CA TYR D 334 -12.65 22.41 45.45
C TYR D 334 -12.17 21.43 46.51
N GLU D 335 -13.09 20.58 46.96
CA GLU D 335 -12.79 19.55 47.94
C GLU D 335 -11.74 18.66 47.27
N GLU D 336 -10.92 17.96 48.05
CA GLU D 336 -9.91 17.09 47.48
C GLU D 336 -10.54 16.06 46.54
N MET D 337 -9.99 15.96 45.34
CA MET D 337 -10.47 15.03 44.30
C MET D 337 -11.72 15.50 43.55
N ASP D 338 -12.07 16.78 43.69
CA ASP D 338 -13.21 17.34 42.98
C ASP D 338 -12.61 17.99 41.74
N LEU D 339 -12.76 17.31 40.61
CA LEU D 339 -12.19 17.76 39.33
C LEU D 339 -12.87 18.94 38.65
N GLY D 340 -14.06 19.30 39.10
CA GLY D 340 -14.76 20.40 38.46
C GLY D 340 -15.70 19.83 37.41
N PRO D 341 -16.26 20.66 36.52
CA PRO D 341 -17.19 20.27 35.45
C PRO D 341 -16.53 19.58 34.25
N VAL D 342 -15.72 18.56 34.54
CA VAL D 342 -15.01 17.82 33.51
C VAL D 342 -15.84 16.76 32.79
N TYR D 343 -15.24 16.20 31.74
CA TYR D 343 -15.82 15.15 30.92
C TYR D 343 -17.33 14.90 30.97
N GLY D 344 -17.73 13.87 31.71
CA GLY D 344 -19.13 13.50 31.84
C GLY D 344 -20.08 14.62 32.28
N PHE D 345 -19.57 15.57 33.05
CA PHE D 345 -20.41 16.66 33.50
C PHE D 345 -20.91 17.45 32.29
N GLN D 346 -20.02 17.68 31.33
CA GLN D 346 -20.39 18.41 30.12
C GLN D 346 -21.29 17.56 29.22
N TRP D 347 -21.06 16.26 29.20
CA TRP D 347 -21.87 15.35 28.38
C TRP D 347 -23.33 15.37 28.81
N ARG D 348 -23.55 15.39 30.13
CA ARG D 348 -24.90 15.37 30.67
C ARG D 348 -25.42 16.73 31.12
N HIS D 349 -24.53 17.71 31.29
CA HIS D 349 -24.94 19.04 31.76
C HIS D 349 -24.16 20.16 31.09
N PHE D 350 -23.91 20.06 29.80
CA PHE D 350 -23.15 21.09 29.10
C PHE D 350 -23.58 22.51 29.39
N GLY D 351 -22.65 23.30 29.93
CA GLY D 351 -22.94 24.69 30.23
C GLY D 351 -23.48 25.00 31.62
N ALA D 352 -23.81 23.97 32.39
CA ALA D 352 -24.33 24.17 33.73
C ALA D 352 -23.29 24.84 34.62
N ALA D 353 -23.75 25.78 35.45
CA ALA D 353 -22.84 26.47 36.35
C ALA D 353 -22.44 25.45 37.40
N TYR D 354 -21.14 25.30 37.61
CA TYR D 354 -20.64 24.33 38.57
C TYR D 354 -20.36 24.98 39.92
N THR D 355 -20.58 24.20 40.98
CA THR D 355 -20.35 24.67 42.34
C THR D 355 -19.43 23.65 43.02
N HIS D 356 -19.98 22.48 43.33
CA HIS D 356 -19.22 21.42 43.97
C HIS D 356 -19.75 20.09 43.44
N HIS D 357 -18.94 19.05 43.57
CA HIS D 357 -19.33 17.73 43.10
C HIS D 357 -20.63 17.20 43.70
N ASP D 358 -20.87 17.49 44.98
CA ASP D 358 -22.08 17.00 45.64
C ASP D 358 -23.38 17.78 45.40
N ALA D 359 -23.29 18.92 44.72
CA ALA D 359 -24.49 19.71 44.44
C ALA D 359 -25.38 18.92 43.49
N ASN D 360 -26.65 19.32 43.38
CA ASN D 360 -27.58 18.62 42.51
C ASN D 360 -27.68 19.33 41.15
N TYR D 361 -27.40 18.58 40.08
CA TYR D 361 -27.41 19.14 38.73
C TYR D 361 -28.48 18.60 37.78
N ASP D 362 -29.49 17.92 38.32
CA ASP D 362 -30.56 17.38 37.48
C ASP D 362 -31.21 18.51 36.68
N GLY D 363 -31.43 18.29 35.39
CA GLY D 363 -32.06 19.29 34.55
C GLY D 363 -31.16 20.45 34.14
N GLN D 364 -29.99 20.55 34.77
CA GLN D 364 -29.05 21.63 34.50
C GLN D 364 -28.24 21.41 33.23
N GLY D 365 -28.23 22.40 32.35
CA GLY D 365 -27.46 22.30 31.12
C GLY D 365 -28.06 21.43 30.04
N VAL D 366 -27.29 21.14 29.00
CA VAL D 366 -27.76 20.31 27.90
C VAL D 366 -27.29 18.87 28.05
N ASP D 367 -28.24 17.94 28.10
CA ASP D 367 -27.91 16.54 28.21
C ASP D 367 -27.73 16.04 26.79
N GLN D 368 -26.48 16.04 26.32
CA GLN D 368 -26.16 15.63 24.96
C GLN D 368 -26.38 14.14 24.70
N ILE D 369 -26.05 13.31 25.69
CA ILE D 369 -26.19 11.85 25.55
C ILE D 369 -27.64 11.41 25.42
N LYS D 370 -28.53 12.05 26.18
CA LYS D 370 -29.95 11.73 26.12
C LYS D 370 -30.46 12.18 24.77
N ALA D 371 -30.09 13.40 24.37
CA ALA D 371 -30.51 13.94 23.07
C ALA D 371 -30.08 13.02 21.93
N ILE D 372 -28.83 12.58 21.96
CA ILE D 372 -28.34 11.70 20.91
C ILE D 372 -29.08 10.36 20.91
N VAL D 373 -29.21 9.75 22.08
CA VAL D 373 -29.91 8.47 22.19
C VAL D 373 -31.31 8.54 21.56
N GLU D 374 -31.98 9.67 21.73
CA GLU D 374 -33.32 9.82 21.16
C GLU D 374 -33.32 10.02 19.65
N THR D 375 -32.32 10.74 19.15
CA THR D 375 -32.24 10.97 17.70
C THR D 375 -31.89 9.64 17.03
N LEU D 376 -30.99 8.89 17.65
CA LEU D 376 -30.58 7.60 17.11
C LEU D 376 -31.77 6.68 16.88
N LYS D 377 -32.75 6.73 17.78
CA LYS D 377 -33.93 5.87 17.67
C LYS D 377 -35.01 6.40 16.74
N THR D 378 -35.09 7.71 16.58
CA THR D 378 -36.10 8.32 15.73
C THR D 378 -35.60 8.77 14.35
N ASN D 379 -34.41 9.35 14.29
CA ASN D 379 -33.84 9.82 13.03
C ASN D 379 -32.34 9.48 12.99
N PRO D 380 -32.03 8.18 12.81
CA PRO D 380 -30.66 7.66 12.76
C PRO D 380 -29.75 8.20 11.66
N ASP D 381 -30.31 8.81 10.62
CA ASP D 381 -29.45 9.36 9.57
C ASP D 381 -29.08 10.82 9.84
N ASP D 382 -29.42 11.32 11.01
CA ASP D 382 -29.11 12.69 11.38
C ASP D 382 -27.58 12.88 11.37
N ARG D 383 -27.12 14.03 10.86
CA ARG D 383 -25.67 14.27 10.79
C ARG D 383 -25.18 15.22 11.89
N ARG D 384 -25.96 15.35 12.95
CA ARG D 384 -25.60 16.26 14.03
C ARG D 384 -25.55 15.55 15.37
N MET D 385 -25.35 14.24 15.33
CA MET D 385 -25.31 13.46 16.56
C MET D 385 -23.92 13.34 17.14
N LEU D 386 -23.53 14.35 17.91
CA LEU D 386 -22.24 14.35 18.56
C LEU D 386 -22.31 15.12 19.86
N PHE D 387 -21.45 14.76 20.78
CA PHE D 387 -21.39 15.44 22.07
C PHE D 387 -19.95 15.89 22.27
N THR D 388 -19.76 16.87 23.14
CA THR D 388 -18.44 17.40 23.40
C THR D 388 -18.26 17.79 24.86
N ALA D 389 -17.01 17.79 25.30
CA ALA D 389 -16.68 18.20 26.67
C ALA D 389 -15.79 19.43 26.54
N TRP D 390 -15.52 19.83 25.30
CA TRP D 390 -14.70 21.01 25.07
C TRP D 390 -15.56 22.26 25.14
N ASN D 391 -15.62 22.85 26.32
CA ASN D 391 -16.41 24.05 26.59
C ASN D 391 -15.42 25.14 27.07
N PRO D 392 -15.01 26.05 26.18
CA PRO D 392 -14.07 27.12 26.53
C PRO D 392 -14.44 27.90 27.78
N SER D 393 -15.74 28.05 28.02
CA SER D 393 -16.24 28.79 29.18
C SER D 393 -15.92 28.08 30.50
N ALA D 394 -16.04 26.76 30.50
CA ALA D 394 -15.79 26.01 31.73
C ALA D 394 -14.39 25.42 31.89
N LEU D 395 -13.53 25.54 30.89
CA LEU D 395 -12.20 24.97 30.98
C LEU D 395 -11.42 25.42 32.21
N PRO D 396 -11.38 26.74 32.49
CA PRO D 396 -10.64 27.23 33.65
C PRO D 396 -11.09 26.57 34.96
N ARG D 397 -12.32 26.08 34.98
CA ARG D 397 -12.89 25.46 36.18
C ARG D 397 -12.66 23.96 36.29
N MET D 398 -12.04 23.38 35.28
CA MET D 398 -11.75 21.95 35.26
C MET D 398 -10.34 21.68 35.77
N ALA D 399 -10.14 20.50 36.36
CA ALA D 399 -8.82 20.10 36.85
C ALA D 399 -7.89 20.23 35.64
N LEU D 400 -8.43 19.94 34.46
CA LEU D 400 -7.69 20.06 33.21
C LEU D 400 -8.62 19.84 32.04
N PRO D 401 -8.28 20.41 30.87
CA PRO D 401 -9.13 20.25 29.68
C PRO D 401 -9.22 18.79 29.27
N PRO D 402 -10.36 18.37 28.72
CA PRO D 402 -10.48 16.97 28.31
C PRO D 402 -9.53 16.64 27.16
N CYS D 403 -9.08 15.38 27.12
CA CYS D 403 -8.21 14.91 26.05
C CYS D 403 -9.10 14.34 24.95
N HIS D 404 -9.91 13.32 25.28
CA HIS D 404 -10.85 12.81 24.28
C HIS D 404 -11.99 13.80 24.48
N LEU D 405 -12.08 14.76 23.56
CA LEU D 405 -13.04 15.87 23.66
C LEU D 405 -14.33 15.87 22.86
N LEU D 406 -14.47 14.97 21.89
CA LEU D 406 -15.72 14.94 21.13
C LEU D 406 -15.87 13.62 20.41
N ALA D 407 -17.13 13.21 20.23
CA ALA D 407 -17.46 11.99 19.54
C ALA D 407 -18.71 12.23 18.68
N GLN D 408 -18.74 11.59 17.52
CA GLN D 408 -19.85 11.70 16.60
C GLN D 408 -20.33 10.30 16.29
N PHE D 409 -21.64 10.14 16.11
CA PHE D 409 -22.18 8.84 15.78
C PHE D 409 -22.73 8.84 14.37
N TYR D 410 -22.84 7.66 13.79
CA TYR D 410 -23.33 7.49 12.43
C TYR D 410 -23.95 6.10 12.36
N VAL D 411 -25.04 5.97 11.59
CA VAL D 411 -25.72 4.70 11.45
C VAL D 411 -25.83 4.21 10.01
N SER D 412 -25.63 2.91 9.83
CA SER D 412 -25.76 2.25 8.54
C SER D 412 -26.13 0.79 8.77
N ASN D 413 -27.17 0.34 8.08
CA ASN D 413 -27.65 -1.04 8.16
C ASN D 413 -27.87 -1.56 9.57
N GLY D 414 -28.41 -0.72 10.44
CA GLY D 414 -28.68 -1.13 11.81
C GLY D 414 -27.47 -1.12 12.73
N GLU D 415 -26.33 -0.67 12.19
CA GLU D 415 -25.09 -0.62 12.97
C GLU D 415 -24.71 0.77 13.42
N LEU D 416 -24.29 0.89 14.68
CA LEU D 416 -23.86 2.16 15.23
C LEU D 416 -22.34 2.27 15.16
N SER D 417 -21.86 3.32 14.51
CA SER D 417 -20.43 3.57 14.40
C SER D 417 -20.13 4.86 15.16
N CYS D 418 -18.93 4.95 15.71
CA CYS D 418 -18.55 6.12 16.48
C CYS D 418 -17.17 6.66 16.12
N MET D 419 -17.08 7.97 16.04
CA MET D 419 -15.83 8.66 15.75
C MET D 419 -15.45 9.48 16.96
N LEU D 420 -14.23 9.28 17.43
CA LEU D 420 -13.70 9.99 18.59
C LEU D 420 -12.56 10.91 18.15
N TYR D 421 -12.51 12.10 18.73
CA TYR D 421 -11.43 13.04 18.45
C TYR D 421 -10.68 13.30 19.75
N GLN D 422 -9.39 13.00 19.76
CA GLN D 422 -8.57 13.20 20.94
C GLN D 422 -7.43 14.15 20.56
N ARG D 423 -7.35 15.29 21.24
CA ARG D 423 -6.33 16.30 20.98
C ARG D 423 -4.91 15.87 21.36
N SER D 424 -4.78 15.17 22.47
CA SER D 424 -3.49 14.74 22.97
C SER D 424 -3.57 13.25 23.23
N CYS D 425 -2.62 12.50 22.67
CA CYS D 425 -2.64 11.06 22.81
C CYS D 425 -1.32 10.43 23.25
N ASP D 426 -1.30 9.89 24.46
CA ASP D 426 -0.13 9.19 24.96
C ASP D 426 -0.28 7.80 24.34
N MET D 427 0.51 7.51 23.32
CA MET D 427 0.41 6.22 22.65
C MET D 427 0.68 5.06 23.59
N GLY D 428 1.63 5.25 24.51
CA GLY D 428 2.01 4.22 25.46
C GLY D 428 0.94 3.62 26.35
N LEU D 429 0.37 4.44 27.23
CA LEU D 429 -0.64 3.94 28.17
C LEU D 429 -2.05 4.50 27.92
N GLY D 430 -2.12 5.73 27.42
CA GLY D 430 -3.40 6.36 27.17
C GLY D 430 -4.24 5.85 26.02
N VAL D 431 -3.66 5.81 24.83
CA VAL D 431 -4.42 5.38 23.64
C VAL D 431 -5.11 4.03 23.73
N PRO D 432 -4.44 2.99 24.28
CA PRO D 432 -5.10 1.68 24.38
C PRO D 432 -6.31 1.76 25.30
N PHE D 433 -6.16 2.55 26.36
CA PHE D 433 -7.21 2.76 27.35
C PHE D 433 -8.40 3.47 26.68
N ASN D 434 -8.10 4.54 25.95
CA ASN D 434 -9.10 5.35 25.24
C ASN D 434 -9.87 4.54 24.20
N ILE D 435 -9.17 3.61 23.54
CA ILE D 435 -9.82 2.78 22.54
C ILE D 435 -10.85 1.88 23.22
N ALA D 436 -10.49 1.34 24.39
CA ALA D 436 -11.42 0.49 25.12
C ALA D 436 -12.64 1.29 25.60
N SER D 437 -12.40 2.50 26.07
CA SER D 437 -13.45 3.40 26.58
C SER D 437 -14.57 3.67 25.60
N TYR D 438 -14.20 4.16 24.42
CA TYR D 438 -15.17 4.50 23.39
C TYR D 438 -15.74 3.29 22.68
N ALA D 439 -15.05 2.16 22.80
CA ALA D 439 -15.55 0.93 22.21
C ALA D 439 -16.75 0.56 23.09
N LEU D 440 -16.54 0.67 24.40
CA LEU D 440 -17.57 0.36 25.39
C LEU D 440 -18.73 1.35 25.32
N LEU D 441 -18.43 2.62 25.08
CA LEU D 441 -19.46 3.63 24.97
C LEU D 441 -20.33 3.34 23.77
N THR D 442 -19.70 3.02 22.64
CA THR D 442 -20.47 2.74 21.43
C THR D 442 -21.37 1.51 21.60
N ILE D 443 -20.88 0.51 22.33
CA ILE D 443 -21.65 -0.71 22.59
C ILE D 443 -22.85 -0.36 23.48
N LEU D 444 -22.60 0.37 24.56
CA LEU D 444 -23.68 0.76 25.48
C LEU D 444 -24.71 1.62 24.77
N ILE D 445 -24.28 2.56 23.94
CA ILE D 445 -25.22 3.40 23.22
C ILE D 445 -26.02 2.57 22.21
N ALA D 446 -25.38 1.58 21.62
CA ALA D 446 -26.06 0.70 20.67
C ALA D 446 -27.19 -0.04 21.37
N LYS D 447 -26.90 -0.54 22.57
CA LYS D 447 -27.87 -1.27 23.37
C LYS D 447 -29.00 -0.36 23.82
N ALA D 448 -28.70 0.92 24.06
CA ALA D 448 -29.73 1.86 24.49
C ALA D 448 -30.60 2.34 23.33
N THR D 449 -30.23 2.02 22.09
CA THR D 449 -30.99 2.48 20.94
C THR D 449 -31.49 1.45 19.94
N GLY D 450 -31.44 0.17 20.31
CA GLY D 450 -31.92 -0.88 19.43
C GLY D 450 -31.03 -1.09 18.22
N LEU D 451 -29.76 -0.76 18.35
CA LEU D 451 -28.81 -0.93 17.26
C LEU D 451 -27.72 -1.93 17.67
N ARG D 452 -26.95 -2.36 16.68
CA ARG D 452 -25.86 -3.31 16.92
C ARG D 452 -24.55 -2.54 16.78
N PRO D 453 -23.55 -2.86 17.62
CA PRO D 453 -22.25 -2.18 17.55
C PRO D 453 -21.66 -2.31 16.14
N GLY D 454 -21.09 -1.23 15.62
CA GLY D 454 -20.49 -1.27 14.30
C GLY D 454 -18.99 -1.06 14.32
N GLU D 455 -18.54 0.16 14.09
CA GLU D 455 -17.11 0.47 14.06
C GLU D 455 -16.75 1.69 14.89
N LEU D 456 -15.54 1.67 15.44
CA LEU D 456 -15.03 2.78 16.22
C LEU D 456 -13.93 3.43 15.40
N VAL D 457 -14.06 4.74 15.14
CA VAL D 457 -13.04 5.45 14.40
C VAL D 457 -12.35 6.38 15.39
N HIS D 458 -11.03 6.27 15.47
CA HIS D 458 -10.26 7.07 16.40
C HIS D 458 -9.38 8.07 15.66
N THR D 459 -9.61 9.36 15.92
CA THR D 459 -8.83 10.41 15.30
C THR D 459 -7.91 10.98 16.36
N LEU D 460 -6.61 11.00 16.06
CA LEU D 460 -5.59 11.50 16.98
C LEU D 460 -5.01 12.83 16.51
N GLY D 461 -4.83 13.75 17.44
CA GLY D 461 -4.24 15.04 17.11
C GLY D 461 -2.74 14.94 17.39
N ASP D 462 -2.33 15.41 18.56
CA ASP D 462 -0.93 15.35 18.96
C ASP D 462 -0.68 13.96 19.56
N ALA D 463 -0.11 13.07 18.75
CA ALA D 463 0.16 11.70 19.18
C ALA D 463 1.63 11.58 19.57
N HIS D 464 1.87 11.22 20.82
CA HIS D 464 3.23 11.14 21.30
C HIS D 464 3.56 9.90 22.12
N VAL D 465 4.87 9.64 22.20
CA VAL D 465 5.44 8.54 22.97
C VAL D 465 6.39 9.26 23.90
N TYR D 466 6.31 8.98 25.19
CA TYR D 466 7.21 9.63 26.14
C TYR D 466 8.62 9.10 25.94
N SER D 467 9.59 10.01 25.88
CA SER D 467 10.99 9.64 25.68
C SER D 467 11.44 8.48 26.55
N ASN D 468 10.91 8.39 27.77
CA ASN D 468 11.27 7.32 28.70
C ASN D 468 10.44 6.05 28.49
N HIS D 469 9.66 6.03 27.41
CA HIS D 469 8.83 4.87 27.09
C HIS D 469 9.37 4.21 25.83
N VAL D 470 10.38 4.83 25.23
CA VAL D 470 10.98 4.33 24.00
C VAL D 470 11.50 2.90 24.11
N GLU D 471 12.25 2.61 25.17
CA GLU D 471 12.80 1.27 25.36
C GLU D 471 11.69 0.22 25.52
N PRO D 472 10.75 0.44 26.47
CA PRO D 472 9.67 -0.54 26.65
C PRO D 472 8.77 -0.67 25.42
N CYS D 473 8.47 0.44 24.76
CA CYS D 473 7.63 0.40 23.56
C CYS D 473 8.33 -0.37 22.43
N ASN D 474 9.65 -0.24 22.34
CA ASN D 474 10.40 -0.96 21.30
C ASN D 474 10.28 -2.47 21.51
N GLU D 475 10.22 -2.92 22.76
CA GLU D 475 10.08 -4.34 23.00
C GLU D 475 8.68 -4.78 22.59
N GLN D 476 7.67 -4.01 23.00
CA GLN D 476 6.30 -4.34 22.66
C GLN D 476 6.13 -4.44 21.14
N LEU D 477 6.82 -3.58 20.40
CA LEU D 477 6.75 -3.58 18.95
C LEU D 477 7.27 -4.87 18.31
N LYS D 478 8.01 -5.67 19.06
CA LYS D 478 8.53 -6.93 18.52
C LYS D 478 7.42 -7.98 18.47
N ARG D 479 6.43 -7.83 19.34
CA ARG D 479 5.33 -8.78 19.43
C ARG D 479 4.29 -8.71 18.32
N VAL D 480 3.87 -9.88 17.85
CA VAL D 480 2.86 -10.00 16.81
C VAL D 480 1.51 -10.05 17.51
N PRO D 481 0.64 -9.06 17.25
CA PRO D 481 -0.69 -8.97 17.86
C PRO D 481 -1.55 -10.21 17.68
N ARG D 482 -2.24 -10.57 18.76
CA ARG D 482 -3.14 -11.73 18.75
C ARG D 482 -4.57 -11.29 18.42
N ALA D 483 -5.48 -12.25 18.32
CA ALA D 483 -6.87 -11.93 18.03
C ALA D 483 -7.49 -11.24 19.25
N PHE D 484 -8.37 -10.28 18.99
CA PHE D 484 -9.05 -9.53 20.06
C PHE D 484 -10.03 -10.39 20.83
N PRO D 485 -10.34 -9.99 22.08
CA PRO D 485 -11.29 -10.72 22.93
C PRO D 485 -12.70 -10.26 22.60
N TYR D 486 -13.66 -10.69 23.40
CA TYR D 486 -15.06 -10.35 23.18
C TYR D 486 -15.65 -9.81 24.47
N LEU D 487 -16.77 -9.09 24.35
CA LEU D 487 -17.43 -8.54 25.52
C LEU D 487 -18.86 -9.07 25.60
N VAL D 488 -19.24 -9.58 26.76
CA VAL D 488 -20.59 -10.10 26.95
C VAL D 488 -21.21 -9.50 28.22
N PHE D 489 -22.53 -9.42 28.24
CA PHE D 489 -23.25 -8.86 29.37
C PHE D 489 -23.95 -9.97 30.17
N ARG D 490 -23.54 -10.15 31.43
CA ARG D 490 -24.15 -11.16 32.29
C ARG D 490 -25.60 -10.80 32.51
N ARG D 491 -25.87 -9.51 32.65
CA ARG D 491 -27.23 -9.03 32.87
C ARG D 491 -27.39 -7.64 32.30
N GLU D 492 -28.64 -7.22 32.18
CA GLU D 492 -28.93 -5.91 31.65
C GLU D 492 -29.37 -4.99 32.78
N ARG D 493 -29.91 -3.83 32.41
CA ARG D 493 -30.35 -2.87 33.39
C ARG D 493 -31.52 -2.07 32.84
N GLU D 494 -32.25 -1.44 33.75
CA GLU D 494 -33.41 -0.63 33.41
C GLU D 494 -32.97 0.70 32.79
N PHE D 495 -31.92 1.28 33.37
CA PHE D 495 -31.39 2.54 32.89
C PHE D 495 -29.89 2.43 32.62
N LEU D 496 -29.44 3.19 31.61
CA LEU D 496 -28.03 3.22 31.23
C LEU D 496 -27.14 3.56 32.42
N GLU D 497 -27.58 4.56 33.19
CA GLU D 497 -26.83 5.02 34.36
C GLU D 497 -26.67 3.95 35.44
N ASP D 498 -27.43 2.86 35.34
CA ASP D 498 -27.36 1.82 36.36
C ASP D 498 -26.39 0.67 36.11
N TYR D 499 -25.81 0.60 34.92
CA TYR D 499 -24.86 -0.47 34.61
C TYR D 499 -23.63 -0.41 35.50
N GLU D 500 -23.12 -1.58 35.87
CA GLU D 500 -21.94 -1.69 36.72
C GLU D 500 -20.85 -2.46 35.98
N GLU D 501 -19.61 -2.32 36.43
CA GLU D 501 -18.48 -3.01 35.81
C GLU D 501 -18.70 -4.52 35.91
N GLY D 502 -19.50 -4.92 36.89
CA GLY D 502 -19.78 -6.33 37.11
C GLY D 502 -20.86 -6.92 36.22
N ASP D 503 -21.56 -6.09 35.46
CA ASP D 503 -22.62 -6.56 34.57
C ASP D 503 -22.05 -7.06 33.23
N MET D 504 -20.75 -6.93 33.04
CA MET D 504 -20.15 -7.37 31.79
C MET D 504 -18.83 -8.07 32.01
N GLU D 505 -18.43 -8.89 31.04
CA GLU D 505 -17.16 -9.56 31.18
C GLU D 505 -16.45 -9.74 29.86
N VAL D 506 -15.14 -9.56 29.90
CA VAL D 506 -14.30 -9.70 28.74
C VAL D 506 -13.88 -11.16 28.73
N ILE D 507 -14.11 -11.85 27.62
CA ILE D 507 -13.73 -13.25 27.51
C ILE D 507 -12.74 -13.49 26.39
N ASP D 508 -11.90 -14.50 26.57
CA ASP D 508 -10.90 -14.87 25.58
C ASP D 508 -9.88 -13.76 25.30
N TYR D 509 -9.44 -13.10 26.37
CA TYR D 509 -8.44 -12.05 26.26
C TYR D 509 -7.13 -12.73 26.61
N ALA D 510 -6.23 -12.82 25.65
CA ALA D 510 -4.94 -13.46 25.90
C ALA D 510 -3.81 -12.52 25.59
N PRO D 511 -3.60 -11.50 26.44
CA PRO D 511 -2.52 -10.54 26.23
C PRO D 511 -1.13 -11.13 26.46
N TYR D 512 -0.12 -10.43 25.95
CA TYR D 512 1.25 -10.85 26.11
C TYR D 512 1.71 -10.52 27.52
N PRO D 513 2.84 -11.11 27.97
CA PRO D 513 3.30 -10.81 29.32
C PRO D 513 3.73 -9.36 29.51
N PRO D 514 3.73 -8.89 30.76
CA PRO D 514 4.13 -7.51 31.05
C PRO D 514 5.59 -7.35 30.65
N ILE D 515 6.12 -6.14 30.82
CA ILE D 515 7.51 -5.91 30.52
C ILE D 515 8.06 -4.83 31.44
#